data_6XNA
# 
_entry.id   6XNA 
# 
_audit_conform.dict_name       mmcif_pdbx.dic 
_audit_conform.dict_version    5.380 
_audit_conform.dict_location   http://mmcif.pdb.org/dictionaries/ascii/mmcif_pdbx.dic 
# 
loop_
_database_2.database_id 
_database_2.database_code 
_database_2.pdbx_database_accession 
_database_2.pdbx_DOI 
PDB   6XNA         pdb_00006xna 10.2210/pdb6xna/pdb 
WWPDB D_1000250241 ?            ?                   
# 
_pdbx_database_status.status_code                     REL 
_pdbx_database_status.status_code_sf                  REL 
_pdbx_database_status.status_code_mr                  ? 
_pdbx_database_status.entry_id                        6XNA 
_pdbx_database_status.recvd_initial_deposition_date   2020-07-02 
_pdbx_database_status.SG_entry                        N 
_pdbx_database_status.deposit_site                    RCSB 
_pdbx_database_status.process_site                    RCSB 
_pdbx_database_status.status_code_cs                  ? 
_pdbx_database_status.status_code_nmr_data            ? 
_pdbx_database_status.methods_development_category    ? 
_pdbx_database_status.pdb_format_compatible           Y 
# 
loop_
_audit_author.name 
_audit_author.pdbx_ordinal 
_audit_author.identifier_ORCID 
'Simmons, C.R.'      1 0000-0002-2290-6132 
'MacCulloch, T.'     2 0000-0001-5875-3361 
'Stephanopoulos, N.' 3 0000-0001-7859-410X 
'Yan, H.'            4 0000-0001-7397-9852 
# 
_citation.abstract                  ? 
_citation.abstract_id_CAS           ? 
_citation.book_id_ISBN              ? 
_citation.book_publisher            ? 
_citation.book_publisher_city       ? 
_citation.book_title                ? 
_citation.coordinate_linkage        ? 
_citation.country                   UK 
_citation.database_id_Medline       ? 
_citation.details                   ? 
_citation.id                        primary 
_citation.journal_abbrev            'Nat Commun' 
_citation.journal_id_ASTM           ? 
_citation.journal_id_CSD            ? 
_citation.journal_id_ISSN           2041-1723 
_citation.journal_full              ? 
_citation.journal_issue             ? 
_citation.journal_volume            13 
_citation.language                  ? 
_citation.page_first                3112 
_citation.page_last                 3112 
_citation.title                     'The influence of Holliday junction sequence and dynamics on DNA crystal self-assembly.' 
_citation.year                      2022 
_citation.database_id_CSD           ? 
_citation.pdbx_database_id_DOI      10.1038/s41467-022-30779-6 
_citation.pdbx_database_id_PubMed   35662248 
_citation.unpublished_flag          ? 
# 
loop_
_citation_author.citation_id 
_citation_author.name 
_citation_author.ordinal 
_citation_author.identifier_ORCID 
primary 'Simmons, C.R.'      1  ?                   
primary 'MacCulloch, T.'     2  ?                   
primary 'Krepl, M.'          3  0000-0002-9833-4281 
primary 'Matthies, M.'       4  ?                   
primary 'Buchberger, A.'     5  ?                   
primary 'Crawford, I.'       6  ?                   
primary 'Sponer, J.'         7  0000-0001-6558-6186 
primary 'Sulc, P.'           8  0000-0003-1565-6769 
primary 'Stephanopoulos, N.' 9  0000-0001-7859-410X 
primary 'Yan, H.'            10 0000-0001-7397-9852 
# 
_cell.angle_alpha                  90.000 
_cell.angle_alpha_esd              ? 
_cell.angle_beta                   90.000 
_cell.angle_beta_esd               ? 
_cell.angle_gamma                  120.000 
_cell.angle_gamma_esd              ? 
_cell.entry_id                     6XNA 
_cell.details                      ? 
_cell.formula_units_Z              ? 
_cell.length_a                     68.444 
_cell.length_a_esd                 ? 
_cell.length_b                     68.444 
_cell.length_b_esd                 ? 
_cell.length_c                     55.682 
_cell.length_c_esd                 ? 
_cell.volume                       ? 
_cell.volume_esd                   ? 
_cell.Z_PDB                        3 
_cell.reciprocal_angle_alpha       ? 
_cell.reciprocal_angle_beta        ? 
_cell.reciprocal_angle_gamma       ? 
_cell.reciprocal_angle_alpha_esd   ? 
_cell.reciprocal_angle_beta_esd    ? 
_cell.reciprocal_angle_gamma_esd   ? 
_cell.reciprocal_length_a          ? 
_cell.reciprocal_length_b          ? 
_cell.reciprocal_length_c          ? 
_cell.reciprocal_length_a_esd      ? 
_cell.reciprocal_length_b_esd      ? 
_cell.reciprocal_length_c_esd      ? 
_cell.pdbx_unique_axis             ? 
# 
_symmetry.entry_id                         6XNA 
_symmetry.cell_setting                     ? 
_symmetry.Int_Tables_number                145 
_symmetry.space_group_name_Hall            ? 
_symmetry.space_group_name_H-M             'P 32' 
_symmetry.pdbx_full_space_group_name_H-M   ? 
# 
loop_
_entity.id 
_entity.type 
_entity.src_method 
_entity.pdbx_description 
_entity.formula_weight 
_entity.pdbx_number_of_molecules 
_entity.pdbx_ec 
_entity.pdbx_mutation 
_entity.pdbx_fragment 
_entity.details 
1 polymer     syn 
;DNA (5'-D(*GP*AP*GP*CP*AP*GP*AP*CP*CP*TP*GP*A)-3')
;
3696.431 1 ? ? ? ? 
2 polymer     syn 
;DNA (5'-D(P*AP*CP*GP*AP*CP*AP*CP*TP*C)-3')
;
2724.813 1 ? ? ? ? 
3 polymer     syn 
;DNA (5'-D(P*TP*CP*AP*CP*GP*T)-3')
;
1769.193 1 ? ? ? ? 
4 polymer     syn 
;DNA (5'-D(*CP*TP*GP*AP*GP*TP*GP*TP*GP*GP*TP*CP*TP*GP*C)-3')
;
4606.980 1 ? ? ? ? 
5 non-polymer syn 'CACODYLATE ION'                                              136.989  4 ? ? ? ? 
# 
loop_
_entity_poly.entity_id 
_entity_poly.type 
_entity_poly.nstd_linkage 
_entity_poly.nstd_monomer 
_entity_poly.pdbx_seq_one_letter_code 
_entity_poly.pdbx_seq_one_letter_code_can 
_entity_poly.pdbx_strand_id 
_entity_poly.pdbx_target_identifier 
1 polydeoxyribonucleotide no no '(DG)(DA)(DG)(DC)(DA)(DG)(DA)(DC)(DC)(DT)(DG)(DA)'             GAGCAGACCTGA    A ? 
2 polydeoxyribonucleotide no no '(DC)(DG)(DG)(DA)(DA)(DC)(DT)(DC)(DA)'                         CGGAACTCA       B ? 
3 polydeoxyribonucleotide no no '(DT)(DC)(DA)(DC)(DC)(DG)'                                     TCACCG          C ? 
4 polydeoxyribonucleotide no no '(DT)(DC)(DT)(DG)(DA)(DG)(DT)(DT)(DG)(DG)(DT)(DC)(DT)(DG)(DC)' TCTGAGTTGGTCTGC D ? 
# 
loop_
_entity_poly_seq.entity_id 
_entity_poly_seq.num 
_entity_poly_seq.mon_id 
_entity_poly_seq.hetero 
1 1  DG n 
1 2  DA n 
1 3  DG n 
1 4  DC n 
1 5  DA n 
1 6  DG n 
1 7  DA n 
1 8  DC n 
1 9  DC n 
1 10 DT n 
1 11 DG n 
1 12 DA n 
2 1  DC n 
2 2  DG n 
2 3  DG n 
2 4  DA n 
2 5  DA n 
2 6  DC n 
2 7  DT n 
2 8  DC n 
2 9  DA n 
3 1  DT n 
3 2  DC n 
3 3  DA n 
3 4  DC n 
3 5  DC n 
3 6  DG n 
4 1  DT n 
4 2  DC n 
4 3  DT n 
4 4  DG n 
4 5  DA n 
4 6  DG n 
4 7  DT n 
4 8  DT n 
4 9  DG n 
4 10 DG n 
4 11 DT n 
4 12 DC n 
4 13 DT n 
4 14 DG n 
4 15 DC n 
# 
loop_
_pdbx_entity_src_syn.entity_id 
_pdbx_entity_src_syn.pdbx_src_id 
_pdbx_entity_src_syn.pdbx_alt_source_flag 
_pdbx_entity_src_syn.pdbx_beg_seq_num 
_pdbx_entity_src_syn.pdbx_end_seq_num 
_pdbx_entity_src_syn.organism_scientific 
_pdbx_entity_src_syn.organism_common_name 
_pdbx_entity_src_syn.ncbi_taxonomy_id 
_pdbx_entity_src_syn.details 
1 1 sample 1 12 'synthetic construct' ? 32630 ? 
2 1 sample 1 9  'synthetic construct' ? 32630 ? 
3 1 sample 1 6  'synthetic construct' ? 32630 ? 
4 1 sample 1 15 'synthetic construct' ? 32630 ? 
# 
loop_
_struct_ref.id 
_struct_ref.db_name 
_struct_ref.db_code 
_struct_ref.pdbx_db_accession 
_struct_ref.pdbx_db_isoform 
_struct_ref.entity_id 
_struct_ref.pdbx_seq_one_letter_code 
_struct_ref.pdbx_align_begin 
1 PDB 6XNA 6XNA ? 1 ? 1 
2 PDB 6XNA 6XNA ? 2 ? 1 
3 PDB 6XNA 6XNA ? 3 ? 1 
4 PDB 6XNA 6XNA ? 4 ? 1 
# 
loop_
_struct_ref_seq.align_id 
_struct_ref_seq.ref_id 
_struct_ref_seq.pdbx_PDB_id_code 
_struct_ref_seq.pdbx_strand_id 
_struct_ref_seq.seq_align_beg 
_struct_ref_seq.pdbx_seq_align_beg_ins_code 
_struct_ref_seq.seq_align_end 
_struct_ref_seq.pdbx_seq_align_end_ins_code 
_struct_ref_seq.pdbx_db_accession 
_struct_ref_seq.db_align_beg 
_struct_ref_seq.pdbx_db_align_beg_ins_code 
_struct_ref_seq.db_align_end 
_struct_ref_seq.pdbx_db_align_end_ins_code 
_struct_ref_seq.pdbx_auth_seq_align_beg 
_struct_ref_seq.pdbx_auth_seq_align_end 
1 1 6XNA A 1 ? 12 ? 6XNA 1  ? 12 ? 1  12 
2 2 6XNA B 1 ? 9  ? 6XNA 12 ? 20 ? 12 20 
3 3 6XNA C 1 ? 6  ? 6XNA 0  ? 5  ? 0  5  
4 4 6XNA D 1 ? 15 ? 6XNA 2  ? 16 ? 2  16 
# 
loop_
_chem_comp.id 
_chem_comp.type 
_chem_comp.mon_nstd_flag 
_chem_comp.name 
_chem_comp.pdbx_synonyms 
_chem_comp.formula 
_chem_comp.formula_weight 
CAC non-polymer   . 'CACODYLATE ION'                     dimethylarsinate 'C2 H6 As O2 -1'  136.989 
DA  'DNA linking' y "2'-DEOXYADENOSINE-5'-MONOPHOSPHATE" ?                'C10 H14 N5 O6 P' 331.222 
DC  'DNA linking' y "2'-DEOXYCYTIDINE-5'-MONOPHOSPHATE"  ?                'C9 H14 N3 O7 P'  307.197 
DG  'DNA linking' y "2'-DEOXYGUANOSINE-5'-MONOPHOSPHATE" ?                'C10 H14 N5 O7 P' 347.221 
DT  'DNA linking' y "THYMIDINE-5'-MONOPHOSPHATE"         ?                'C10 H15 N2 O8 P' 322.208 
# 
_exptl.absorpt_coefficient_mu     ? 
_exptl.absorpt_correction_T_max   ? 
_exptl.absorpt_correction_T_min   ? 
_exptl.absorpt_correction_type    ? 
_exptl.absorpt_process_details    ? 
_exptl.entry_id                   6XNA 
_exptl.crystals_number            1 
_exptl.details                    ? 
_exptl.method                     'X-RAY DIFFRACTION' 
_exptl.method_details             ? 
# 
_exptl_crystal.colour                      ? 
_exptl_crystal.density_diffrn              ? 
_exptl_crystal.density_Matthews            5.90 
_exptl_crystal.density_method              ? 
_exptl_crystal.density_percent_sol         79.17 
_exptl_crystal.description                 ? 
_exptl_crystal.F_000                       ? 
_exptl_crystal.id                          1 
_exptl_crystal.preparation                 ? 
_exptl_crystal.size_max                    ? 
_exptl_crystal.size_mid                    ? 
_exptl_crystal.size_min                    ? 
_exptl_crystal.size_rad                    ? 
_exptl_crystal.colour_lustre               ? 
_exptl_crystal.colour_modifier             ? 
_exptl_crystal.colour_primary              ? 
_exptl_crystal.density_meas                ? 
_exptl_crystal.density_meas_esd            ? 
_exptl_crystal.density_meas_gt             ? 
_exptl_crystal.density_meas_lt             ? 
_exptl_crystal.density_meas_temp           ? 
_exptl_crystal.density_meas_temp_esd       ? 
_exptl_crystal.density_meas_temp_gt        ? 
_exptl_crystal.density_meas_temp_lt        ? 
_exptl_crystal.pdbx_crystal_image_url      ? 
_exptl_crystal.pdbx_crystal_image_format   ? 
_exptl_crystal.pdbx_mosaicity              ? 
_exptl_crystal.pdbx_mosaicity_esd          ? 
# 
_exptl_crystal_grow.apparatus       ? 
_exptl_crystal_grow.atmosphere      ? 
_exptl_crystal_grow.crystal_id      1 
_exptl_crystal_grow.details         ? 
_exptl_crystal_grow.method          'VAPOR DIFFUSION, SITTING DROP' 
_exptl_crystal_grow.method_ref      ? 
_exptl_crystal_grow.pH              ? 
_exptl_crystal_grow.pressure        ? 
_exptl_crystal_grow.pressure_esd    ? 
_exptl_crystal_grow.seeding         ? 
_exptl_crystal_grow.seeding_ref     ? 
_exptl_crystal_grow.temp            298 
_exptl_crystal_grow.temp_details    'temperature gradient generated from 60 to 25 C at 0.3 degrees per hour' 
_exptl_crystal_grow.temp_esd        ? 
_exptl_crystal_grow.time            ? 
_exptl_crystal_grow.pdbx_details    
;0.5 mL of 50 mM cacodylate pH 6.5 with 18 mM MgCl2, 0.9 mM spermine, 0.9 mM cobalt(III)hexamine, and 9% isopropanol was added to the reservoir with 2 uL added to the drop containing 4 uL of DNA stock
;
_exptl_crystal_grow.pdbx_pH_range   ? 
# 
_diffrn.ambient_environment              ? 
_diffrn.ambient_temp                     100 
_diffrn.ambient_temp_details             ? 
_diffrn.ambient_temp_esd                 ? 
_diffrn.crystal_id                       1 
_diffrn.crystal_support                  ? 
_diffrn.crystal_treatment                ? 
_diffrn.details                          ? 
_diffrn.id                               1 
_diffrn.ambient_pressure                 ? 
_diffrn.ambient_pressure_esd             ? 
_diffrn.ambient_pressure_gt              ? 
_diffrn.ambient_pressure_lt              ? 
_diffrn.ambient_temp_gt                  ? 
_diffrn.ambient_temp_lt                  ? 
_diffrn.pdbx_serial_crystal_experiment   N 
# 
_diffrn_detector.details                      ? 
_diffrn_detector.detector                     CCD 
_diffrn_detector.diffrn_id                    1 
_diffrn_detector.type                         'ADSC QUANTUM 315r' 
_diffrn_detector.area_resol_mean              ? 
_diffrn_detector.dtime                        ? 
_diffrn_detector.pdbx_frames_total            ? 
_diffrn_detector.pdbx_collection_time_total   ? 
_diffrn_detector.pdbx_collection_date         2015-06-15 
_diffrn_detector.pdbx_frequency               ? 
# 
_diffrn_radiation.collimation                      ? 
_diffrn_radiation.diffrn_id                        1 
_diffrn_radiation.filter_edge                      ? 
_diffrn_radiation.inhomogeneity                    ? 
_diffrn_radiation.monochromator                    ? 
_diffrn_radiation.polarisn_norm                    ? 
_diffrn_radiation.polarisn_ratio                   ? 
_diffrn_radiation.probe                            ? 
_diffrn_radiation.type                             ? 
_diffrn_radiation.xray_symbol                      ? 
_diffrn_radiation.wavelength_id                    1 
_diffrn_radiation.pdbx_monochromatic_or_laue_m_l   M 
_diffrn_radiation.pdbx_wavelength_list             ? 
_diffrn_radiation.pdbx_wavelength                  ? 
_diffrn_radiation.pdbx_diffrn_protocol             'SINGLE WAVELENGTH' 
_diffrn_radiation.pdbx_analyzer                    ? 
_diffrn_radiation.pdbx_scattering_type             x-ray 
# 
_diffrn_radiation_wavelength.id           1 
_diffrn_radiation_wavelength.wavelength   1 
_diffrn_radiation_wavelength.wt           1.0 
# 
_diffrn_source.current                     ? 
_diffrn_source.details                     ? 
_diffrn_source.diffrn_id                   1 
_diffrn_source.power                       ? 
_diffrn_source.size                        ? 
_diffrn_source.source                      SYNCHROTRON 
_diffrn_source.target                      ? 
_diffrn_source.type                        'ALS BEAMLINE 8.2.2' 
_diffrn_source.voltage                     ? 
_diffrn_source.take-off_angle              ? 
_diffrn_source.pdbx_wavelength_list        1 
_diffrn_source.pdbx_wavelength             ? 
_diffrn_source.pdbx_synchrotron_beamline   8.2.2 
_diffrn_source.pdbx_synchrotron_site       ALS 
# 
_reflns.B_iso_Wilson_estimate            49.060 
_reflns.entry_id                         6XNA 
_reflns.data_reduction_details           ? 
_reflns.data_reduction_method            ? 
_reflns.d_resolution_high                3.009 
_reflns.d_resolution_low                 50.000 
_reflns.details                          ? 
_reflns.limit_h_max                      ? 
_reflns.limit_h_min                      ? 
_reflns.limit_k_max                      ? 
_reflns.limit_k_min                      ? 
_reflns.limit_l_max                      ? 
_reflns.limit_l_min                      ? 
_reflns.number_all                       ? 
_reflns.number_obs                       4864 
_reflns.observed_criterion               ? 
_reflns.observed_criterion_F_max         ? 
_reflns.observed_criterion_F_min         ? 
_reflns.observed_criterion_I_max         ? 
_reflns.observed_criterion_I_min         ? 
_reflns.observed_criterion_sigma_F       ? 
_reflns.observed_criterion_sigma_I       ? 
_reflns.percent_possible_obs             86.600 
_reflns.R_free_details                   ? 
_reflns.Rmerge_F_all                     ? 
_reflns.Rmerge_F_obs                     ? 
_reflns.Friedel_coverage                 ? 
_reflns.number_gt                        ? 
_reflns.threshold_expression             ? 
_reflns.pdbx_redundancy                  7.600 
_reflns.pdbx_Rmerge_I_obs                0.120 
_reflns.pdbx_Rmerge_I_all                ? 
_reflns.pdbx_Rsym_value                  ? 
_reflns.pdbx_netI_over_av_sigmaI         ? 
_reflns.pdbx_netI_over_sigmaI            9.100 
_reflns.pdbx_res_netI_over_av_sigmaI_2   ? 
_reflns.pdbx_res_netI_over_sigmaI_2      ? 
_reflns.pdbx_chi_squared                 1.598 
_reflns.pdbx_scaling_rejects             ? 
_reflns.pdbx_d_res_high_opt              ? 
_reflns.pdbx_d_res_low_opt               ? 
_reflns.pdbx_d_res_opt_method            ? 
_reflns.phase_calculation_details        ? 
_reflns.pdbx_Rrim_I_all                  0.128 
_reflns.pdbx_Rpim_I_all                  0.045 
_reflns.pdbx_d_opt                       ? 
_reflns.pdbx_number_measured_all         ? 
_reflns.pdbx_diffrn_id                   1 
_reflns.pdbx_ordinal                     1 
_reflns.pdbx_CC_half                     ? 
_reflns.pdbx_CC_star                     ? 
_reflns.pdbx_R_split                     ? 
# 
loop_
_reflns_shell.d_res_high 
_reflns_shell.d_res_low 
_reflns_shell.meanI_over_sigI_all 
_reflns_shell.meanI_over_sigI_obs 
_reflns_shell.number_measured_all 
_reflns_shell.number_measured_obs 
_reflns_shell.number_possible 
_reflns_shell.number_unique_all 
_reflns_shell.number_unique_obs 
_reflns_shell.percent_possible_all 
_reflns_shell.percent_possible_obs 
_reflns_shell.Rmerge_F_all 
_reflns_shell.Rmerge_F_obs 
_reflns_shell.Rmerge_I_all 
_reflns_shell.Rmerge_I_obs 
_reflns_shell.meanI_over_sigI_gt 
_reflns_shell.meanI_over_uI_all 
_reflns_shell.meanI_over_uI_gt 
_reflns_shell.number_measured_gt 
_reflns_shell.number_unique_gt 
_reflns_shell.percent_possible_gt 
_reflns_shell.Rmerge_F_gt 
_reflns_shell.Rmerge_I_gt 
_reflns_shell.pdbx_redundancy 
_reflns_shell.pdbx_Rsym_value 
_reflns_shell.pdbx_chi_squared 
_reflns_shell.pdbx_netI_over_sigmaI_all 
_reflns_shell.pdbx_netI_over_sigmaI_obs 
_reflns_shell.pdbx_Rrim_I_all 
_reflns_shell.pdbx_Rpim_I_all 
_reflns_shell.pdbx_rejects 
_reflns_shell.pdbx_ordinal 
_reflns_shell.pdbx_diffrn_id 
_reflns_shell.pdbx_CC_half 
_reflns_shell.pdbx_CC_star 
_reflns_shell.pdbx_R_split 
3.050 3.100  ? ? ? ? ? ? 165 55.700  ? ? ? ? 0.951 ? ? ? ? ? ? ? ? 6.700 ? 0.796 ? ? 1.023 0.372 ? 1  1 0.883 ? ? 
3.100 3.160  ? ? ? ? ? ? 149 58.400  ? ? ? ? 0.321 ? ? ? ? ? ? ? ? 6.500 ? 1.106 ? ? 0.345 0.124 ? 2  1 0.988 ? ? 
3.160 3.220  ? ? ? ? ? ? 179 63.900  ? ? ? ? 0.169 ? ? ? ? ? ? ? ? 7.000 ? 1.849 ? ? 0.181 0.064 ? 3  1 0.994 ? ? 
3.220 3.290  ? ? ? ? ? ? 194 68.300  ? ? ? ? 0.156 ? ? ? ? ? ? ? ? 6.700 ? 1.847 ? ? 0.166 0.059 ? 4  1 0.995 ? ? 
3.290 3.360  ? ? ? ? ? ? 200 73.500  ? ? ? ? 0.235 ? ? ? ? ? ? ? ? 6.900 ? 1.707 ? ? 0.252 0.090 ? 5  1 0.991 ? ? 
3.360 3.430  ? ? ? ? ? ? 217 77.200  ? ? ? ? 0.257 ? ? ? ? ? ? ? ? 6.900 ? 2.038 ? ? 0.276 0.098 ? 6  1 0.987 ? ? 
3.430 3.520  ? ? ? ? ? ? 217 77.500  ? ? ? ? 0.234 ? ? ? ? ? ? ? ? 7.000 ? 1.377 ? ? 0.251 0.089 ? 7  1 0.991 ? ? 
3.520 3.620  ? ? ? ? ? ? 219 83.600  ? ? ? ? 0.222 ? ? ? ? ? ? ? ? 7.400 ? 1.377 ? ? 0.237 0.083 ? 8  1 0.984 ? ? 
3.620 3.720  ? ? ? ? ? ? 240 87.000  ? ? ? ? 0.283 ? ? ? ? ? ? ? ? 7.000 ? 1.338 ? ? 0.303 0.108 ? 9  1 0.984 ? ? 
3.720 3.840  ? ? ? ? ? ? 266 94.000  ? ? ? ? 0.312 ? ? ? ? ? ? ? ? 7.400 ? 1.105 ? ? 0.334 0.117 ? 10 1 0.982 ? ? 
3.840 3.980  ? ? ? ? ? ? 265 96.000  ? ? ? ? 0.270 ? ? ? ? ? ? ? ? 7.400 ? 1.093 ? ? 0.289 0.101 ? 11 1 0.983 ? ? 
3.980 4.140  ? ? ? ? ? ? 251 98.800  ? ? ? ? 0.226 ? ? ? ? ? ? ? ? 7.600 ? 1.150 ? ? 0.241 0.084 ? 12 1 0.991 ? ? 
4.140 4.330  ? ? ? ? ? ? 289 100.000 ? ? ? ? 0.208 ? ? ? ? ? ? ? ? 7.900 ? 1.250 ? ? 0.222 0.077 ? 13 1 0.988 ? ? 
4.330 4.560  ? ? ? ? ? ? 271 100.000 ? ? ? ? 0.206 ? ? ? ? ? ? ? ? 8.100 ? 1.287 ? ? 0.220 0.076 ? 14 1 0.984 ? ? 
4.560 4.840  ? ? ? ? ? ? 289 100.000 ? ? ? ? 0.180 ? ? ? ? ? ? ? ? 8.100 ? 1.236 ? ? 0.192 0.067 ? 15 1 0.990 ? ? 
4.840 5.210  ? ? ? ? ? ? 277 100.000 ? ? ? ? 0.129 ? ? ? ? ? ? ? ? 8.100 ? 1.594 ? ? 0.137 0.047 ? 16 1 0.995 ? ? 
5.210 5.740  ? ? ? ? ? ? 269 100.000 ? ? ? ? 0.100 ? ? ? ? ? ? ? ? 8.200 ? 2.011 ? ? 0.106 0.037 ? 17 1 0.994 ? ? 
5.740 6.570  ? ? ? ? ? ? 270 100.000 ? ? ? ? 0.077 ? ? ? ? ? ? ? ? 8.100 ? 1.667 ? ? 0.082 0.029 ? 18 1 0.998 ? ? 
6.570 8.270  ? ? ? ? ? ? 281 100.000 ? ? ? ? 0.053 ? ? ? ? ? ? ? ? 7.900 ? 1.922 ? ? 0.057 0.020 ? 19 1 0.998 ? ? 
8.270 50.000 ? ? ? ? ? ? 276 98.200  ? ? ? ? 0.077 ? ? ? ? ? ? ? ? 8.400 ? 3.468 ? ? 0.082 0.029 ? 20 1 0.995 ? ? 
# 
_refine.aniso_B[1][1]                            ? 
_refine.aniso_B[1][2]                            ? 
_refine.aniso_B[1][3]                            ? 
_refine.aniso_B[2][2]                            ? 
_refine.aniso_B[2][3]                            ? 
_refine.aniso_B[3][3]                            ? 
_refine.B_iso_max                                189.980 
_refine.B_iso_mean                               85.5028 
_refine.B_iso_min                                42.530 
_refine.correlation_coeff_Fo_to_Fc               ? 
_refine.correlation_coeff_Fo_to_Fc_free          ? 
_refine.details                                  ? 
_refine.diff_density_max                         ? 
_refine.diff_density_max_esd                     ? 
_refine.diff_density_min                         ? 
_refine.diff_density_min_esd                     ? 
_refine.diff_density_rms                         ? 
_refine.diff_density_rms_esd                     ? 
_refine.entry_id                                 6XNA 
_refine.pdbx_refine_id                           'X-RAY DIFFRACTION' 
_refine.ls_abs_structure_details                 ? 
_refine.ls_abs_structure_Flack                   ? 
_refine.ls_abs_structure_Flack_esd               ? 
_refine.ls_abs_structure_Rogers                  ? 
_refine.ls_abs_structure_Rogers_esd              ? 
_refine.ls_d_res_high                            3.05 
_refine.ls_d_res_low                             34.2220 
_refine.ls_extinction_coef                       ? 
_refine.ls_extinction_coef_esd                   ? 
_refine.ls_extinction_expression                 ? 
_refine.ls_extinction_method                     ? 
_refine.ls_goodness_of_fit_all                   ? 
_refine.ls_goodness_of_fit_all_esd               ? 
_refine.ls_goodness_of_fit_obs                   ? 
_refine.ls_goodness_of_fit_obs_esd               ? 
_refine.ls_hydrogen_treatment                    ? 
_refine.ls_matrix_type                           ? 
_refine.ls_number_constraints                    ? 
_refine.ls_number_parameters                     ? 
_refine.ls_number_reflns_all                     ? 
_refine.ls_number_reflns_obs                     4864 
_refine.ls_number_reflns_R_free                  253 
_refine.ls_number_reflns_R_work                  4611 
_refine.ls_number_restraints                     ? 
_refine.ls_percent_reflns_obs                    84.0200 
_refine.ls_percent_reflns_R_free                 5.2000 
_refine.ls_R_factor_all                          ? 
_refine.ls_R_factor_obs                          0.2036 
_refine.ls_R_factor_R_free                       0.2342 
_refine.ls_R_factor_R_free_error                 ? 
_refine.ls_R_factor_R_free_error_details         ? 
_refine.ls_R_factor_R_work                       0.2017 
_refine.ls_R_Fsqd_factor_obs                     ? 
_refine.ls_R_I_factor_obs                        ? 
_refine.ls_redundancy_reflns_all                 ? 
_refine.ls_redundancy_reflns_obs                 ? 
_refine.ls_restrained_S_all                      ? 
_refine.ls_restrained_S_obs                      ? 
_refine.ls_shift_over_esd_max                    ? 
_refine.ls_shift_over_esd_mean                   ? 
_refine.ls_structure_factor_coef                 ? 
_refine.ls_weighting_details                     ? 
_refine.ls_weighting_scheme                      ? 
_refine.ls_wR_factor_all                         ? 
_refine.ls_wR_factor_obs                         ? 
_refine.ls_wR_factor_R_free                      ? 
_refine.ls_wR_factor_R_work                      ? 
_refine.occupancy_max                            ? 
_refine.occupancy_min                            ? 
_refine.solvent_model_details                    'FLAT BULK SOLVENT MODEL' 
_refine.solvent_model_param_bsol                 ? 
_refine.solvent_model_param_ksol                 ? 
_refine.pdbx_R_complete                          ? 
_refine.ls_R_factor_gt                           ? 
_refine.ls_goodness_of_fit_gt                    ? 
_refine.ls_goodness_of_fit_ref                   ? 
_refine.ls_shift_over_su_max                     ? 
_refine.ls_shift_over_su_max_lt                  ? 
_refine.ls_shift_over_su_mean                    ? 
_refine.ls_shift_over_su_mean_lt                 ? 
_refine.pdbx_ls_sigma_I                          ? 
_refine.pdbx_ls_sigma_F                          2.000 
_refine.pdbx_ls_sigma_Fsqd                       ? 
_refine.pdbx_data_cutoff_high_absF               ? 
_refine.pdbx_data_cutoff_high_rms_absF           ? 
_refine.pdbx_data_cutoff_low_absF                ? 
_refine.pdbx_isotropic_thermal_model             ? 
_refine.pdbx_ls_cross_valid_method               THROUGHOUT 
_refine.pdbx_method_to_determine_struct          'MOLECULAR REPLACEMENT' 
_refine.pdbx_starting_model                      5vy6 
_refine.pdbx_stereochemistry_target_values       ML 
_refine.pdbx_R_Free_selection_details            ? 
_refine.pdbx_stereochem_target_val_spec_case     ? 
_refine.pdbx_overall_ESU_R                       ? 
_refine.pdbx_overall_ESU_R_Free                  ? 
_refine.pdbx_solvent_vdw_probe_radii             1.1100 
_refine.pdbx_solvent_ion_probe_radii             ? 
_refine.pdbx_solvent_shrinkage_radii             0.9000 
_refine.pdbx_real_space_R                        ? 
_refine.pdbx_density_correlation                 ? 
_refine.pdbx_pd_number_of_powder_patterns        ? 
_refine.pdbx_pd_number_of_points                 ? 
_refine.pdbx_pd_meas_number_of_points            ? 
_refine.pdbx_pd_proc_ls_prof_R_factor            ? 
_refine.pdbx_pd_proc_ls_prof_wR_factor           ? 
_refine.pdbx_pd_Marquardt_correlation_coeff      ? 
_refine.pdbx_pd_Fsqrd_R_factor                   ? 
_refine.pdbx_pd_ls_matrix_band_width             ? 
_refine.pdbx_overall_phase_error                 28.8100 
_refine.pdbx_overall_SU_R_free_Cruickshank_DPI   ? 
_refine.pdbx_overall_SU_R_free_Blow_DPI          ? 
_refine.pdbx_overall_SU_R_Blow_DPI               ? 
_refine.pdbx_TLS_residual_ADP_flag               ? 
_refine.pdbx_diffrn_id                           1 
_refine.overall_SU_B                             ? 
_refine.overall_SU_ML                            0.3200 
_refine.overall_SU_R_Cruickshank_DPI             ? 
_refine.overall_SU_R_free                        ? 
_refine.overall_FOM_free_R_set                   ? 
_refine.overall_FOM_work_R_set                   ? 
_refine.pdbx_average_fsc_overall                 ? 
_refine.pdbx_average_fsc_work                    ? 
_refine.pdbx_average_fsc_free                    ? 
# 
_refine_hist.pdbx_refine_id                   'X-RAY DIFFRACTION' 
_refine_hist.cycle_id                         final 
_refine_hist.details                          ? 
_refine_hist.d_res_high                       3.05 
_refine_hist.d_res_low                        34.2220 
_refine_hist.number_atoms_solvent             0 
_refine_hist.number_atoms_total               859 
_refine_hist.number_reflns_all                ? 
_refine_hist.number_reflns_obs                ? 
_refine_hist.number_reflns_R_free             ? 
_refine_hist.number_reflns_R_work             ? 
_refine_hist.R_factor_all                     ? 
_refine_hist.R_factor_obs                     ? 
_refine_hist.R_factor_R_free                  ? 
_refine_hist.R_factor_R_work                  ? 
_refine_hist.pdbx_number_residues_total       42 
_refine_hist.pdbx_B_iso_mean_ligand           161.71 
_refine_hist.pdbx_B_iso_mean_solvent          ? 
_refine_hist.pdbx_number_atoms_protein        0 
_refine_hist.pdbx_number_atoms_nucleic_acid   855 
_refine_hist.pdbx_number_atoms_ligand         4 
_refine_hist.pdbx_number_atoms_lipid          ? 
_refine_hist.pdbx_number_atoms_carb           ? 
_refine_hist.pdbx_pseudo_atom_details         ? 
# 
loop_
_refine_ls_restr.pdbx_refine_id 
_refine_ls_restr.criterion 
_refine_ls_restr.dev_ideal 
_refine_ls_restr.dev_ideal_target 
_refine_ls_restr.number 
_refine_ls_restr.rejects 
_refine_ls_restr.type 
_refine_ls_restr.weight 
_refine_ls_restr.pdbx_restraint_function 
'X-RAY DIFFRACTION' ? 0.004  ? 956  ? f_bond_d           ? ? 
'X-RAY DIFFRACTION' ? 0.646  ? 1467 ? f_angle_d          ? ? 
'X-RAY DIFFRACTION' ? 0.039  ? 166  ? f_chiral_restr     ? ? 
'X-RAY DIFFRACTION' ? 0.003  ? 42   ? f_plane_restr      ? ? 
'X-RAY DIFFRACTION' ? 33.411 ? 406  ? f_dihedral_angle_d ? ? 
# 
loop_
_refine_ls_shell.pdbx_refine_id 
_refine_ls_shell.d_res_high 
_refine_ls_shell.d_res_low 
_refine_ls_shell.number_reflns_all 
_refine_ls_shell.number_reflns_obs 
_refine_ls_shell.number_reflns_R_free 
_refine_ls_shell.number_reflns_R_work 
_refine_ls_shell.percent_reflns_obs 
_refine_ls_shell.percent_reflns_R_free 
_refine_ls_shell.R_factor_all 
_refine_ls_shell.R_factor_obs 
_refine_ls_shell.R_factor_R_free 
_refine_ls_shell.R_factor_R_free_error 
_refine_ls_shell.R_factor_R_work 
_refine_ls_shell.redundancy_reflns_all 
_refine_ls_shell.redundancy_reflns_obs 
_refine_ls_shell.wR_factor_all 
_refine_ls_shell.wR_factor_obs 
_refine_ls_shell.wR_factor_R_free 
_refine_ls_shell.wR_factor_R_work 
_refine_ls_shell.pdbx_R_complete 
_refine_ls_shell.pdbx_total_number_of_bins_used 
_refine_ls_shell.pdbx_phase_error 
_refine_ls_shell.pdbx_fsc_work 
_refine_ls_shell.pdbx_fsc_free 
'X-RAY DIFFRACTION' 3.05   3.7898 . . 109 1895 69.0000 . . . 0.2811 0.0000 0.2542 . . . . . . . . . . . 
'X-RAY DIFFRACTION' 3.7898 34.222 . . 144 2716 99.0000 . . . 0.2124 0.0000 0.1850 . . . . . . . . . . . 
# 
_struct.entry_id                     6XNA 
_struct.title                        
'Self-assembly of a 3D DNA crystal lattice (4x6 junction version) containing the J1 immobile Holliday junction' 
_struct.pdbx_model_details           ? 
_struct.pdbx_formula_weight          ? 
_struct.pdbx_formula_weight_method   ? 
_struct.pdbx_model_type_details      ? 
_struct.pdbx_CASP_flag               N 
# 
_struct_keywords.entry_id        6XNA 
_struct_keywords.text            
'Structural DNA nanotechnology, immobile Holliday junctions, 3D DNA self-assembly, designer DNA crystals, DNA' 
_struct_keywords.pdbx_keywords   DNA 
# 
loop_
_struct_asym.id 
_struct_asym.pdbx_blank_PDB_chainid_flag 
_struct_asym.pdbx_modified 
_struct_asym.entity_id 
_struct_asym.details 
A N N 1 ? 
B N N 2 ? 
C N N 3 ? 
D N N 4 ? 
E N N 5 ? 
F N N 5 ? 
G N N 5 ? 
H N N 5 ? 
# 
loop_
_struct_conn.id 
_struct_conn.conn_type_id 
_struct_conn.pdbx_leaving_atom_flag 
_struct_conn.pdbx_PDB_id 
_struct_conn.ptnr1_label_asym_id 
_struct_conn.ptnr1_label_comp_id 
_struct_conn.ptnr1_label_seq_id 
_struct_conn.ptnr1_label_atom_id 
_struct_conn.pdbx_ptnr1_label_alt_id 
_struct_conn.pdbx_ptnr1_PDB_ins_code 
_struct_conn.pdbx_ptnr1_standard_comp_id 
_struct_conn.ptnr1_symmetry 
_struct_conn.ptnr2_label_asym_id 
_struct_conn.ptnr2_label_comp_id 
_struct_conn.ptnr2_label_seq_id 
_struct_conn.ptnr2_label_atom_id 
_struct_conn.pdbx_ptnr2_label_alt_id 
_struct_conn.pdbx_ptnr2_PDB_ins_code 
_struct_conn.ptnr1_auth_asym_id 
_struct_conn.ptnr1_auth_comp_id 
_struct_conn.ptnr1_auth_seq_id 
_struct_conn.ptnr2_auth_asym_id 
_struct_conn.ptnr2_auth_comp_id 
_struct_conn.ptnr2_auth_seq_id 
_struct_conn.ptnr2_symmetry 
_struct_conn.pdbx_ptnr3_label_atom_id 
_struct_conn.pdbx_ptnr3_label_seq_id 
_struct_conn.pdbx_ptnr3_label_comp_id 
_struct_conn.pdbx_ptnr3_label_asym_id 
_struct_conn.pdbx_ptnr3_label_alt_id 
_struct_conn.pdbx_ptnr3_PDB_ins_code 
_struct_conn.details 
_struct_conn.pdbx_dist_value 
_struct_conn.pdbx_value_order 
_struct_conn.pdbx_role 
hydrog1  hydrog ? ? A DG 3  O6 ? ? ? 1_555 D DG 14 N1 ? ? A DG 3  D DG 15 1_555 ? ? ? ? ? ? 'DG-DG MISPAIR' ? ? ? 
hydrog2  hydrog ? ? A DG 3  O6 ? ? ? 1_555 D DC 15 N4 ? ? A DG 3  D DC 16 1_555 ? ? ? ? ? ? 'DG-DC PAIR'    ? ? ? 
hydrog3  hydrog ? ? A DC 4  O2 ? ? ? 1_555 D DG 14 N2 ? ? A DC 4  D DG 15 1_555 ? ? ? ? ? ? 'DC-DG PAIR'    ? ? ? 
hydrog4  hydrog ? ? A DG 6  N1 ? ? ? 1_555 D DC 12 N3 ? ? A DG 6  D DC 13 1_555 ? ? ? ? ? ? WATSON-CRICK    ? ? ? 
hydrog5  hydrog ? ? A DG 6  N2 ? ? ? 1_555 D DC 12 O2 ? ? A DG 6  D DC 13 1_555 ? ? ? ? ? ? WATSON-CRICK    ? ? ? 
hydrog6  hydrog ? ? A DG 6  O6 ? ? ? 1_555 D DC 12 N4 ? ? A DG 6  D DC 13 1_555 ? ? ? ? ? ? WATSON-CRICK    ? ? ? 
hydrog7  hydrog ? ? A DA 7  N1 ? ? ? 1_555 D DT 11 N3 ? ? A DA 7  D DT 12 1_555 ? ? ? ? ? ? WATSON-CRICK    ? ? ? 
hydrog8  hydrog ? ? A DA 7  N6 ? ? ? 1_555 D DT 11 O4 ? ? A DA 7  D DT 12 1_555 ? ? ? ? ? ? WATSON-CRICK    ? ? ? 
hydrog9  hydrog ? ? A DC 8  N3 ? ? ? 1_555 D DG 10 N1 ? ? A DC 8  D DG 11 1_555 ? ? ? ? ? ? WATSON-CRICK    ? ? ? 
hydrog10 hydrog ? ? A DC 8  N4 ? ? ? 1_555 D DG 10 O6 ? ? A DC 8  D DG 11 1_555 ? ? ? ? ? ? WATSON-CRICK    ? ? ? 
hydrog11 hydrog ? ? A DC 8  O2 ? ? ? 1_555 D DG 10 N2 ? ? A DC 8  D DG 11 1_555 ? ? ? ? ? ? WATSON-CRICK    ? ? ? 
hydrog12 hydrog ? ? A DC 9  N3 ? ? ? 1_555 D DG 9  N1 ? ? A DC 9  D DG 10 1_555 ? ? ? ? ? ? WATSON-CRICK    ? ? ? 
hydrog13 hydrog ? ? A DC 9  N4 ? ? ? 1_555 D DG 9  O6 ? ? A DC 9  D DG 10 1_555 ? ? ? ? ? ? WATSON-CRICK    ? ? ? 
hydrog14 hydrog ? ? A DC 9  O2 ? ? ? 1_555 D DG 9  N2 ? ? A DC 9  D DG 10 1_555 ? ? ? ? ? ? WATSON-CRICK    ? ? ? 
hydrog15 hydrog ? ? A DT 10 N3 ? ? ? 1_555 C DA 3  N1 ? ? A DT 10 C DA 2  1_555 ? ? ? ? ? ? 'DT-DA PAIR'    ? ? ? 
hydrog16 hydrog ? ? A DG 11 N1 ? ? ? 1_555 C DC 2  N3 ? ? A DG 11 C DC 1  1_555 ? ? ? ? ? ? WATSON-CRICK    ? ? ? 
hydrog17 hydrog ? ? A DG 11 N2 ? ? ? 1_555 C DC 2  O2 ? ? A DG 11 C DC 1  1_555 ? ? ? ? ? ? WATSON-CRICK    ? ? ? 
hydrog18 hydrog ? ? A DG 11 O6 ? ? ? 1_555 C DC 2  N4 ? ? A DG 11 C DC 1  1_555 ? ? ? ? ? ? WATSON-CRICK    ? ? ? 
hydrog19 hydrog ? ? A DA 12 N1 ? ? ? 1_555 C DT 1  N3 ? ? A DA 12 C DT 0  1_555 ? ? ? ? ? ? WATSON-CRICK    ? ? ? 
hydrog20 hydrog ? ? A DA 12 N6 ? ? ? 1_555 C DT 1  O4 ? ? A DA 12 C DT 0  1_555 ? ? ? ? ? ? WATSON-CRICK    ? ? ? 
hydrog21 hydrog ? ? B DC 1  N3 ? ? ? 1_555 C DG 6  N1 ? ? B DC 12 C DG 5  1_555 ? ? ? ? ? ? WATSON-CRICK    ? ? ? 
hydrog22 hydrog ? ? B DC 1  N4 ? ? ? 1_555 C DG 6  O6 ? ? B DC 12 C DG 5  1_555 ? ? ? ? ? ? WATSON-CRICK    ? ? ? 
hydrog23 hydrog ? ? B DC 1  O2 ? ? ? 1_555 C DG 6  N2 ? ? B DC 12 C DG 5  1_555 ? ? ? ? ? ? WATSON-CRICK    ? ? ? 
hydrog24 hydrog ? ? B DG 2  N1 ? ? ? 1_555 C DC 5  N3 ? ? B DG 13 C DC 4  1_555 ? ? ? ? ? ? WATSON-CRICK    ? ? ? 
hydrog25 hydrog ? ? B DG 2  N2 ? ? ? 1_555 C DC 5  O2 ? ? B DG 13 C DC 4  1_555 ? ? ? ? ? ? WATSON-CRICK    ? ? ? 
hydrog26 hydrog ? ? B DG 2  O6 ? ? ? 1_555 C DC 5  N4 ? ? B DG 13 C DC 4  1_555 ? ? ? ? ? ? WATSON-CRICK    ? ? ? 
hydrog27 hydrog ? ? B DG 3  N1 ? ? ? 1_555 C DC 4  N3 ? ? B DG 14 C DC 3  1_555 ? ? ? ? ? ? WATSON-CRICK    ? ? ? 
hydrog28 hydrog ? ? B DG 3  N2 ? ? ? 1_555 C DC 4  O2 ? ? B DG 14 C DC 3  1_555 ? ? ? ? ? ? WATSON-CRICK    ? ? ? 
hydrog29 hydrog ? ? B DG 3  O6 ? ? ? 1_555 C DC 4  N4 ? ? B DG 14 C DC 3  1_555 ? ? ? ? ? ? WATSON-CRICK    ? ? ? 
hydrog30 hydrog ? ? B DA 4  N1 ? ? ? 1_555 D DT 8  N3 ? ? B DA 15 D DT 9  1_555 ? ? ? ? ? ? WATSON-CRICK    ? ? ? 
hydrog31 hydrog ? ? B DA 4  N6 ? ? ? 1_555 D DT 8  O4 ? ? B DA 15 D DT 9  1_555 ? ? ? ? ? ? WATSON-CRICK    ? ? ? 
hydrog32 hydrog ? ? B DA 5  N1 ? ? ? 1_555 D DT 7  N3 ? ? B DA 16 D DT 8  1_555 ? ? ? ? ? ? WATSON-CRICK    ? ? ? 
hydrog33 hydrog ? ? B DA 5  N6 ? ? ? 1_555 D DT 7  O4 ? ? B DA 16 D DT 8  1_555 ? ? ? ? ? ? WATSON-CRICK    ? ? ? 
hydrog34 hydrog ? ? B DC 6  N3 ? ? ? 1_555 D DG 6  N1 ? ? B DC 17 D DG 7  1_555 ? ? ? ? ? ? WATSON-CRICK    ? ? ? 
hydrog35 hydrog ? ? B DC 6  N4 ? ? ? 1_555 D DG 6  O6 ? ? B DC 17 D DG 7  1_555 ? ? ? ? ? ? WATSON-CRICK    ? ? ? 
hydrog36 hydrog ? ? B DC 6  O2 ? ? ? 1_555 D DG 6  N2 ? ? B DC 17 D DG 7  1_555 ? ? ? ? ? ? WATSON-CRICK    ? ? ? 
hydrog37 hydrog ? ? B DT 7  N3 ? ? ? 1_555 D DA 5  N1 ? ? B DT 18 D DA 6  1_555 ? ? ? ? ? ? WATSON-CRICK    ? ? ? 
hydrog38 hydrog ? ? B DT 7  O4 ? ? ? 1_555 D DA 5  N6 ? ? B DT 18 D DA 6  1_555 ? ? ? ? ? ? WATSON-CRICK    ? ? ? 
hydrog39 hydrog ? ? B DC 8  N3 ? ? ? 1_555 D DG 4  N1 ? ? B DC 19 D DG 5  1_555 ? ? ? ? ? ? WATSON-CRICK    ? ? ? 
hydrog40 hydrog ? ? B DC 8  N4 ? ? ? 1_555 D DG 4  O6 ? ? B DC 19 D DG 5  1_555 ? ? ? ? ? ? WATSON-CRICK    ? ? ? 
hydrog41 hydrog ? ? B DC 8  O2 ? ? ? 1_555 D DG 4  N2 ? ? B DC 19 D DG 5  1_555 ? ? ? ? ? ? WATSON-CRICK    ? ? ? 
hydrog42 hydrog ? ? B DA 9  N1 ? ? ? 1_555 D DT 3  N3 ? ? B DA 20 D DT 4  1_555 ? ? ? ? ? ? WATSON-CRICK    ? ? ? 
hydrog43 hydrog ? ? B DA 9  N6 ? ? ? 1_555 D DT 3  O4 ? ? B DA 20 D DT 4  1_555 ? ? ? ? ? ? WATSON-CRICK    ? ? ? 
# 
_struct_conn_type.id          hydrog 
_struct_conn_type.criteria    ? 
_struct_conn_type.reference   ? 
# 
_atom_sites.entry_id                    6XNA 
_atom_sites.Cartn_transf_matrix[1][1]   ? 
_atom_sites.Cartn_transf_matrix[1][2]   ? 
_atom_sites.Cartn_transf_matrix[1][3]   ? 
_atom_sites.Cartn_transf_matrix[2][1]   ? 
_atom_sites.Cartn_transf_matrix[2][2]   ? 
_atom_sites.Cartn_transf_matrix[2][3]   ? 
_atom_sites.Cartn_transf_matrix[3][1]   ? 
_atom_sites.Cartn_transf_matrix[3][2]   ? 
_atom_sites.Cartn_transf_matrix[3][3]   ? 
_atom_sites.Cartn_transf_vector[1]      ? 
_atom_sites.Cartn_transf_vector[2]      ? 
_atom_sites.Cartn_transf_vector[3]      ? 
_atom_sites.fract_transf_matrix[1][1]   0.00759143 
_atom_sites.fract_transf_matrix[1][2]   0.00199639 
_atom_sites.fract_transf_matrix[1][3]   -0.01493272 
_atom_sites.fract_transf_matrix[2][1]   0.00014861 
_atom_sites.fract_transf_matrix[2][2]   -0.01266283 
_atom_sites.fract_transf_matrix[2][3]   -0.01114725 
_atom_sites.fract_transf_matrix[3][1]   -0.01539865 
_atom_sites.fract_transf_matrix[3][2]   0.00600401 
_atom_sites.fract_transf_matrix[3][3]   -0.00702560 
_atom_sites.fract_transf_vector[1]      -0.321332 
_atom_sites.fract_transf_vector[2]      -0.169801 
_atom_sites.fract_transf_vector[3]      -0.116742 
_atom_sites.solution_primary            ? 
_atom_sites.solution_secondary          ? 
_atom_sites.solution_hydrogens          ? 
_atom_sites.special_details             ? 
# 
loop_
_atom_type.symbol 
AS 
C  
H  
MG 
N  
O  
P  
# 
loop_
_atom_site.group_PDB 
_atom_site.id 
_atom_site.type_symbol 
_atom_site.label_atom_id 
_atom_site.label_alt_id 
_atom_site.label_comp_id 
_atom_site.label_asym_id 
_atom_site.label_entity_id 
_atom_site.label_seq_id 
_atom_site.pdbx_PDB_ins_code 
_atom_site.Cartn_x 
_atom_site.Cartn_y 
_atom_site.Cartn_z 
_atom_site.occupancy 
_atom_site.B_iso_or_equiv 
_atom_site.pdbx_formal_charge 
_atom_site.auth_seq_id 
_atom_site.auth_comp_id 
_atom_site.auth_asym_id 
_atom_site.auth_atom_id 
_atom_site.pdbx_PDB_model_num 
ATOM   1    O  "O5'"  . DG  A 1 1  ? -12.928 19.307  8.826   1.00 103.16 ? 1   DG  A "O5'"  1 
ATOM   2    C  "C5'"  . DG  A 1 1  ? -13.608 18.675  9.905   1.00 99.05  ? 1   DG  A "C5'"  1 
ATOM   3    C  "C4'"  . DG  A 1 1  ? -12.627 18.142  10.934  1.00 92.85  ? 1   DG  A "C4'"  1 
ATOM   4    O  "O4'"  . DG  A 1 1  ? -13.367 17.542  12.022  1.00 73.12  ? 1   DG  A "O4'"  1 
ATOM   5    C  "C3'"  . DG  A 1 1  ? -11.683 17.066  10.416  1.00 100.55 ? 1   DG  A "C3'"  1 
ATOM   6    O  "O3'"  . DG  A 1 1  ? -10.448 17.647  10.002  1.00 94.84  ? 1   DG  A "O3'"  1 
ATOM   7    C  "C2'"  . DG  A 1 1  ? -11.505 16.123  11.605  1.00 91.90  ? 1   DG  A "C2'"  1 
ATOM   8    C  "C1'"  . DG  A 1 1  ? -12.755 16.341  12.452  1.00 67.65  ? 1   DG  A "C1'"  1 
ATOM   9    N  N9     . DG  A 1 1  ? -13.751 15.272  12.361  1.00 69.44  ? 1   DG  A N9     1 
ATOM   10   C  C8     . DG  A 1 1  ? -14.948 15.317  11.687  1.00 75.28  ? 1   DG  A C8     1 
ATOM   11   N  N7     . DG  A 1 1  ? -15.654 14.226  11.803  1.00 62.49  ? 1   DG  A N7     1 
ATOM   12   C  C5     . DG  A 1 1  ? -14.880 13.406  12.612  1.00 60.04  ? 1   DG  A C5     1 
ATOM   13   C  C6     . DG  A 1 1  ? -15.129 12.095  13.078  1.00 65.56  ? 1   DG  A C6     1 
ATOM   14   O  O6     . DG  A 1 1  ? -16.117 11.377  12.864  1.00 58.19  ? 1   DG  A O6     1 
ATOM   15   N  N1     . DG  A 1 1  ? -14.087 11.624  13.873  1.00 67.35  ? 1   DG  A N1     1 
ATOM   16   C  C2     . DG  A 1 1  ? -12.948 12.333  14.178  1.00 74.18  ? 1   DG  A C2     1 
ATOM   17   N  N2     . DG  A 1 1  ? -12.054 11.712  14.960  1.00 80.92  ? 1   DG  A N2     1 
ATOM   18   N  N3     . DG  A 1 1  ? -12.702 13.564  13.746  1.00 71.70  ? 1   DG  A N3     1 
ATOM   19   C  C4     . DG  A 1 1  ? -13.707 14.036  12.971  1.00 68.74  ? 1   DG  A C4     1 
ATOM   20   H  "H5'"  . DG  A 1 1  ? -14.139 17.939  9.560   1.00 118.87 ? 1   DG  A "H5'"  1 
ATOM   21   H  "H5''" . DG  A 1 1  ? -14.197 19.318  10.331  1.00 118.87 ? 1   DG  A "H5''" 1 
ATOM   22   H  "H4'"  . DG  A 1 1  ? -12.103 18.881  11.280  1.00 111.42 ? 1   DG  A "H4'"  1 
ATOM   23   H  "H3'"  . DG  A 1 1  ? -12.094 16.592  9.676   1.00 120.67 ? 1   DG  A "H3'"  1 
ATOM   24   H  "H2'"  . DG  A 1 1  ? -11.457 15.203  11.302  1.00 110.29 ? 1   DG  A "H2'"  1 
ATOM   25   H  "H2''" . DG  A 1 1  ? -10.710 16.358  12.108  1.00 110.29 ? 1   DG  A "H2''" 1 
ATOM   26   H  "H1'"  . DG  A 1 1  ? -12.489 16.441  13.379  1.00 81.18  ? 1   DG  A "H1'"  1 
ATOM   27   H  H8     . DG  A 1 1  ? -15.227 16.055  11.194  1.00 90.34  ? 1   DG  A H8     1 
ATOM   28   H  H1     . DG  A 1 1  ? -14.161 10.832  14.200  1.00 80.83  ? 1   DG  A H1     1 
ATOM   29   H  H21    . DG  A 1 1  ? -11.325 12.111  15.182  1.00 97.11  ? 1   DG  A H21    1 
ATOM   30   H  H22    . DG  A 1 1  ? -12.209 10.914  15.241  1.00 97.11  ? 1   DG  A H22    1 
ATOM   31   H  "HO5'" . DG  A 1 1  ? -13.342 19.495  8.120   1.00 123.80 ? 1   DG  A "HO5'" 1 
ATOM   32   P  P      . DA  A 1 2  ? -9.550  16.933  8.878   1.00 120.03 ? 2   DA  A P      1 
ATOM   33   O  OP1    . DA  A 1 2  ? -8.402  17.825  8.604   1.00 119.83 ? 2   DA  A OP1    1 
ATOM   34   O  OP2    . DA  A 1 2  ? -10.446 16.522  7.774   1.00 111.78 ? 2   DA  A OP2    1 
ATOM   35   O  "O5'"  . DA  A 1 2  ? -9.011  15.609  9.597   1.00 93.96  ? 2   DA  A "O5'"  1 
ATOM   36   C  "C5'"  . DA  A 1 2  ? -8.080  15.710  10.668  1.00 89.63  ? 2   DA  A "C5'"  1 
ATOM   37   C  "C4'"  . DA  A 1 2  ? -7.972  14.396  11.419  1.00 95.75  ? 2   DA  A "C4'"  1 
ATOM   38   O  "O4'"  . DA  A 1 2  ? -9.308  13.881  11.670  1.00 88.67  ? 2   DA  A "O4'"  1 
ATOM   39   C  "C3'"  . DA  A 1 2  ? -7.215  13.290  10.674  1.00 101.37 ? 2   DA  A "C3'"  1 
ATOM   40   O  "O3'"  . DA  A 1 2  ? -6.243  12.677  11.518  1.00 110.53 ? 2   DA  A "O3'"  1 
ATOM   41   C  "C2'"  . DA  A 1 2  ? -8.307  12.314  10.255  1.00 95.71  ? 2   DA  A "C2'"  1 
ATOM   42   C  "C1'"  . DA  A 1 2  ? -9.374  12.519  11.313  1.00 75.11  ? 2   DA  A "C1'"  1 
ATOM   43   N  N9     . DA  A 1 2  ? -10.726 12.216  10.849  1.00 72.84  ? 2   DA  A N9     1 
ATOM   44   C  C8     . DA  A 1 2  ? -11.498 12.967  10.006  1.00 73.23  ? 2   DA  A C8     1 
ATOM   45   N  N7     . DA  A 1 2  ? -12.676 12.445  9.759   1.00 66.44  ? 2   DA  A N7     1 
ATOM   46   C  C5     . DA  A 1 2  ? -12.674 11.265  10.485  1.00 65.85  ? 2   DA  A C5     1 
ATOM   47   C  C6     . DA  A 1 2  ? -13.635 10.247  10.643  1.00 71.38  ? 2   DA  A C6     1 
ATOM   48   N  N6     . DA  A 1 2  ? -14.834 10.265  10.049  1.00 71.89  ? 2   DA  A N6     1 
ATOM   49   N  N1     . DA  A 1 2  ? -13.316 9.205   11.439  1.00 69.37  ? 2   DA  A N1     1 
ATOM   50   C  C2     . DA  A 1 2  ? -12.116 9.189   12.031  1.00 73.94  ? 2   DA  A C2     1 
ATOM   51   N  N3     . DA  A 1 2  ? -11.133 10.086  11.958  1.00 75.45  ? 2   DA  A N3     1 
ATOM   52   C  C4     . DA  A 1 2  ? -11.480 11.109  11.162  1.00 68.18  ? 2   DA  A C4     1 
ATOM   53   H  "H5'"  . DA  A 1 2  ? -8.372  16.404  11.280  1.00 107.56 ? 2   DA  A "H5'"  1 
ATOM   54   H  "H5''" . DA  A 1 2  ? -7.209  15.946  10.311  1.00 107.56 ? 2   DA  A "H5''" 1 
ATOM   55   H  "H4'"  . DA  A 1 2  ? -7.534  14.556  12.269  1.00 114.91 ? 2   DA  A "H4'"  1 
ATOM   56   H  "H3'"  . DA  A 1 2  ? -6.785  13.659  9.886   1.00 121.65 ? 2   DA  A "H3'"  1 
ATOM   57   H  "H2'"  . DA  A 1 2  ? -8.648  12.538  9.375   1.00 114.86 ? 2   DA  A "H2'"  1 
ATOM   58   H  "H2''" . DA  A 1 2  ? -7.976  11.402  10.274  1.00 114.86 ? 2   DA  A "H2''" 1 
ATOM   59   H  "H1'"  . DA  A 1 2  ? -9.170  11.974  12.088  1.00 90.14  ? 2   DA  A "H1'"  1 
ATOM   60   H  H8     . DA  A 1 2  ? -11.216 13.778  9.647   1.00 87.88  ? 2   DA  A H8     1 
ATOM   61   H  H61    . DA  A 1 2  ? -15.387 9.620   10.177  1.00 86.28  ? 2   DA  A H61    1 
ATOM   62   H  H62    . DA  A 1 2  ? -15.050 10.923  9.540   1.00 86.28  ? 2   DA  A H62    1 
ATOM   63   H  H2     . DA  A 1 2  ? -11.945 8.450   12.570  1.00 88.73  ? 2   DA  A H2     1 
ATOM   64   P  P      . DG  A 1 3  ? -5.091  11.754  10.882  1.00 107.79 ? 3   DG  A P      1 
ATOM   65   O  OP1    . DG  A 1 3  ? -3.939  11.781  11.812  1.00 105.03 ? 3   DG  A OP1    1 
ATOM   66   O  OP2    . DG  A 1 3  ? -4.911  12.166  9.473   1.00 100.51 ? 3   DG  A OP2    1 
ATOM   67   O  "O5'"  . DG  A 1 3  ? -5.718  10.282  10.892  1.00 81.20  ? 3   DG  A "O5'"  1 
ATOM   68   C  "C5'"  . DG  A 1 3  ? -5.622  9.484   12.063  1.00 88.47  ? 3   DG  A "C5'"  1 
ATOM   69   C  "C4'"  . DG  A 1 3  ? -6.512  8.256   11.967  1.00 93.54  ? 3   DG  A "C4'"  1 
ATOM   70   O  "O4'"  . DG  A 1 3  ? -7.817  8.640   11.482  1.00 87.93  ? 3   DG  A "O4'"  1 
ATOM   71   C  "C3'"  . DG  A 1 3  ? -6.012  7.167   11.012  1.00 95.09  ? 3   DG  A "C3'"  1 
ATOM   72   O  "O3'"  . DG  A 1 3  ? -5.629  6.012   11.750  1.00 107.00 ? 3   DG  A "O3'"  1 
ATOM   73   C  "C2'"  . DG  A 1 3  ? -7.198  6.894   10.070  1.00 101.88 ? 3   DG  A "C2'"  1 
ATOM   74   C  "C1'"  . DG  A 1 3  ? -8.369  7.565   10.769  1.00 80.98  ? 3   DG  A "C1'"  1 
ATOM   75   N  N9     . DG  A 1 3  ? -9.402  8.088   9.875   1.00 77.66  ? 3   DG  A N9     1 
ATOM   76   C  C8     . DG  A 1 3  ? -9.373  9.277   9.186   1.00 72.20  ? 3   DG  A C8     1 
ATOM   77   N  N7     . DG  A 1 3  ? -10.448 9.496   8.481   1.00 62.74  ? 3   DG  A N7     1 
ATOM   78   C  C5     . DG  A 1 3  ? -11.245 8.386   8.722   1.00 69.84  ? 3   DG  A C5     1 
ATOM   79   C  C6     . DG  A 1 3  ? -12.531 8.066   8.228   1.00 72.42  ? 3   DG  A C6     1 
ATOM   80   O  O6     . DG  A 1 3  ? -13.240 8.725   7.454   1.00 68.44  ? 3   DG  A O6     1 
ATOM   81   N  N1     . DG  A 1 3  ? -12.983 6.843   8.722   1.00 67.56  ? 3   DG  A N1     1 
ATOM   82   C  C2     . DG  A 1 3  ? -12.279 6.035   9.584   1.00 68.88  ? 3   DG  A C2     1 
ATOM   83   N  N2     . DG  A 1 3  ? -12.878 4.892   9.950   1.00 67.56  ? 3   DG  A N2     1 
ATOM   84   N  N3     . DG  A 1 3  ? -11.071 6.324   10.054  1.00 64.20  ? 3   DG  A N3     1 
ATOM   85   C  C4     . DG  A 1 3  ? -10.618 7.511   9.582   1.00 71.83  ? 3   DG  A C4     1 
ATOM   86   H  "H5'"  . DG  A 1 3  ? -5.893  10.012  12.831  1.00 106.17 ? 3   DG  A "H5'"  1 
ATOM   87   H  "H5''" . DG  A 1 3  ? -4.702  9.201   12.180  1.00 106.17 ? 3   DG  A "H5''" 1 
ATOM   88   H  "H4'"  . DG  A 1 3  ? -6.610  7.873   12.852  1.00 112.25 ? 3   DG  A "H4'"  1 
ATOM   89   H  "H3'"  . DG  A 1 3  ? -5.258  7.498   10.502  1.00 114.11 ? 3   DG  A "H3'"  1 
ATOM   90   H  "H2'"  . DG  A 1 3  ? -7.043  7.297   9.201   1.00 122.27 ? 3   DG  A "H2'"  1 
ATOM   91   H  "H2''" . DG  A 1 3  ? -7.353  5.940   9.983   1.00 122.27 ? 3   DG  A "H2''" 1 
ATOM   92   H  "H1'"  . DG  A 1 3  ? -8.771  6.939   11.393  1.00 97.18  ? 3   DG  A "H1'"  1 
ATOM   93   H  H8     . DG  A 1 3  ? -8.655  9.867   9.217   1.00 86.64  ? 3   DG  A H8     1 
ATOM   94   H  H1     . DG  A 1 3  ? -13.759 6.574   8.469   1.00 81.08  ? 3   DG  A H1     1 
ATOM   95   H  H21    . DG  A 1 3  ? -12.479 4.350   10.488  1.00 81.08  ? 3   DG  A H21    1 
ATOM   96   H  H22    . DG  A 1 3  ? -13.659 4.700   9.648   1.00 81.08  ? 3   DG  A H22    1 
ATOM   97   P  P      . DC  A 1 4  ? -4.799  4.832   11.045  1.00 120.00 ? 4   DC  A P      1 
ATOM   98   O  OP1    . DC  A 1 4  ? -4.065  4.112   12.110  1.00 104.32 ? 4   DC  A OP1    1 
ATOM   99   O  OP2    . DC  A 1 4  ? -4.063  5.412   9.899   1.00 114.89 ? 4   DC  A OP2    1 
ATOM   100  O  "O5'"  . DC  A 1 4  ? -5.934  3.867   10.466  1.00 90.02  ? 4   DC  A "O5'"  1 
ATOM   101  C  "C5'"  . DC  A 1 4  ? -6.897  3.302   11.345  1.00 91.37  ? 4   DC  A "C5'"  1 
ATOM   102  C  "C4'"  . DC  A 1 4  ? -7.816  2.352   10.602  1.00 107.71 ? 4   DC  A "C4'"  1 
ATOM   103  O  "O4'"  . DC  A 1 4  ? -8.853  3.115   9.922   1.00 108.56 ? 4   DC  A "O4'"  1 
ATOM   104  C  "C3'"  . DC  A 1 4  ? -7.127  1.510   9.526   1.00 115.48 ? 4   DC  A "C3'"  1 
ATOM   105  O  "O3'"  . DC  A 1 4  ? -7.536  0.153   9.613   1.00 110.55 ? 4   DC  A "O3'"  1 
ATOM   106  C  "C2'"  . DC  A 1 4  ? -7.563  2.166   8.220   1.00 112.05 ? 4   DC  A "C2'"  1 
ATOM   107  C  "C1'"  . DC  A 1 4  ? -8.937  2.711   8.572   1.00 95.61  ? 4   DC  A "C1'"  1 
ATOM   108  N  N1     . DC  A 1 4  ? -9.378  3.886   7.747   1.00 85.29  ? 4   DC  A N1     1 
ATOM   109  C  C2     . DC  A 1 4  ? -10.670 3.906   7.201   1.00 77.78  ? 4   DC  A C2     1 
ATOM   110  O  O2     . DC  A 1 4  ? -11.426 2.945   7.400   1.00 66.05  ? 4   DC  A O2     1 
ATOM   111  N  N3     . DC  A 1 4  ? -11.055 4.980   6.466   1.00 68.02  ? 4   DC  A N3     1 
ATOM   112  C  C4     . DC  A 1 4  ? -10.214 5.998   6.276   1.00 71.34  ? 4   DC  A C4     1 
ATOM   113  N  N4     . DC  A 1 4  ? -10.639 7.032   5.545   1.00 68.48  ? 4   DC  A N4     1 
ATOM   114  C  C5     . DC  A 1 4  ? -8.898  5.998   6.826   1.00 71.77  ? 4   DC  A C5     1 
ATOM   115  C  C6     . DC  A 1 4  ? -8.527  4.937   7.549   1.00 72.43  ? 4   DC  A C6     1 
ATOM   116  H  "H5'"  . DC  A 1 4  ? -7.425  4.014   11.740  1.00 109.65 ? 4   DC  A "H5'"  1 
ATOM   117  H  "H5''" . DC  A 1 4  ? -6.440  2.818   12.050  1.00 109.65 ? 4   DC  A "H5''" 1 
ATOM   118  H  "H4'"  . DC  A 1 4  ? -8.235  1.758   11.243  1.00 129.25 ? 4   DC  A "H4'"  1 
ATOM   119  H  "H3'"  . DC  A 1 4  ? -6.164  1.574   9.622   1.00 138.59 ? 4   DC  A "H3'"  1 
ATOM   120  H  "H2'"  . DC  A 1 4  ? -6.960  2.886   7.978   1.00 134.47 ? 4   DC  A "H2'"  1 
ATOM   121  H  "H2''" . DC  A 1 4  ? -7.625  1.510   7.508   1.00 134.47 ? 4   DC  A "H2''" 1 
ATOM   122  H  "H1'"  . DC  A 1 4  ? -9.593  2.001   8.493   1.00 114.74 ? 4   DC  A "H1'"  1 
ATOM   123  H  H41    . DC  A 1 4  ? -10.119 7.702   5.403   1.00 82.18  ? 4   DC  A H41    1 
ATOM   124  H  H42    . DC  A 1 4  ? -11.434 7.027   5.214   1.00 82.18  ? 4   DC  A H42    1 
ATOM   125  H  H5     . DC  A 1 4  ? -8.319  6.713   6.687   1.00 86.13  ? 4   DC  A H5     1 
ATOM   126  H  H6     . DC  A 1 4  ? -7.674  4.910   7.919   1.00 86.92  ? 4   DC  A H6     1 
ATOM   127  P  P      . DA  A 1 5  ? -6.784  -0.974  8.751   1.00 109.76 ? 5   DA  A P      1 
ATOM   128  O  OP1    . DA  A 1 5  ? -6.293  -2.010  9.688   1.00 115.59 ? 5   DA  A OP1    1 
ATOM   129  O  OP2    . DA  A 1 5  ? -5.833  -0.285  7.849   1.00 98.01  ? 5   DA  A OP2    1 
ATOM   130  O  "O5'"  . DA  A 1 5  ? -7.948  -1.603  7.854   1.00 102.93 ? 5   DA  A "O5'"  1 
ATOM   131  C  "C5'"  . DA  A 1 5  ? -9.117  -2.118  8.475   1.00 98.55  ? 5   DA  A "C5'"  1 
ATOM   132  C  "C4'"  . DA  A 1 5  ? -10.223 -2.324  7.457   1.00 109.44 ? 5   DA  A "C4'"  1 
ATOM   133  O  "O4'"  . DA  A 1 5  ? -10.638 -1.032  6.935   1.00 106.98 ? 5   DA  A "O4'"  1 
ATOM   134  C  "C3'"  . DA  A 1 5  ? -9.827  -3.174  6.251   1.00 112.03 ? 5   DA  A "C3'"  1 
ATOM   135  O  "O3'"  . DA  A 1 5  ? -10.828 -4.142  5.962   1.00 107.79 ? 5   DA  A "O3'"  1 
ATOM   136  C  "C2'"  . DA  A 1 5  ? -9.655  -2.161  5.122   1.00 98.65  ? 5   DA  A "C2'"  1 
ATOM   137  C  "C1'"  . DA  A 1 5  ? -10.588 -1.028  5.524   1.00 84.61  ? 5   DA  A "C1'"  1 
ATOM   138  N  N9     . DA  A 1 5  ? -10.140 0.289   5.080   1.00 74.93  ? 5   DA  A N9     1 
ATOM   139  C  C8     . DA  A 1 5  ? -8.911  0.851   5.284   1.00 86.35  ? 5   DA  A C8     1 
ATOM   140  N  N7     . DA  A 1 5  ? -8.786  2.053   4.773   1.00 79.08  ? 5   DA  A N7     1 
ATOM   141  C  C5     . DA  A 1 5  ? -10.019 2.298   4.194   1.00 78.07  ? 5   DA  A C5     1 
ATOM   142  C  C6     . DA  A 1 5  ? -10.533 3.404   3.487   1.00 70.45  ? 5   DA  A C6     1 
ATOM   143  N  N6     . DA  A 1 5  ? -9.826  4.512   3.240   1.00 76.15  ? 5   DA  A N6     1 
ATOM   144  N  N1     . DA  A 1 5  ? -11.804 3.326   3.044   1.00 70.75  ? 5   DA  A N1     1 
ATOM   145  C  C2     . DA  A 1 5  ? -12.508 2.214   3.293   1.00 85.65  ? 5   DA  A C2     1 
ATOM   146  N  N3     . DA  A 1 5  ? -12.134 1.112   3.945   1.00 81.79  ? 5   DA  A N3     1 
ATOM   147  C  C4     . DA  A 1 5  ? -10.867 1.220   4.374   1.00 82.60  ? 5   DA  A C4     1 
ATOM   148  H  "H5'"  . DA  A 1 5  ? -9.420  -1.494  9.153   1.00 118.27 ? 5   DA  A "H5'"  1 
ATOM   149  H  "H5''" . DA  A 1 5  ? -8.908  -2.967  8.895   1.00 118.27 ? 5   DA  A "H5''" 1 
ATOM   150  H  "H4'"  . DA  A 1 5  ? -10.980 -2.741  7.899   1.00 131.34 ? 5   DA  A "H4'"  1 
ATOM   151  H  "H3'"  . DA  A 1 5  ? -8.982  -3.617  6.425   1.00 134.44 ? 5   DA  A "H3'"  1 
ATOM   152  H  "H2'"  . DA  A 1 5  ? -8.738  -1.849  5.080   1.00 118.39 ? 5   DA  A "H2'"  1 
ATOM   153  H  "H2''" . DA  A 1 5  ? -9.928  -2.543  4.274   1.00 118.39 ? 5   DA  A "H2''" 1 
ATOM   154  H  "H1'"  . DA  A 1 5  ? -11.474 -1.202  5.171   1.00 101.54 ? 5   DA  A "H1'"  1 
ATOM   155  H  H8     . DA  A 1 5  ? -8.226  0.420   5.743   1.00 103.62 ? 5   DA  A H8     1 
ATOM   156  H  H61    . DA  A 1 5  ? -10.185 5.162   2.806   1.00 91.39  ? 5   DA  A H61    1 
ATOM   157  H  H62    . DA  A 1 5  ? -9.014  4.574   3.514   1.00 91.39  ? 5   DA  A H62    1 
ATOM   158  H  H2     . DA  A 1 5  ? -13.378 2.209   2.965   1.00 102.79 ? 5   DA  A H2     1 
ATOM   159  P  P      . DG  A 1 6  ? -10.573 -5.249  4.827   1.00 142.63 ? 6   DG  A P      1 
ATOM   160  O  OP1    . DG  A 1 6  ? -11.264 -6.489  5.244   1.00 125.38 ? 6   DG  A OP1    1 
ATOM   161  O  OP2    . DG  A 1 6  ? -9.120  -5.272  4.542   1.00 123.72 ? 6   DG  A OP2    1 
ATOM   162  O  "O5'"  . DG  A 1 6  ? -11.310 -4.650  3.539   1.00 131.39 ? 6   DG  A "O5'"  1 
ATOM   163  C  "C5'"  . DG  A 1 6  ? -12.713 -4.408  3.574   1.00 122.52 ? 6   DG  A "C5'"  1 
ATOM   164  C  "C4'"  . DG  A 1 6  ? -13.166 -3.646  2.343   1.00 114.37 ? 6   DG  A "C4'"  1 
ATOM   165  O  "O4'"  . DG  A 1 6  ? -12.634 -2.309  2.381   1.00 92.74  ? 6   DG  A "O4'"  1 
ATOM   166  C  "C3'"  . DG  A 1 6  ? -12.696 -4.231  1.011   1.00 117.30 ? 6   DG  A "C3'"  1 
ATOM   167  O  "O3'"  . DG  A 1 6  ? -13.740 -4.979  0.397   1.00 128.71 ? 6   DG  A "O3'"  1 
ATOM   168  C  "C2'"  . DG  A 1 6  ? -12.281 -3.009  0.172   1.00 106.96 ? 6   DG  A "C2'"  1 
ATOM   169  C  "C1'"  . DG  A 1 6  ? -12.583 -1.813  1.070   1.00 84.94  ? 6   DG  A "C1'"  1 
ATOM   170  N  N9     . DG  A 1 6  ? -11.580 -0.756  1.015   1.00 81.47  ? 6   DG  A N9     1 
ATOM   171  C  C8     . DG  A 1 6  ? -10.312 -0.789  1.544   1.00 84.77  ? 6   DG  A C8     1 
ATOM   172  N  N7     . DG  A 1 6  ? -9.638  0.312   1.350   1.00 73.36  ? 6   DG  A N7     1 
ATOM   173  C  C5     . DG  A 1 6  ? -10.518 1.129   0.650   1.00 77.25  ? 6   DG  A C5     1 
ATOM   174  C  C6     . DG  A 1 6  ? -10.347 2.447   0.162   1.00 80.96  ? 6   DG  A C6     1 
ATOM   175  O  O6     . DG  A 1 6  ? -9.350  3.178   0.254   1.00 74.77  ? 6   DG  A O6     1 
ATOM   176  N  N1     . DG  A 1 6  ? -11.488 2.907   -0.493  1.00 81.94  ? 6   DG  A N1     1 
ATOM   177  C  C2     . DG  A 1 6  ? -12.647 2.184   -0.655  1.00 87.63  ? 6   DG  A C2     1 
ATOM   178  N  N2     . DG  A 1 6  ? -13.643 2.796   -1.314  1.00 89.58  ? 6   DG  A N2     1 
ATOM   179  N  N3     . DG  A 1 6  ? -12.820 0.949   -0.201  1.00 80.17  ? 6   DG  A N3     1 
ATOM   180  C  C4     . DG  A 1 6  ? -11.717 0.487   0.438   1.00 80.22  ? 6   DG  A C4     1 
ATOM   181  H  "H5'"  . DG  A 1 6  ? -12.925 -3.889  4.366   1.00 147.03 ? 6   DG  A "H5'"  1 
ATOM   182  H  "H5''" . DG  A 1 6  ? -13.181 -5.256  3.614   1.00 147.03 ? 6   DG  A "H5''" 1 
ATOM   183  H  "H4'"  . DG  A 1 6  ? -14.136 -3.599  2.341   1.00 137.26 ? 6   DG  A "H4'"  1 
ATOM   184  H  "H3'"  . DG  A 1 6  ? -11.926 -4.802  1.159   1.00 140.77 ? 6   DG  A "H3'"  1 
ATOM   185  H  "H2'"  . DG  A 1 6  ? -11.335 -3.046  -0.036  1.00 128.36 ? 6   DG  A "H2'"  1 
ATOM   186  H  "H2''" . DG  A 1 6  ? -12.807 -2.963  -0.642  1.00 128.36 ? 6   DG  A "H2''" 1 
ATOM   187  H  "H1'"  . DG  A 1 6  ? -13.449 -1.445  0.834   1.00 101.93 ? 6   DG  A "H1'"  1 
ATOM   188  H  H8     . DG  A 1 6  ? -9.967  -1.525  1.996   1.00 101.74 ? 6   DG  A H8     1 
ATOM   189  H  H1     . DG  A 1 6  ? -11.466 3.702   -0.821  1.00 98.33  ? 6   DG  A H1     1 
ATOM   190  H  H21    . DG  A 1 6  ? -14.392 2.391   -1.433  1.00 107.51 ? 6   DG  A H21    1 
ATOM   191  H  H22    . DG  A 1 6  ? -13.531 3.593   -1.618  1.00 107.51 ? 6   DG  A H22    1 
ATOM   192  P  P      . DA  A 1 7  ? -13.504 -5.683  -1.028  1.00 140.38 ? 7   DA  A P      1 
ATOM   193  O  OP1    . DA  A 1 7  ? -14.431 -6.834  -1.116  1.00 128.32 ? 7   DA  A OP1    1 
ATOM   194  O  OP2    . DA  A 1 7  ? -12.047 -5.892  -1.190  1.00 119.56 ? 7   DA  A OP2    1 
ATOM   195  O  "O5'"  . DA  A 1 7  ? -13.954 -4.568  -2.083  1.00 111.83 ? 7   DA  A "O5'"  1 
ATOM   196  C  "C5'"  . DA  A 1 7  ? -15.238 -3.968  -1.974  1.00 111.06 ? 7   DA  A "C5'"  1 
ATOM   197  C  "C4'"  . DA  A 1 7  ? -15.396 -2.836  -2.969  1.00 107.01 ? 7   DA  A "C4'"  1 
ATOM   198  O  "O4'"  . DA  A 1 7  ? -14.510 -1.741  -2.601  1.00 107.52 ? 7   DA  A "O4'"  1 
ATOM   199  C  "C3'"  . DA  A 1 7  ? -15.049 -3.202  -4.416  1.00 114.69 ? 7   DA  A "C3'"  1 
ATOM   200  O  "O3'"  . DA  A 1 7  ? -16.087 -2.777  -5.305  1.00 126.88 ? 7   DA  A "O3'"  1 
ATOM   201  C  "C2'"  . DA  A 1 7  ? -13.722 -2.482  -4.663  1.00 111.14 ? 7   DA  A "C2'"  1 
ATOM   202  C  "C1'"  . DA  A 1 7  ? -13.825 -1.283  -3.744  1.00 99.16  ? 7   DA  A "C1'"  1 
ATOM   203  N  N9     . DA  A 1 7  ? -12.535 -0.733  -3.338  1.00 92.07  ? 7   DA  A N9     1 
ATOM   204  C  C8     . DA  A 1 7  ? -11.547 -1.373  -2.641  1.00 91.67  ? 7   DA  A C8     1 
ATOM   205  N  N7     . DA  A 1 7  ? -10.490 -0.628  -2.417  1.00 82.02  ? 7   DA  A N7     1 
ATOM   206  C  C5     . DA  A 1 7  ? -10.807 0.586   -3.006  1.00 87.34  ? 7   DA  A C5     1 
ATOM   207  C  C6     . DA  A 1 7  ? -10.101 1.801   -3.117  1.00 91.67  ? 7   DA  A C6     1 
ATOM   208  N  N6     . DA  A 1 7  ? -8.878  1.989   -2.610  1.00 82.83  ? 7   DA  A N6     1 
ATOM   209  N  N1     . DA  A 1 7  ? -10.704 2.818   -3.770  1.00 88.37  ? 7   DA  A N1     1 
ATOM   210  C  C2     . DA  A 1 7  ? -11.930 2.624   -4.275  1.00 94.52  ? 7   DA  A C2     1 
ATOM   211  N  N3     . DA  A 1 7  ? -12.690 1.528   -4.235  1.00 87.53  ? 7   DA  A N3     1 
ATOM   212  C  C4     . DA  A 1 7  ? -12.064 0.537   -3.579  1.00 85.70  ? 7   DA  A C4     1 
ATOM   213  H  "H5'"  . DA  A 1 7  ? -15.353 -3.620  -1.076  1.00 133.28 ? 7   DA  A "H5'"  1 
ATOM   214  H  "H5''" . DA  A 1 7  ? -15.918 -4.639  -2.144  1.00 133.28 ? 7   DA  A "H5''" 1 
ATOM   215  H  "H4'"  . DA  A 1 7  ? -16.312 -2.519  -2.940  1.00 128.42 ? 7   DA  A "H4'"  1 
ATOM   216  H  "H3'"  . DA  A 1 7  ? -14.922 -4.161  -4.492  1.00 137.64 ? 7   DA  A "H3'"  1 
ATOM   217  H  "H2'"  . DA  A 1 7  ? -12.974 -3.045  -4.413  1.00 133.37 ? 7   DA  A "H2'"  1 
ATOM   218  H  "H2''" . DA  A 1 7  ? -13.651 -2.202  -5.590  1.00 133.37 ? 7   DA  A "H2''" 1 
ATOM   219  H  "H1'"  . DA  A 1 7  ? -14.349 -0.591  -4.177  1.00 119.00 ? 7   DA  A "H1'"  1 
ATOM   220  H  H8     . DA  A 1 7  ? -11.618 -2.254  -2.353  1.00 110.01 ? 7   DA  A H8     1 
ATOM   221  H  H61    . DA  A 1 7  ? -8.486  2.750   -2.704  1.00 99.40  ? 7   DA  A H61    1 
ATOM   222  H  H62    . DA  A 1 7  ? -8.483  1.351   -2.192  1.00 99.40  ? 7   DA  A H62    1 
ATOM   223  H  H2     . DA  A 1 7  ? -12.301 3.353   -4.717  1.00 113.43 ? 7   DA  A H2     1 
ATOM   224  P  P      . DC  A 1 8  ? -15.877 -2.833  -6.898  1.00 134.71 ? 8   DC  A P      1 
ATOM   225  O  OP1    . DC  A 1 8  ? -17.213 -2.885  -7.531  1.00 127.02 ? 8   DC  A OP1    1 
ATOM   226  O  OP2    . DC  A 1 8  ? -14.882 -3.891  -7.188  1.00 110.25 ? 8   DC  A OP2    1 
ATOM   227  O  "O5'"  . DC  A 1 8  ? -15.208 -1.423  -7.235  1.00 109.24 ? 8   DC  A "O5'"  1 
ATOM   228  C  "C5'"  . DC  A 1 8  ? -14.734 -1.155  -8.541  1.00 95.35  ? 8   DC  A "C5'"  1 
ATOM   229  C  "C4'"  . DC  A 1 8  ? -14.077 0.209   -8.601  1.00 92.36  ? 8   DC  A "C4'"  1 
ATOM   230  O  "O4'"  . DC  A 1 8  ? -13.198 0.364   -7.470  1.00 99.45  ? 8   DC  A "O4'"  1 
ATOM   231  C  "C3'"  . DC  A 1 8  ? -13.201 0.445   -9.821  1.00 92.08  ? 8   DC  A "C3'"  1 
ATOM   232  O  "O3'"  . DC  A 1 8  ? -13.940 1.080   -10.858 1.00 104.01 ? 8   DC  A "O3'"  1 
ATOM   233  C  "C2'"  . DC  A 1 8  ? -12.058 1.325   -9.302  1.00 89.02  ? 8   DC  A "C2'"  1 
ATOM   234  C  "C1'"  . DC  A 1 8  ? -12.214 1.320   -7.783  1.00 93.86  ? 8   DC  A "C1'"  1 
ATOM   235  N  N1     . DC  A 1 8  ? -10.958 0.970   -7.056  1.00 91.51  ? 8   DC  A N1     1 
ATOM   236  C  C2     . DC  A 1 8  ? -9.939  1.921   -6.935  1.00 88.83  ? 8   DC  A C2     1 
ATOM   237  O  O2     . DC  A 1 8  ? -10.095 3.041   -7.439  1.00 82.32  ? 8   DC  A O2     1 
ATOM   238  N  N3     . DC  A 1 8  ? -8.807  1.589   -6.268  1.00 85.48  ? 8   DC  A N3     1 
ATOM   239  C  C4     . DC  A 1 8  ? -8.675  0.371   -5.740  1.00 94.62  ? 8   DC  A C4     1 
ATOM   240  N  N4     . DC  A 1 8  ? -7.539  0.090   -5.093  1.00 103.66 ? 8   DC  A N4     1 
ATOM   241  C  C5     . DC  A 1 8  ? -9.702  -0.613  -5.851  1.00 87.70  ? 8   DC  A C5     1 
ATOM   242  C  C6     . DC  A 1 8  ? -10.816 -0.273  -6.511  1.00 87.94  ? 8   DC  A C6     1 
ATOM   243  H  "H5'"  . DC  A 1 8  ? -15.478 -1.180  -9.162  1.00 114.43 ? 8   DC  A "H5'"  1 
ATOM   244  H  "H5''" . DC  A 1 8  ? -14.086 -1.833  -8.791  1.00 114.43 ? 8   DC  A "H5''" 1 
ATOM   245  H  "H4'"  . DC  A 1 8  ? -14.764 0.894   -8.565  1.00 110.84 ? 8   DC  A "H4'"  1 
ATOM   246  H  "H3'"  . DC  A 1 8  ? -12.846 -0.400  -10.138 1.00 110.50 ? 8   DC  A "H3'"  1 
ATOM   247  H  "H2'"  . DC  A 1 8  ? -11.201 0.947   -9.555  1.00 106.83 ? 8   DC  A "H2'"  1 
ATOM   248  H  "H2''" . DC  A 1 8  ? -12.144 2.228   -9.647  1.00 106.83 ? 8   DC  A "H2''" 1 
ATOM   249  H  "H1'"  . DC  A 1 8  ? -12.516 2.195   -7.491  1.00 112.64 ? 8   DC  A "H1'"  1 
ATOM   250  H  H41    . DC  A 1 8  ? -7.422  -0.689  -4.748  1.00 124.40 ? 8   DC  A H41    1 
ATOM   251  H  H42    . DC  A 1 8  ? -6.926  0.689   -5.022  1.00 124.40 ? 8   DC  A H42    1 
ATOM   252  H  H5     . DC  A 1 8  ? -9.602  -1.459  -5.478  1.00 105.25 ? 8   DC  A H5     1 
ATOM   253  H  H6     . DC  A 1 8  ? -11.503 -0.893  -6.598  1.00 105.53 ? 8   DC  A H6     1 
ATOM   254  P  P      . DC  A 1 9  ? -13.377 1.082   -12.363 1.00 113.65 ? 9   DC  A P      1 
ATOM   255  O  OP1    . DC  A 1 9  ? -14.477 1.518   -13.252 1.00 109.58 ? 9   DC  A OP1    1 
ATOM   256  O  OP2    . DC  A 1 9  ? -12.715 -0.220  -12.595 1.00 110.99 ? 9   DC  A OP2    1 
ATOM   257  O  "O5'"  . DC  A 1 9  ? -12.247 2.213   -12.352 1.00 82.38  ? 9   DC  A "O5'"  1 
ATOM   258  C  "C5'"  . DC  A 1 9  ? -12.593 3.552   -12.033 1.00 93.46  ? 9   DC  A "C5'"  1 
ATOM   259  C  "C4'"  . DC  A 1 9  ? -11.365 4.441   -12.016 1.00 100.87 ? 9   DC  A "C4'"  1 
ATOM   260  O  "O4'"  . DC  A 1 9  ? -10.471 4.027   -10.940 1.00 97.45  ? 9   DC  A "O4'"  1 
ATOM   261  C  "C3'"  . DC  A 1 9  ? -10.528 4.405   -13.299 1.00 97.06  ? 9   DC  A "C3'"  1 
ATOM   262  O  "O3'"  . DC  A 1 9  ? -10.215 5.726   -13.723 1.00 91.73  ? 9   DC  A "O3'"  1 
ATOM   263  C  "C2'"  . DC  A 1 9  ? -9.290  3.612   -12.891 1.00 97.94  ? 9   DC  A "C2'"  1 
ATOM   264  C  "C1'"  . DC  A 1 9  ? -9.150  3.987   -11.431 1.00 93.59  ? 9   DC  A "C1'"  1 
ATOM   265  N  N1     . DC  A 1 9  ? -8.348  3.018   -10.617 1.00 81.02  ? 9   DC  A N1     1 
ATOM   266  C  C2     . DC  A 1 9  ? -7.087  3.391   -10.132 1.00 75.05  ? 9   DC  A C2     1 
ATOM   267  O  O2     . DC  A 1 9  ? -6.652  4.523   -10.382 1.00 75.10  ? 9   DC  A O2     1 
ATOM   268  N  N3     . DC  A 1 9  ? -6.377  2.499   -9.397  1.00 68.73  ? 9   DC  A N3     1 
ATOM   269  C  C4     . DC  A 1 9  ? -6.879  1.288   -9.147  1.00 68.19  ? 9   DC  A C4     1 
ATOM   270  N  N4     . DC  A 1 9  ? -6.142  0.443   -8.418  1.00 62.66  ? 9   DC  A N4     1 
ATOM   271  C  C5     . DC  A 1 9  ? -8.159  0.891   -9.634  1.00 75.91  ? 9   DC  A C5     1 
ATOM   272  C  C6     . DC  A 1 9  ? -8.849  1.779   -10.358 1.00 78.35  ? 9   DC  A C6     1 
ATOM   273  H  "H5'"  . DC  A 1 9  ? -13.014 3.573   -11.161 1.00 112.16 ? 9   DC  A "H5'"  1 
ATOM   274  H  "H5''" . DC  A 1 9  ? -13.218 3.886   -12.696 1.00 112.16 ? 9   DC  A "H5''" 1 
ATOM   275  H  "H4'"  . DC  A 1 9  ? -11.645 5.356   -11.853 1.00 121.05 ? 9   DC  A "H4'"  1 
ATOM   276  H  "H3'"  . DC  A 1 9  ? -11.010 3.935   -13.996 1.00 116.48 ? 9   DC  A "H3'"  1 
ATOM   277  H  "H2'"  . DC  A 1 9  ? -9.441  2.660   -12.992 1.00 117.54 ? 9   DC  A "H2'"  1 
ATOM   278  H  "H2''" . DC  A 1 9  ? -8.514  3.898   -13.398 1.00 117.54 ? 9   DC  A "H2''" 1 
ATOM   279  H  "H1'"  . DC  A 1 9  ? -8.755  4.870   -11.361 1.00 112.32 ? 9   DC  A "H1'"  1 
ATOM   280  H  H41    . DC  A 1 9  ? -6.443  -0.341  -8.234  1.00 75.21  ? 9   DC  A H41    1 
ATOM   281  H  H42    . DC  A 1 9  ? -5.367  0.683   -8.133  1.00 75.21  ? 9   DC  A H42    1 
ATOM   282  H  H5     . DC  A 1 9  ? -8.500  0.045   -9.455  1.00 91.11  ? 9   DC  A H5     1 
ATOM   283  H  H6     . DC  A 1 9  ? -9.688  1.547   -10.687 1.00 94.02  ? 9   DC  A H6     1 
ATOM   284  P  P      . DT  A 1 10 ? -9.512  5.984   -15.144 1.00 131.96 ? 10  DT  A P      1 
ATOM   285  O  OP1    . DT  A 1 10 ? -10.447 6.782   -15.967 1.00 129.18 ? 10  DT  A OP1    1 
ATOM   286  O  OP2    . DT  A 1 10 ? -9.006  4.687   -15.650 1.00 112.01 ? 10  DT  A OP2    1 
ATOM   287  O  "O5'"  . DT  A 1 10 ? -8.250  6.895   -14.778 1.00 113.42 ? 10  DT  A "O5'"  1 
ATOM   288  C  "C5'"  . DT  A 1 10 ? -7.352  6.486   -13.752 1.00 98.71  ? 10  DT  A "C5'"  1 
ATOM   289  C  "C4'"  . DT  A 1 10 ? -5.981  7.091   -13.964 1.00 100.90 ? 10  DT  A "C4'"  1 
ATOM   290  O  "O4'"  . DT  A 1 10 ? -5.017  6.415   -13.112 1.00 94.62  ? 10  DT  A "O4'"  1 
ATOM   291  C  "C3'"  . DT  A 1 10 ? -5.443  6.952   -15.378 1.00 97.10  ? 10  DT  A "C3'"  1 
ATOM   292  O  "O3'"  . DT  A 1 10 ? -4.622  8.063   -15.717 1.00 95.95  ? 10  DT  A "O3'"  1 
ATOM   293  C  "C2'"  . DT  A 1 10 ? -4.664  5.646   -15.318 1.00 92.27  ? 10  DT  A "C2'"  1 
ATOM   294  C  "C1'"  . DT  A 1 10 ? -4.119  5.639   -13.893 1.00 84.74  ? 10  DT  A "C1'"  1 
ATOM   295  N  N1     . DT  A 1 10 ? -4.005  4.277   -13.259 1.00 65.48  ? 10  DT  A N1     1 
ATOM   296  C  C2     . DT  A 1 10 ? -2.839  3.938   -12.609 1.00 64.19  ? 10  DT  A C2     1 
ATOM   297  O  O2     . DT  A 1 10 ? -1.874  4.678   -12.540 1.00 66.38  ? 10  DT  A O2     1 
ATOM   298  N  N3     . DT  A 1 10 ? -2.836  2.690   -12.045 1.00 60.49  ? 10  DT  A N3     1 
ATOM   299  C  C4     . DT  A 1 10 ? -3.863  1.765   -12.058 1.00 70.22  ? 10  DT  A C4     1 
ATOM   300  O  O4     . DT  A 1 10 ? -3.763  0.664   -11.520 1.00 65.39  ? 10  DT  A O4     1 
ATOM   301  C  C5     . DT  A 1 10 ? -5.061  2.182   -12.746 1.00 71.66  ? 10  DT  A C5     1 
ATOM   302  C  C7     . DT  A 1 10 ? -6.240  1.257   -12.826 1.00 69.87  ? 10  DT  A C7     1 
ATOM   303  C  C6     . DT  A 1 10 ? -5.079  3.406   -13.303 1.00 65.11  ? 10  DT  A C6     1 
ATOM   304  H  "H5'"  . DT  A 1 10 ? -7.279  5.519   -13.760 1.00 118.47 ? 10  DT  A "H5'"  1 
ATOM   305  H  "H5''" . DT  A 1 10 ? -7.699  6.774   -12.893 1.00 118.47 ? 10  DT  A "H5''" 1 
ATOM   306  H  "H4'"  . DT  A 1 10 ? -6.009  8.031   -13.728 1.00 121.09 ? 10  DT  A "H4'"  1 
ATOM   307  H  "H3'"  . DT  A 1 10 ? -6.178  6.873   -16.006 1.00 116.53 ? 10  DT  A "H3'"  1 
ATOM   308  H  "H2'"  . DT  A 1 10 ? -5.253  4.888   -15.463 1.00 110.73 ? 10  DT  A "H2'"  1 
ATOM   309  H  "H2''" . DT  A 1 10 ? -3.940  5.649   -15.963 1.00 110.73 ? 10  DT  A "H2''" 1 
ATOM   310  H  "H1'"  . DT  A 1 10 ? -3.248  6.065   -13.888 1.00 101.70 ? 10  DT  A "H1'"  1 
ATOM   311  H  H3     . DT  A 1 10 ? -2.115  2.456   -11.638 1.00 72.60  ? 10  DT  A H3     1 
ATOM   312  H  H71    . DT  A 1 10 ? -7.008  1.677   -12.406 1.00 83.85  ? 10  DT  A H71    1 
ATOM   313  H  H72    . DT  A 1 10 ? -6.443  1.070   -13.755 1.00 83.85  ? 10  DT  A H72    1 
ATOM   314  H  H73    . DT  A 1 10 ? -6.034  0.429   -12.366 1.00 83.85  ? 10  DT  A H73    1 
ATOM   315  H  H6     . DT  A 1 10 ? -5.849  3.677   -13.748 1.00 78.14  ? 10  DT  A H6     1 
ATOM   316  P  P      . DG  A 1 11 ? -4.248  8.348   -17.255 1.00 132.95 ? 11  DG  A P      1 
ATOM   317  O  OP1    . DG  A 1 11 ? -5.090  9.479   -17.707 1.00 112.85 ? 11  DG  A OP1    1 
ATOM   318  O  OP2    . DG  A 1 11 ? -4.300  7.053   -17.975 1.00 90.33  ? 11  DG  A OP2    1 
ATOM   319  O  "O5'"  . DG  A 1 11 ? -2.722  8.835   -17.199 1.00 109.89 ? 11  DG  A "O5'"  1 
ATOM   320  C  "C5'"  . DG  A 1 11 ? -1.866  8.396   -16.144 1.00 103.86 ? 11  DG  A "C5'"  1 
ATOM   321  C  "C4'"  . DG  A 1 11 ? -0.642  7.667   -16.681 1.00 98.00  ? 11  DG  A "C4'"  1 
ATOM   322  O  "O4'"  . DG  A 1 11 ? -0.588  6.330   -16.102 1.00 85.31  ? 11  DG  A "O4'"  1 
ATOM   323  C  "C3'"  . DG  A 1 11 ? -0.604  7.458   -18.199 1.00 90.06  ? 11  DG  A "C3'"  1 
ATOM   324  O  "O3'"  . DG  A 1 11 ? 0.733   7.571   -18.682 1.00 83.58  ? 11  DG  A "O3'"  1 
ATOM   325  C  "C2'"  . DG  A 1 11 ? -1.159  6.050   -18.352 1.00 78.83  ? 11  DG  A "C2'"  1 
ATOM   326  C  "C1'"  . DG  A 1 11 ? -0.568  5.362   -17.135 1.00 71.13  ? 11  DG  A "C1'"  1 
ATOM   327  N  N9     . DG  A 1 11 ? -1.293  4.175   -16.688 1.00 62.17  ? 11  DG  A N9     1 
ATOM   328  C  C8     . DG  A 1 11 ? -2.572  3.797   -17.019 1.00 66.24  ? 11  DG  A C8     1 
ATOM   329  N  N7     . DG  A 1 11 ? -2.946  2.680   -16.458 1.00 62.42  ? 11  DG  A N7     1 
ATOM   330  C  C5     . DG  A 1 11 ? -1.838  2.288   -15.716 1.00 67.15  ? 11  DG  A C5     1 
ATOM   331  C  C6     . DG  A 1 11 ? -1.645  1.151   -14.896 1.00 67.13  ? 11  DG  A C6     1 
ATOM   332  O  O6     . DG  A 1 11 ? -2.441  0.232   -14.654 1.00 67.93  ? 11  DG  A O6     1 
ATOM   333  N  N1     . DG  A 1 11 ? -0.372  1.140   -14.326 1.00 63.11  ? 11  DG  A N1     1 
ATOM   334  C  C2     . DG  A 1 11 ? 0.588   2.105   -14.528 1.00 62.30  ? 11  DG  A C2     1 
ATOM   335  N  N2     . DG  A 1 11 ? 1.755   1.925   -13.897 1.00 59.00  ? 11  DG  A N2     1 
ATOM   336  N  N3     . DG  A 1 11 ? 0.417   3.172   -15.293 1.00 57.13  ? 11  DG  A N3     1 
ATOM   337  C  C4     . DG  A 1 11 ? -0.814  3.197   -15.852 1.00 63.49  ? 11  DG  A C4     1 
ATOM   338  H  "H5'"  . DG  A 1 11 ? -2.361  7.797   -15.564 1.00 124.64 ? 11  DG  A "H5'"  1 
ATOM   339  H  "H5''" . DG  A 1 11 ? -1.575  9.165   -15.631 1.00 124.64 ? 11  DG  A "H5''" 1 
ATOM   340  H  "H4'"  . DG  A 1 11 ? 0.153   8.155   -16.414 1.00 117.61 ? 11  DG  A "H4'"  1 
ATOM   341  H  "H3'"  . DG  A 1 11 ? -1.181  8.098   -18.642 1.00 108.08 ? 11  DG  A "H3'"  1 
ATOM   342  H  "H2'"  . DG  A 1 11 ? -2.128  6.053   -18.312 1.00 94.61  ? 11  DG  A "H2'"  1 
ATOM   343  H  "H2''" . DG  A 1 11 ? -0.842  5.639   -19.171 1.00 94.61  ? 11  DG  A "H2''" 1 
ATOM   344  H  "H1'"  . DG  A 1 11 ? 0.352   5.120   -17.324 1.00 85.36  ? 11  DG  A "H1'"  1 
ATOM   345  H  H8     . DG  A 1 11 ? -3.123  4.297   -17.577 1.00 79.50  ? 11  DG  A H8     1 
ATOM   346  H  H1     . DG  A 1 11 ? -0.171  0.479   -13.813 1.00 75.75  ? 11  DG  A H1     1 
ATOM   347  H  H21    . DG  A 1 11 ? 2.393   2.492   -14.003 1.00 70.80  ? 11  DG  A H21    1 
ATOM   348  H  H22    . DG  A 1 11 ? 1.868   1.243   -13.387 1.00 70.80  ? 11  DG  A H22    1 
ATOM   349  P  P      . DA  A 1 12 ? 1.036   7.602   -20.260 1.00 100.63 ? 12  DA  A P      1 
ATOM   350  O  OP1    . DA  A 1 12 ? 0.415   8.836   -20.790 1.00 94.82  ? 12  DA  A OP1    1 
ATOM   351  O  OP2    . DA  A 1 12 ? 0.661   6.290   -20.833 1.00 65.62  ? 12  DA  A OP2    1 
ATOM   352  O  "O5'"  . DA  A 1 12 ? 2.632   7.754   -20.358 1.00 80.11  ? 12  DA  A "O5'"  1 
ATOM   353  C  "C5'"  . DA  A 1 12 ? 3.466   7.564   -19.203 1.00 72.64  ? 12  DA  A "C5'"  1 
ATOM   354  C  "C4'"  . DA  A 1 12 ? 4.214   6.241   -19.265 1.00 68.56  ? 12  DA  A "C4'"  1 
ATOM   355  O  "O4'"  . DA  A 1 12 ? 3.590   5.287   -18.377 1.00 70.30  ? 12  DA  A "O4'"  1 
ATOM   356  C  "C3'"  . DA  A 1 12 ? 4.220   5.558   -20.621 1.00 80.53  ? 12  DA  A "C3'"  1 
ATOM   357  O  "O3'"  . DA  A 1 12 ? 5.269   6.063   -21.441 1.00 90.94  ? 12  DA  A "O3'"  1 
ATOM   358  C  "C2'"  . DA  A 1 12 ? 4.417   4.089   -20.259 1.00 77.56  ? 12  DA  A "C2'"  1 
ATOM   359  C  "C1'"  . DA  A 1 12 ? 3.797   3.969   -18.863 1.00 62.66  ? 12  DA  A "C1'"  1 
ATOM   360  N  N9     . DA  A 1 12 ? 2.519   3.264   -18.848 1.00 57.81  ? 12  DA  A N9     1 
ATOM   361  C  C8     . DA  A 1 12 ? 1.364   3.643   -19.472 1.00 60.68  ? 12  DA  A C8     1 
ATOM   362  N  N7     . DA  A 1 12 ? 0.363   2.815   -19.284 1.00 58.31  ? 12  DA  A N7     1 
ATOM   363  C  C5     . DA  A 1 12 ? 0.899   1.826   -18.476 1.00 58.48  ? 12  DA  A C5     1 
ATOM   364  C  C6     . DA  A 1 12 ? 0.347   0.657   -17.916 1.00 63.49  ? 12  DA  A C6     1 
ATOM   365  N  N6     . DA  A 1 12 ? -0.922  0.282   -18.103 1.00 69.04  ? 12  DA  A N6     1 
ATOM   366  N  N1     . DA  A 1 12 ? 1.154   -0.114  -17.156 1.00 57.17  ? 12  DA  A N1     1 
ATOM   367  C  C2     . DA  A 1 12 ? 2.425   0.267   -16.973 1.00 63.11  ? 12  DA  A C2     1 
ATOM   368  N  N3     . DA  A 1 12 ? 3.055   1.343   -17.447 1.00 51.69  ? 12  DA  A N3     1 
ATOM   369  C  C4     . DA  A 1 12 ? 2.227   2.088   -18.195 1.00 54.74  ? 12  DA  A C4     1 
ATOM   370  H  "H5'"  . DA  A 1 12 ? 2.912   7.578   -18.407 1.00 87.17  ? 12  DA  A "H5'"  1 
ATOM   371  H  "H5''" . DA  A 1 12 ? 4.108   8.290   -19.154 1.00 87.17  ? 12  DA  A "H5''" 1 
ATOM   372  H  "H4'"  . DA  A 1 12 ? 5.130   6.384   -18.980 1.00 82.28  ? 12  DA  A "H4'"  1 
ATOM   373  H  "H3'"  . DA  A 1 12 ? 3.364   5.680   -21.059 1.00 96.64  ? 12  DA  A "H3'"  1 
ATOM   374  H  "HO3'" . DA  A 1 12 ? 5.853   5.542   -21.745 1.00 109.14 ? 12  DA  A "HO3'" 1 
ATOM   375  H  "H2'"  . DA  A 1 12 ? 3.951   3.517   -20.888 1.00 93.08  ? 12  DA  A "H2'"  1 
ATOM   376  H  "H2''" . DA  A 1 12 ? 5.362   3.868   -20.232 1.00 93.08  ? 12  DA  A "H2''" 1 
ATOM   377  H  "H1'"  . DA  A 1 12 ? 4.420   3.511   -18.278 1.00 75.20  ? 12  DA  A "H1'"  1 
ATOM   378  H  H8     . DA  A 1 12 ? 1.295   4.415   -19.986 1.00 72.82  ? 12  DA  A H8     1 
ATOM   379  H  H61    . DA  A 1 12 ? -1.215  -0.439  -17.739 1.00 82.86  ? 12  DA  A H61    1 
ATOM   380  H  H62    . DA  A 1 12 ? -1.445  0.761   -18.588 1.00 82.86  ? 12  DA  A H62    1 
ATOM   381  H  H2     . DA  A 1 12 ? 2.939   -0.298  -16.443 1.00 75.74  ? 12  DA  A H2     1 
ATOM   382  P  P      . DC  B 2 1  ? 21.088  -7.200  -11.720 1.00 86.82  ? 12  DC  B P      1 
ATOM   383  O  OP1    . DC  B 2 1  ? 21.360  -6.392  -12.929 1.00 68.05  ? 12  DC  B OP1    1 
ATOM   384  O  OP2    . DC  B 2 1  ? 19.868  -8.034  -11.642 1.00 90.20  ? 12  DC  B OP2    1 
ATOM   385  O  "O5'"  . DC  B 2 1  ? 21.106  -6.237  -10.443 1.00 77.01  ? 12  DC  B "O5'"  1 
ATOM   386  C  "C5'"  . DC  B 2 1  ? 22.299  -5.550  -10.092 1.00 79.22  ? 12  DC  B "C5'"  1 
ATOM   387  C  "C4'"  . DC  B 2 1  ? 22.191  -4.927  -8.710  1.00 82.57  ? 12  DC  B "C4'"  1 
ATOM   388  O  "O4'"  . DC  B 2 1  ? 21.500  -3.666  -8.797  1.00 79.30  ? 12  DC  B "O4'"  1 
ATOM   389  C  "C3'"  . DC  B 2 1  ? 21.400  -5.742  -7.689  1.00 81.08  ? 12  DC  B "C3'"  1 
ATOM   390  O  "O3'"  . DC  B 2 1  ? 22.277  -6.522  -6.882  1.00 87.88  ? 12  DC  B "O3'"  1 
ATOM   391  C  "C2'"  . DC  B 2 1  ? 20.633  -4.690  -6.869  1.00 80.61  ? 12  DC  B "C2'"  1 
ATOM   392  C  "C1'"  . DC  B 2 1  ? 20.989  -3.356  -7.526  1.00 61.22  ? 12  DC  B "C1'"  1 
ATOM   393  N  N1     . DC  B 2 1  ? 19.827  -2.428  -7.688  1.00 55.04  ? 12  DC  B N1     1 
ATOM   394  C  C2     . DC  B 2 1  ? 19.725  -1.293  -6.873  1.00 63.18  ? 12  DC  B C2     1 
ATOM   395  O  O2     . DC  B 2 1  ? 20.601  -1.075  -6.027  1.00 72.82  ? 12  DC  B O2     1 
ATOM   396  N  N3     . DC  B 2 1  ? 18.667  -0.462  -7.035  1.00 61.17  ? 12  DC  B N3     1 
ATOM   397  C  C4     . DC  B 2 1  ? 17.743  -0.730  -7.958  1.00 60.07  ? 12  DC  B C4     1 
ATOM   398  N  N4     . DC  B 2 1  ? 16.719  0.120   -8.081  1.00 66.36  ? 12  DC  B N4     1 
ATOM   399  C  C5     . DC  B 2 1  ? 17.829  -1.880  -8.796  1.00 55.29  ? 12  DC  B C5     1 
ATOM   400  C  C6     . DC  B 2 1  ? 18.877  -2.692  -8.629  1.00 55.97  ? 12  DC  B C6     1 
ATOM   401  H  "H5'"  . DC  B 2 1  ? 22.466  -4.852  -10.744 1.00 95.08  ? 12  DC  B "H5'"  1 
ATOM   402  H  "H5''" . DC  B 2 1  ? 23.040  -6.177  -10.100 1.00 95.08  ? 12  DC  B "H5''" 1 
ATOM   403  H  "H4'"  . DC  B 2 1  ? 23.083  -4.772  -8.364  1.00 99.09  ? 12  DC  B "H4'"  1 
ATOM   404  H  "H3'"  . DC  B 2 1  ? 20.771  -6.321  -8.149  1.00 97.30  ? 12  DC  B "H3'"  1 
ATOM   405  H  "H2'"  . DC  B 2 1  ? 19.678  -4.849  -6.922  1.00 96.74  ? 12  DC  B "H2'"  1 
ATOM   406  H  "H2''" . DC  B 2 1  ? 20.928  -4.701  -5.944  1.00 96.74  ? 12  DC  B "H2''" 1 
ATOM   407  H  "H1'"  . DC  B 2 1  ? 21.678  -2.916  -7.004  1.00 73.48  ? 12  DC  B "H1'"  1 
ATOM   408  H  H41    . DC  B 2 1  ? 16.107  -0.028  -8.666  1.00 79.64  ? 12  DC  B H41    1 
ATOM   409  H  H42    . DC  B 2 1  ? 16.672  0.812   -7.574  1.00 79.64  ? 12  DC  B H42    1 
ATOM   410  H  H5     . DC  B 2 1  ? 17.179  -2.057  -9.437  1.00 66.36  ? 12  DC  B H5     1 
ATOM   411  H  H6     . DC  B 2 1  ? 18.959  -3.449  -9.162  1.00 67.17  ? 12  DC  B H6     1 
ATOM   412  P  P      . DG  B 2 2  ? 21.690  -7.443  -5.703  1.00 92.72  ? 13  DG  B P      1 
ATOM   413  O  OP1    . DG  B 2 2  ? 22.653  -8.540  -5.466  1.00 97.48  ? 13  DG  B OP1    1 
ATOM   414  O  OP2    . DG  B 2 2  ? 20.279  -7.750  -6.031  1.00 79.54  ? 13  DG  B OP2    1 
ATOM   415  O  "O5'"  . DG  B 2 2  ? 21.692  -6.478  -4.431  1.00 74.10  ? 13  DG  B "O5'"  1 
ATOM   416  C  "C5'"  . DG  B 2 2  ? 22.893  -5.829  -4.042  1.00 78.24  ? 13  DG  B "C5'"  1 
ATOM   417  C  "C4'"  . DG  B 2 2  ? 22.627  -4.804  -2.957  1.00 86.24  ? 13  DG  B "C4'"  1 
ATOM   418  O  "O4'"  . DG  B 2 2  ? 21.737  -3.778  -3.473  1.00 85.48  ? 13  DG  B "O4'"  1 
ATOM   419  C  "C3'"  . DG  B 2 2  ? 21.959  -5.365  -1.699  1.00 87.58  ? 13  DG  B "C3'"  1 
ATOM   420  O  "O3'"  . DG  B 2 2  ? 22.670  -4.959  -0.535  1.00 95.17  ? 13  DG  B "O3'"  1 
ATOM   421  C  "C2'"  . DG  B 2 2  ? 20.540  -4.800  -1.743  1.00 88.30  ? 13  DG  B "C2'"  1 
ATOM   422  C  "C1'"  . DG  B 2 2  ? 20.704  -3.524  -2.549  1.00 73.04  ? 13  DG  B "C1'"  1 
ATOM   423  N  N9     . DG  B 2 2  ? 19.510  -3.124  -3.291  1.00 63.07  ? 13  DG  B N9     1 
ATOM   424  C  C8     . DG  B 2 2  ? 18.894  -3.818  -4.305  1.00 54.79  ? 13  DG  B C8     1 
ATOM   425  N  N7     . DG  B 2 2  ? 17.849  -3.208  -4.792  1.00 53.29  ? 13  DG  B N7     1 
ATOM   426  C  C5     . DG  B 2 2  ? 17.768  -2.034  -4.057  1.00 62.25  ? 13  DG  B C5     1 
ATOM   427  C  C6     . DG  B 2 2  ? 16.836  -0.972  -4.138  1.00 66.50  ? 13  DG  B C6     1 
ATOM   428  O  O6     . DG  B 2 2  ? 15.865  -0.860  -4.900  1.00 66.59  ? 13  DG  B O6     1 
ATOM   429  N  N1     . DG  B 2 2  ? 17.115  0.032   -3.211  1.00 59.02  ? 13  DG  B N1     1 
ATOM   430  C  C2     . DG  B 2 2  ? 18.164  0.008   -2.321  1.00 57.83  ? 13  DG  B C2     1 
ATOM   431  N  N2     . DG  B 2 2  ? 18.272  1.064   -1.503  1.00 59.68  ? 13  DG  B N2     1 
ATOM   432  N  N3     . DG  B 2 2  ? 19.045  -0.981  -2.236  1.00 55.21  ? 13  DG  B N3     1 
ATOM   433  C  C4     . DG  B 2 2  ? 18.785  -1.964  -3.132  1.00 61.37  ? 13  DG  B C4     1 
ATOM   434  H  "H5'"  . DG  B 2 2  ? 23.278  -5.383  -4.813  1.00 93.90  ? 13  DG  B "H5'"  1 
ATOM   435  H  "H5''" . DG  B 2 2  ? 23.520  -6.490  -3.710  1.00 93.90  ? 13  DG  B "H5''" 1 
ATOM   436  H  "H4'"  . DG  B 2 2  ? 23.468  -4.391  -2.705  1.00 103.50 ? 13  DG  B "H4'"  1 
ATOM   437  H  "H3'"  . DG  B 2 2  ? 21.929  -6.333  -1.747  1.00 105.10 ? 13  DG  B "H3'"  1 
ATOM   438  H  "H2'"  . DG  B 2 2  ? 19.941  -5.415  -2.194  1.00 105.97 ? 13  DG  B "H2'"  1 
ATOM   439  H  "H2''" . DG  B 2 2  ? 20.222  -4.601  -0.849  1.00 105.97 ? 13  DG  B "H2''" 1 
ATOM   440  H  "H1'"  . DG  B 2 2  ? 20.973  -2.802  -1.958  1.00 87.65  ? 13  DG  B "H1'"  1 
ATOM   441  H  H8     . DG  B 2 2  ? 19.193  -4.643  -4.612  1.00 65.76  ? 13  DG  B H8     1 
ATOM   442  H  H1     . DG  B 2 2  ? 16.594  0.714   -3.194  1.00 70.84  ? 13  DG  B H1     1 
ATOM   443  H  H21    . DG  B 2 2  ? 18.911  1.099   -0.929  1.00 71.62  ? 13  DG  B H21    1 
ATOM   444  H  H22    . DG  B 2 2  ? 17.703  1.706   -1.554  1.00 71.62  ? 13  DG  B H22    1 
ATOM   445  P  P      . DG  B 2 3  ? 22.223  -5.490  0.913   1.00 91.32  ? 14  DG  B P      1 
ATOM   446  O  OP1    . DG  B 2 3  ? 23.432  -5.526  1.766   1.00 90.96  ? 14  DG  B OP1    1 
ATOM   447  O  OP2    . DG  B 2 3  ? 21.420  -6.717  0.715   1.00 76.45  ? 14  DG  B OP2    1 
ATOM   448  O  "O5'"  . DG  B 2 3  ? 21.248  -4.344  1.451   1.00 73.36  ? 14  DG  B "O5'"  1 
ATOM   449  C  "C5'"  . DG  B 2 3  ? 21.694  -2.996  1.472   1.00 82.40  ? 14  DG  B "C5'"  1 
ATOM   450  C  "C4'"  . DG  B 2 3  ? 20.652  -2.084  2.096   1.00 87.83  ? 14  DG  B "C4'"  1 
ATOM   451  O  "O4'"  . DG  B 2 3  ? 19.638  -1.759  1.104   1.00 89.26  ? 14  DG  B "O4'"  1 
ATOM   452  C  "C3'"  . DG  B 2 3  ? 19.910  -2.682  3.289   1.00 77.74  ? 14  DG  B "C3'"  1 
ATOM   453  O  "O3'"  . DG  B 2 3  ? 19.796  -1.724  4.332   1.00 87.77  ? 14  DG  B "O3'"  1 
ATOM   454  C  "C2'"  . DG  B 2 3  ? 18.556  -3.081  2.711   1.00 83.70  ? 14  DG  B "C2'"  1 
ATOM   455  C  "C1'"  . DG  B 2 3  ? 18.352  -2.068  1.600   1.00 77.83  ? 14  DG  B "C1'"  1 
ATOM   456  N  N9     . DG  B 2 3  ? 17.535  -2.555  0.489   1.00 69.19  ? 14  DG  B N9     1 
ATOM   457  C  C8     . DG  B 2 3  ? 17.696  -3.732  -0.202  1.00 67.32  ? 14  DG  B C8     1 
ATOM   458  N  N7     . DG  B 2 3  ? 16.820  -3.898  -1.154  1.00 72.07  ? 14  DG  B N7     1 
ATOM   459  C  C5     . DG  B 2 3  ? 16.029  -2.758  -1.093  1.00 66.66  ? 14  DG  B C5     1 
ATOM   460  C  C6     . DG  B 2 3  ? 14.918  -2.378  -1.880  1.00 62.74  ? 14  DG  B C6     1 
ATOM   461  O  O6     . DG  B 2 3  ? 14.395  -2.996  -2.820  1.00 63.97  ? 14  DG  B O6     1 
ATOM   462  N  N1     . DG  B 2 3  ? 14.405  -1.144  -1.487  1.00 58.60  ? 14  DG  B N1     1 
ATOM   463  C  C2     . DG  B 2 3  ? 14.908  -0.374  -0.464  1.00 59.47  ? 14  DG  B C2     1 
ATOM   464  N  N2     . DG  B 2 3  ? 14.281  0.788   -0.231  1.00 52.68  ? 14  DG  B N2     1 
ATOM   465  N  N3     . DG  B 2 3  ? 15.950  -0.719  0.282   1.00 59.62  ? 14  DG  B N3     1 
ATOM   466  C  C4     . DG  B 2 3  ? 16.458  -1.920  -0.088  1.00 65.20  ? 14  DG  B C4     1 
ATOM   467  H  "H5'"  . DG  B 2 3  ? 21.869  -2.703  0.564   1.00 98.88  ? 14  DG  B "H5'"  1 
ATOM   468  H  "H5''" . DG  B 2 3  ? 22.514  -2.940  1.987   1.00 98.88  ? 14  DG  B "H5''" 1 
ATOM   469  H  "H4'"  . DG  B 2 3  ? 21.086  -1.264  2.378   1.00 105.40 ? 14  DG  B "H4'"  1 
ATOM   470  H  "H3'"  . DG  B 2 3  ? 20.379  -3.468  3.611   1.00 93.29  ? 14  DG  B "H3'"  1 
ATOM   471  H  "H2'"  . DG  B 2 3  ? 18.588  -3.983  2.354   1.00 100.45 ? 14  DG  B "H2'"  1 
ATOM   472  H  "H2''" . DG  B 2 3  ? 17.859  -3.000  3.382   1.00 100.45 ? 14  DG  B "H2''" 1 
ATOM   473  H  "H1'"  . DG  B 2 3  ? 17.949  -1.265  1.966   1.00 93.40  ? 14  DG  B "H1'"  1 
ATOM   474  H  H8     . DG  B 2 3  ? 18.363  -4.350  -0.009  1.00 80.79  ? 14  DG  B H8     1 
ATOM   475  H  H1     . DG  B 2 3  ? 13.727  -0.840  -1.917  1.00 70.33  ? 14  DG  B H1     1 
ATOM   476  H  H21    . DG  B 2 3  ? 14.552  1.304   0.401   1.00 63.22  ? 14  DG  B H21    1 
ATOM   477  H  H22    . DG  B 2 3  ? 13.608  1.017   -0.714  1.00 63.22  ? 14  DG  B H22    1 
ATOM   478  P  P      . DA  B 2 4  ? 19.170  -2.138  5.751   1.00 108.28 ? 15  DA  B P      1 
ATOM   479  O  OP1    . DA  B 2 4  ? 20.163  -1.808  6.797   1.00 93.29  ? 15  DA  B OP1    1 
ATOM   480  O  OP2    . DA  B 2 4  ? 18.651  -3.520  5.628   1.00 80.46  ? 15  DA  B OP2    1 
ATOM   481  O  "O5'"  . DA  B 2 4  ? 17.923  -1.152  5.911   1.00 85.49  ? 15  DA  B "O5'"  1 
ATOM   482  C  "C5'"  . DA  B 2 4  ? 18.096  0.243   5.704   1.00 86.53  ? 15  DA  B "C5'"  1 
ATOM   483  C  "C4'"  . DA  B 2 4  ? 16.767  0.967   5.766   1.00 91.61  ? 15  DA  B "C4'"  1 
ATOM   484  O  "O4'"  . DA  B 2 4  ? 16.024  0.717   4.539   1.00 81.55  ? 15  DA  B "O4'"  1 
ATOM   485  C  "C3'"  . DA  B 2 4  ? 15.859  0.527   6.912   1.00 97.50  ? 15  DA  B "C3'"  1 
ATOM   486  O  "O3'"  . DA  B 2 4  ? 15.194  1.643   7.491   1.00 99.56  ? 15  DA  B "O3'"  1 
ATOM   487  C  "C2'"  . DA  B 2 4  ? 14.896  -0.448  6.246   1.00 92.40  ? 15  DA  B "C2'"  1 
ATOM   488  C  "C1'"  . DA  B 2 4  ? 14.786  0.096   4.830   1.00 72.28  ? 15  DA  B "C1'"  1 
ATOM   489  N  N9     . DA  B 2 4  ? 14.531  -0.933  3.822   1.00 65.80  ? 15  DA  B N9     1 
ATOM   490  C  C8     . DA  B 2 4  ? 15.214  -2.104  3.648   1.00 69.55  ? 15  DA  B C8     1 
ATOM   491  N  N7     . DA  B 2 4  ? 14.762  -2.840  2.659   1.00 64.71  ? 15  DA  B N7     1 
ATOM   492  C  C5     . DA  B 2 4  ? 13.710  -2.098  2.148   1.00 65.52  ? 15  DA  B C5     1 
ATOM   493  C  C6     . DA  B 2 4  ? 12.815  -2.329  1.084   1.00 65.38  ? 15  DA  B C6     1 
ATOM   494  N  N6     . DA  B 2 4  ? 12.851  -3.423  0.316   1.00 60.17  ? 15  DA  B N6     1 
ATOM   495  N  N1     . DA  B 2 4  ? 11.882  -1.387  0.836   1.00 62.88  ? 15  DA  B N1     1 
ATOM   496  C  C2     . DA  B 2 4  ? 11.850  -0.292  1.607   1.00 56.71  ? 15  DA  B C2     1 
ATOM   497  N  N3     . DA  B 2 4  ? 12.636  0.035   2.632   1.00 62.20  ? 15  DA  B N3     1 
ATOM   498  C  C4     . DA  B 2 4  ? 13.554  -0.919  2.853   1.00 64.17  ? 15  DA  B C4     1 
ATOM   499  H  "H5'"  . DA  B 2 4  ? 18.499  0.389   4.833   1.00 103.85 ? 15  DA  B "H5'"  1 
ATOM   500  H  "H5''" . DA  B 2 4  ? 18.684  0.597   6.390   1.00 103.85 ? 15  DA  B "H5''" 1 
ATOM   501  H  "H4'"  . DA  B 2 4  ? 16.931  1.920   5.845   1.00 109.94 ? 15  DA  B "H4'"  1 
ATOM   502  H  "H3'"  . DA  B 2 4  ? 16.381  0.066   7.587   1.00 117.01 ? 15  DA  B "H3'"  1 
ATOM   503  H  "H2'"  . DA  B 2 4  ? 15.265  -1.345  6.241   1.00 110.89 ? 15  DA  B "H2'"  1 
ATOM   504  H  "H2''" . DA  B 2 4  ? 14.032  -0.431  6.687   1.00 110.89 ? 15  DA  B "H2''" 1 
ATOM   505  H  "H1'"  . DA  B 2 4  ? 14.080  0.760   4.796   1.00 86.75  ? 15  DA  B "H1'"  1 
ATOM   506  H  H8     . DA  B 2 4  ? 15.931  -2.358  4.183   1.00 83.47  ? 15  DA  B H8     1 
ATOM   507  H  H61    . DA  B 2 4  ? 12.280  -3.521  -0.319  1.00 72.21  ? 15  DA  B H61    1 
ATOM   508  H  H62    . DA  B 2 4  ? 13.444  -4.028  0.458   1.00 72.21  ? 15  DA  B H62    1 
ATOM   509  H  H2     . DA  B 2 4  ? 11.189  0.327   1.396   1.00 68.05  ? 15  DA  B H2     1 
ATOM   510  P  P      . DA  B 2 5  ? 14.146  1.426   8.690   1.00 115.72 ? 16  DA  B P      1 
ATOM   511  O  OP1    . DA  B 2 5  ? 14.351  2.524   9.661   1.00 108.21 ? 16  DA  B OP1    1 
ATOM   512  O  OP2    . DA  B 2 5  ? 14.243  0.012   9.124   1.00 74.82  ? 16  DA  B OP2    1 
ATOM   513  O  "O5'"  . DA  B 2 5  ? 12.724  1.621   7.990   1.00 90.24  ? 16  DA  B "O5'"  1 
ATOM   514  C  "C5'"  . DA  B 2 5  ? 12.460  2.806   7.251   1.00 81.20  ? 16  DA  B "C5'"  1 
ATOM   515  C  "C4'"  . DA  B 2 5  ? 11.051  2.793   6.693   1.00 74.35  ? 16  DA  B "C4'"  1 
ATOM   516  O  "O4'"  . DA  B 2 5  ? 10.976  1.846   5.592   1.00 77.47  ? 16  DA  B "O4'"  1 
ATOM   517  C  "C3'"  . DA  B 2 5  ? 9.972   2.377   7.692   1.00 70.46  ? 16  DA  B "C3'"  1 
ATOM   518  O  "O3'"  . DA  B 2 5  ? 8.857   3.262   7.613   1.00 61.70  ? 16  DA  B "O3'"  1 
ATOM   519  C  "C2'"  . DA  B 2 5  ? 9.628   0.945   7.279   1.00 65.98  ? 16  DA  B "C2'"  1 
ATOM   520  C  "C1'"  . DA  B 2 5  ? 9.897   0.957   5.787   1.00 59.28  ? 16  DA  B "C1'"  1 
ATOM   521  N  N9     . DA  B 2 5  ? 10.266  -0.343  5.229   1.00 65.59  ? 16  DA  B N9     1 
ATOM   522  C  C8     . DA  B 2 5  ? 11.255  -1.181  5.665   1.00 66.77  ? 16  DA  B C8     1 
ATOM   523  N  N7     . DA  B 2 5  ? 11.369  -2.281  4.954   1.00 59.42  ? 16  DA  B N7     1 
ATOM   524  C  C5     . DA  B 2 5  ? 10.394  -2.148  3.978   1.00 61.45  ? 16  DA  B C5     1 
ATOM   525  C  C6     . DA  B 2 5  ? 9.999   -2.980  2.909   1.00 65.35  ? 16  DA  B C6     1 
ATOM   526  N  N6     . DA  B 2 5  ? 10.573  -4.156  2.639   1.00 62.68  ? 16  DA  B N6     1 
ATOM   527  N  N1     . DA  B 2 5  ? 8.988   -2.551  2.122   1.00 63.12  ? 16  DA  B N1     1 
ATOM   528  C  C2     . DA  B 2 5  ? 8.416   -1.371  2.394   1.00 70.05  ? 16  DA  B C2     1 
ATOM   529  N  N3     . DA  B 2 5  ? 8.699   -0.506  3.367   1.00 70.01  ? 16  DA  B N3     1 
ATOM   530  C  C4     . DA  B 2 5  ? 9.707   -0.959  4.131   1.00 66.94  ? 16  DA  B C4     1 
ATOM   531  H  "H5'"  . DA  B 2 5  ? 13.091  2.872   6.518   1.00 97.45  ? 16  DA  B "H5'"  1 
ATOM   532  H  "H5''" . DA  B 2 5  ? 12.565  3.574   7.833   1.00 97.45  ? 16  DA  B "H5''" 1 
ATOM   533  H  "H4'"  . DA  B 2 5  ? 10.840  3.679   6.358   1.00 89.23  ? 16  DA  B "H4'"  1 
ATOM   534  H  "H3'"  . DA  B 2 5  ? 10.336  2.382   8.591   1.00 84.56  ? 16  DA  B "H3'"  1 
ATOM   535  H  "H2'"  . DA  B 2 5  ? 10.206  0.310   7.728   1.00 79.18  ? 16  DA  B "H2'"  1 
ATOM   536  H  "H2''" . DA  B 2 5  ? 8.694   0.752   7.458   1.00 79.18  ? 16  DA  B "H2''" 1 
ATOM   537  H  "H1'"  . DA  B 2 5  ? 9.116   1.295   5.323   1.00 71.15  ? 16  DA  B "H1'"  1 
ATOM   538  H  H8     . DA  B 2 5  ? 11.793  -0.994  6.400   1.00 80.13  ? 16  DA  B H8     1 
ATOM   539  H  H61    . DA  B 2 5  ? 10.300  -4.625  1.972   1.00 75.23  ? 16  DA  B H61    1 
ATOM   540  H  H62    . DA  B 2 5  ? 11.215  -4.444  3.134   1.00 75.23  ? 16  DA  B H62    1 
ATOM   541  H  H2     . DA  B 2 5  ? 7.725   -1.121  1.824   1.00 84.07  ? 16  DA  B H2     1 
ATOM   542  P  P      . DC  B 2 6  ? 7.590   3.072   8.582   1.00 88.77  ? 17  DC  B P      1 
ATOM   543  O  OP1    . DC  B 2 6  ? 7.017   4.417   8.821   1.00 58.37  ? 17  DC  B OP1    1 
ATOM   544  O  OP2    . DC  B 2 6  ? 8.004   2.229   9.727   1.00 81.83  ? 17  DC  B OP2    1 
ATOM   545  O  "O5'"  . DC  B 2 6  ? 6.566   2.228   7.691   1.00 76.85  ? 17  DC  B "O5'"  1 
ATOM   546  C  "C5'"  . DC  B 2 6  ? 6.215   2.708   6.405   1.00 71.07  ? 17  DC  B "C5'"  1 
ATOM   547  C  "C4'"  . DC  B 2 6  ? 5.413   1.685   5.625   1.00 68.46  ? 17  DC  B "C4'"  1 
ATOM   548  O  "O4'"  . DC  B 2 6  ? 6.256   0.558   5.268   1.00 60.63  ? 17  DC  B "O4'"  1 
ATOM   549  C  "C3'"  . DC  B 2 6  ? 4.212   1.088   6.364   1.00 55.19  ? 17  DC  B "C3'"  1 
ATOM   550  O  "O3'"  . DC  B 2 6  ? 3.050   1.228   5.559   1.00 57.58  ? 17  DC  B "O3'"  1 
ATOM   551  C  "C2'"  . DC  B 2 6  ? 4.612   -0.376  6.582   1.00 62.58  ? 17  DC  B "C2'"  1 
ATOM   552  C  "C1'"  . DC  B 2 6  ? 5.500   -0.621  5.385   1.00 52.69  ? 17  DC  B "C1'"  1 
ATOM   553  N  N1     . DC  B 2 6  ? 6.443   -1.783  5.490   1.00 60.05  ? 17  DC  B N1     1 
ATOM   554  C  C2     . DC  B 2 6  ? 6.388   -2.806  4.533   1.00 58.79  ? 17  DC  B C2     1 
ATOM   555  O  O2     . DC  B 2 6  ? 5.536   -2.754  3.638   1.00 59.04  ? 17  DC  B O2     1 
ATOM   556  N  N3     . DC  B 2 6  ? 7.266   -3.835  4.618   1.00 50.21  ? 17  DC  B N3     1 
ATOM   557  C  C4     . DC  B 2 6  ? 8.170   -3.861  5.594   1.00 60.39  ? 17  DC  B C4     1 
ATOM   558  N  N4     . DC  B 2 6  ? 9.013   -4.898  5.634   1.00 67.47  ? 17  DC  B N4     1 
ATOM   559  C  C5     . DC  B 2 6  ? 8.254   -2.825  6.572   1.00 59.10  ? 17  DC  B C5     1 
ATOM   560  C  C6     . DC  B 2 6  ? 7.385   -1.811  6.478   1.00 63.43  ? 17  DC  B C6     1 
ATOM   561  H  "H5'"  . DC  B 2 6  ? 7.025   2.918   5.915   1.00 85.30  ? 17  DC  B "H5'"  1 
ATOM   562  H  "H5''" . DC  B 2 6  ? 5.687   3.517   6.503   1.00 85.30  ? 17  DC  B "H5''" 1 
ATOM   563  H  "H4'"  . DC  B 2 6  ? 5.095   2.101   4.809   1.00 82.16  ? 17  DC  B "H4'"  1 
ATOM   564  H  "H3'"  . DC  B 2 6  ? 4.089   1.533   7.217   1.00 66.23  ? 17  DC  B "H3'"  1 
ATOM   565  H  "H2'"  . DC  B 2 6  ? 5.106   -0.481  7.409   1.00 75.10  ? 17  DC  B "H2'"  1 
ATOM   566  H  "H2''" . DC  B 2 6  ? 3.833   -0.954  6.561   1.00 75.10  ? 17  DC  B "H2''" 1 
ATOM   567  H  "H1'"  . DC  B 2 6  ? 4.949   -0.727  4.593   1.00 63.23  ? 17  DC  B "H1'"  1 
ATOM   568  H  H41    . DC  B 2 6  ? 9.617   -4.936  6.245   1.00 80.97  ? 17  DC  B H41    1 
ATOM   569  H  H42    . DC  B 2 6  ? 8.950   -5.525  5.050   1.00 80.97  ? 17  DC  B H42    1 
ATOM   570  H  H5     . DC  B 2 6  ? 8.890   -2.853  7.249   1.00 70.93  ? 17  DC  B H5     1 
ATOM   571  H  H6     . DC  B 2 6  ? 7.413   -1.123  7.103   1.00 76.12  ? 17  DC  B H6     1 
ATOM   572  P  P      . DT  B 2 7  ? 1.583   1.049   6.182   1.00 75.24  ? 18  DT  B P      1 
ATOM   573  O  OP1    . DT  B 2 7  ? 0.831   2.300   5.929   1.00 58.57  ? 18  DT  B OP1    1 
ATOM   574  O  OP2    . DT  B 2 7  ? 1.728   0.547   7.567   1.00 77.96  ? 18  DT  B OP2    1 
ATOM   575  O  "O5'"  . DT  B 2 7  ? 0.955   -0.115  5.290   1.00 66.20  ? 18  DT  B "O5'"  1 
ATOM   576  C  "C5'"  . DT  B 2 7  ? 1.750   -1.237  4.942   1.00 59.18  ? 18  DT  B "C5'"  1 
ATOM   577  C  "C4'"  . DT  B 2 7  ? 1.017   -2.137  3.973   1.00 64.32  ? 18  DT  B "C4'"  1 
ATOM   578  O  "O4'"  . DT  B 2 7  ? 1.849   -3.274  3.637   1.00 66.40  ? 18  DT  B "O4'"  1 
ATOM   579  C  "C3'"  . DT  B 2 7  ? -0.259  -2.739  4.509   1.00 67.10  ? 18  DT  B "C3'"  1 
ATOM   580  O  "O3'"  . DT  B 2 7  ? -1.146  -3.044  3.439   1.00 73.38  ? 18  DT  B "O3'"  1 
ATOM   581  C  "C2'"  . DT  B 2 7  ? 0.244   -3.984  5.235   1.00 75.80  ? 18  DT  B "C2'"  1 
ATOM   582  C  "C1'"  . DT  B 2 7  ? 1.455   -4.409  4.397   1.00 69.12  ? 18  DT  B "C1'"  1 
ATOM   583  N  N1     . DT  B 2 7  ? 2.660   -4.870  5.181   1.00 62.87  ? 18  DT  B N1     1 
ATOM   584  C  C2     . DT  B 2 7  ? 3.397   -5.931  4.701   1.00 64.95  ? 18  DT  B C2     1 
ATOM   585  O  O2     . DT  B 2 7  ? 3.105   -6.545  3.689   1.00 68.16  ? 18  DT  B O2     1 
ATOM   586  N  N3     . DT  B 2 7  ? 4.493   -6.257  5.453   1.00 55.94  ? 18  DT  B N3     1 
ATOM   587  C  C4     . DT  B 2 7  ? 4.927   -5.638  6.608   1.00 63.29  ? 18  DT  B C4     1 
ATOM   588  O  O4     . DT  B 2 7  ? 5.928   -6.008  7.214   1.00 66.74  ? 18  DT  B O4     1 
ATOM   589  C  C5     . DT  B 2 7  ? 4.122   -4.526  7.054   1.00 57.25  ? 18  DT  B C5     1 
ATOM   590  C  C7     . DT  B 2 7  ? 4.497   -3.779  8.301   1.00 48.88  ? 18  DT  B C7     1 
ATOM   591  C  C6     . DT  B 2 7  ? 3.044   -4.192  6.324   1.00 57.18  ? 18  DT  B C6     1 
ATOM   592  H  "H5'"  . DT  B 2 7  ? 1.961   -1.739  5.746   1.00 71.03  ? 18  DT  B "H5'"  1 
ATOM   593  H  "H5''" . DT  B 2 7  ? 2.574   -0.930  4.533   1.00 71.03  ? 18  DT  B "H5''" 1 
ATOM   594  H  "H4'"  . DT  B 2 7  ? 0.819   -1.639  3.164   1.00 77.20  ? 18  DT  B "H4'"  1 
ATOM   595  H  "H3'"  . DT  B 2 7  ? -0.680  -2.131  5.136   1.00 80.53  ? 18  DT  B "H3'"  1 
ATOM   596  H  "H2'"  . DT  B 2 7  ? 0.514   -3.766  6.141   1.00 90.96  ? 18  DT  B "H2'"  1 
ATOM   597  H  "H2''" . DT  B 2 7  ? -0.433  -4.677  5.234   1.00 90.96  ? 18  DT  B "H2''" 1 
ATOM   598  H  "H1'"  . DT  B 2 7  ? 1.184   -5.116  3.790   1.00 82.96  ? 18  DT  B "H1'"  1 
ATOM   599  H  H3     . DT  B 2 7  ? 4.967   -6.918  5.172   1.00 67.13  ? 18  DT  B H3     1 
ATOM   600  H  H71    . DT  B 2 7  ? 4.659   -2.847  8.083   1.00 58.66  ? 18  DT  B H71    1 
ATOM   601  H  H72    . DT  B 2 7  ? 3.774   -3.841  8.944   1.00 58.66  ? 18  DT  B H72    1 
ATOM   602  H  H73    . DT  B 2 7  ? 5.301   -4.167  8.679   1.00 58.66  ? 18  DT  B H73    1 
ATOM   603  H  H6     . DT  B 2 7  ? 2.520   -3.480  6.611   1.00 68.63  ? 18  DT  B H6     1 
ATOM   604  P  P      . DC  B 2 8  ? -2.736  -2.919  3.631   1.00 88.31  ? 19  DC  B P      1 
ATOM   605  O  OP1    . DC  B 2 8  ? -3.277  -2.263  2.420   1.00 94.82  ? 19  DC  B OP1    1 
ATOM   606  O  OP2    . DC  B 2 8  ? -3.007  -2.334  4.965   1.00 72.16  ? 19  DC  B OP2    1 
ATOM   607  O  "O5'"  . DC  B 2 8  ? -3.220  -4.438  3.640   1.00 71.34  ? 19  DC  B "O5'"  1 
ATOM   608  C  "C5'"  . DC  B 2 8  ? -2.860  -5.288  2.567   1.00 76.06  ? 19  DC  B "C5'"  1 
ATOM   609  C  "C4'"  . DC  B 2 8  ? -2.461  -6.663  3.070   1.00 91.58  ? 19  DC  B "C4'"  1 
ATOM   610  O  "O4'"  . DC  B 2 8  ? -1.343  -6.545  3.976   1.00 77.84  ? 19  DC  B "O4'"  1 
ATOM   611  C  "C3'"  . DC  B 2 8  ? -3.547  -7.405  3.854   1.00 79.61  ? 19  DC  B "C3'"  1 
ATOM   612  O  "O3'"  . DC  B 2 8  ? -4.086  -8.463  3.070   1.00 82.40  ? 19  DC  B "O3'"  1 
ATOM   613  C  "C2'"  . DC  B 2 8  ? -2.838  -7.919  5.116   1.00 74.70  ? 19  DC  B "C2'"  1 
ATOM   614  C  "C1'"  . DC  B 2 8  ? -1.363  -7.653  4.836   1.00 75.70  ? 19  DC  B "C1'"  1 
ATOM   615  N  N1     . DC  B 2 8  ? -0.527  -7.343  6.052   1.00 70.22  ? 19  DC  B N1     1 
ATOM   616  C  C2     . DC  B 2 8  ? 0.726   -7.950  6.199   1.00 76.70  ? 19  DC  B C2     1 
ATOM   617  O  O2     . DC  B 2 8  ? 1.120   -8.740  5.330   1.00 80.78  ? 19  DC  B O2     1 
ATOM   618  N  N3     . DC  B 2 8  ? 1.475   -7.658  7.292   1.00 69.34  ? 19  DC  B N3     1 
ATOM   619  C  C4     . DC  B 2 8  ? 1.020   -6.800  8.206   1.00 60.60  ? 19  DC  B C4     1 
ATOM   620  N  N4     . DC  B 2 8  ? 1.798   -6.544  9.264   1.00 55.99  ? 19  DC  B N4     1 
ATOM   621  C  C5     . DC  B 2 8  ? -0.252  -6.168  8.076   1.00 64.55  ? 19  DC  B C5     1 
ATOM   622  C  C6     . DC  B 2 8  ? -0.985  -6.465  6.996   1.00 63.97  ? 19  DC  B C6     1 
ATOM   623  H  "H5'"  . DC  B 2 8  ? -2.114  -4.896  2.088   1.00 91.28  ? 19  DC  B "H5'"  1 
ATOM   624  H  "H5''" . DC  B 2 8  ? -3.615  -5.376  1.965   1.00 91.28  ? 19  DC  B "H5''" 1 
ATOM   625  H  "H4'"  . DC  B 2 8  ? -2.195  -7.208  2.312   1.00 109.90 ? 19  DC  B "H4'"  1 
ATOM   626  H  "H3'"  . DC  B 2 8  ? -4.252  -6.787  4.101   1.00 95.54  ? 19  DC  B "H3'"  1 
ATOM   627  H  "H2'"  . DC  B 2 8  ? -3.131  -7.424  5.897   1.00 89.65  ? 19  DC  B "H2'"  1 
ATOM   628  H  "H2''" . DC  B 2 8  ? -2.996  -8.870  5.232   1.00 89.65  ? 19  DC  B "H2''" 1 
ATOM   629  H  "H1'"  . DC  B 2 8  ? -0.984  -8.419  4.376   1.00 90.85  ? 19  DC  B "H1'"  1 
ATOM   630  H  H41    . DC  B 2 8  ? 1.535   -5.987  9.866   1.00 67.20  ? 19  DC  B H41    1 
ATOM   631  H  H42    . DC  B 2 8  ? 2.558   -6.936  9.344   1.00 67.20  ? 19  DC  B H42    1 
ATOM   632  H  H5     . DC  B 2 8  ? -0.561  -5.573  8.718   1.00 77.46  ? 19  DC  B H5     1 
ATOM   633  H  H6     . DC  B 2 8  ? -1.817  -6.066  6.883   1.00 76.77  ? 19  DC  B H6     1 
ATOM   634  P  P      . DA  B 2 9  ? -5.562  -9.019  3.369   1.00 107.64 ? 20  DA  B P      1 
ATOM   635  O  OP1    . DA  B 2 9  ? -5.977  -9.820  2.195   1.00 104.19 ? 20  DA  B OP1    1 
ATOM   636  O  OP2    . DA  B 2 9  ? -6.391  -7.880  3.824   1.00 78.02  ? 20  DA  B OP2    1 
ATOM   637  O  "O5'"  . DA  B 2 9  ? -5.352  -10.003 4.613   1.00 101.74 ? 20  DA  B "O5'"  1 
ATOM   638  C  "C5'"  . DA  B 2 9  ? -5.381  -11.416 4.423   1.00 100.90 ? 20  DA  B "C5'"  1 
ATOM   639  C  "C4'"  . DA  B 2 9  ? -4.086  -11.918 3.806   1.00 83.99  ? 20  DA  B "C4'"  1 
ATOM   640  O  "O4'"  . DA  B 2 9  ? -2.959  -11.225 4.407   1.00 92.72  ? 20  DA  B "O4'"  1 
ATOM   641  C  "C3'"  . DA  B 2 9  ? -3.805  -13.392 4.036   1.00 89.44  ? 20  DA  B "C3'"  1 
ATOM   642  O  "O3'"  . DA  B 2 9  ? -3.003  -13.927 2.987   1.00 83.52  ? 20  DA  B "O3'"  1 
ATOM   643  C  "C2'"  . DA  B 2 9  ? -3.082  -13.374 5.375   1.00 82.36  ? 20  DA  B "C2'"  1 
ATOM   644  C  "C1'"  . DA  B 2 9  ? -2.254  -12.101 5.279   1.00 72.92  ? 20  DA  B "C1'"  1 
ATOM   645  N  N9     . DA  B 2 9  ? -2.045  -11.413 6.553   1.00 73.45  ? 20  DA  B N9     1 
ATOM   646  C  C8     . DA  B 2 9  ? -2.899  -10.539 7.169   1.00 65.36  ? 20  DA  B C8     1 
ATOM   647  N  N7     . DA  B 2 9  ? -2.436  -10.051 8.295   1.00 60.98  ? 20  DA  B N7     1 
ATOM   648  C  C5     . DA  B 2 9  ? -1.194  -10.645 8.431   1.00 69.18  ? 20  DA  B C5     1 
ATOM   649  C  C6     . DA  B 2 9  ? -0.195  -10.544 9.421   1.00 67.95  ? 20  DA  B C6     1 
ATOM   650  N  N6     . DA  B 2 9  ? -0.311  -9.772  10.507  1.00 64.78  ? 20  DA  B N6     1 
ATOM   651  N  N1     . DA  B 2 9  ? 0.928   -11.272 9.253   1.00 73.21  ? 20  DA  B N1     1 
ATOM   652  C  C2     . DA  B 2 9  ? 1.038   -12.047 8.168   1.00 85.87  ? 20  DA  B C2     1 
ATOM   653  N  N3     . DA  B 2 9  ? 0.172   -12.220 7.167   1.00 80.98  ? 20  DA  B N3     1 
ATOM   654  C  C4     . DA  B 2 9  ? -0.934  -11.485 7.363   1.00 77.53  ? 20  DA  B C4     1 
ATOM   655  H  "H5'"  . DA  B 2 9  ? -6.120  -11.642 3.836   1.00 121.08 ? 20  DA  B "H5'"  1 
ATOM   656  H  "H5''" . DA  B 2 9  ? -5.512  -11.850 5.280   1.00 121.08 ? 20  DA  B "H5''" 1 
ATOM   657  H  "H4'"  . DA  B 2 9  ? -4.097  -11.741 2.853   1.00 100.79 ? 20  DA  B "H4'"  1 
ATOM   658  H  "H3'"  . DA  B 2 9  ? -4.637  -13.885 4.109   1.00 107.34 ? 20  DA  B "H3'"  1 
ATOM   659  H  "HO3'" . DA  B 2 9  ? -2.249  -14.254 3.160   1.00 100.24 ? 20  DA  B "HO3'" 1 
ATOM   660  H  "H2'"  . DA  B 2 9  ? -3.715  -13.320 6.107   1.00 98.84  ? 20  DA  B "H2'"  1 
ATOM   661  H  "H2''" . DA  B 2 9  ? -2.509  -14.151 5.468   1.00 98.84  ? 20  DA  B "H2''" 1 
ATOM   662  H  "H1'"  . DA  B 2 9  ? -1.393  -12.312 4.887   1.00 87.51  ? 20  DA  B "H1'"  1 
ATOM   663  H  H8     . DA  B 2 9  ? -3.728  -10.307 6.817   1.00 78.44  ? 20  DA  B H8     1 
ATOM   664  H  H61    . DA  B 2 9  ? 0.324   -9.747  11.086  1.00 77.74  ? 20  DA  B H61    1 
ATOM   665  H  H62    . DA  B 2 9  ? -1.020  -9.302  10.626  1.00 77.74  ? 20  DA  B H62    1 
ATOM   666  H  H2     . DA  B 2 9  ? 1.833   -12.524 8.095   1.00 103.05 ? 20  DA  B H2     1 
ATOM   667  P  P      . DT  C 3 1  ? -0.757  -11.028 -13.097 1.00 103.19 ? 0   DT  C P      1 
ATOM   668  O  OP1    . DT  C 3 1  ? -0.063  -12.185 -12.487 1.00 112.08 ? 0   DT  C OP1    1 
ATOM   669  O  OP2    . DT  C 3 1  ? -1.725  -10.236 -12.305 1.00 94.61  ? 0   DT  C OP2    1 
ATOM   670  O  "O5'"  . DT  C 3 1  ? 0.335   -10.016 -13.680 1.00 75.96  ? 0   DT  C "O5'"  1 
ATOM   671  C  "C5'"  . DT  C 3 1  ? 0.526   -8.756  -13.061 1.00 73.51  ? 0   DT  C "C5'"  1 
ATOM   672  C  "C4'"  . DT  C 3 1  ? 1.934   -8.238  -13.296 1.00 80.95  ? 0   DT  C "C4'"  1 
ATOM   673  O  "O4'"  . DT  C 3 1  ? 1.905   -7.219  -14.342 1.00 76.79  ? 0   DT  C "O4'"  1 
ATOM   674  C  "C3'"  . DT  C 3 1  ? 2.564   -7.543  -12.100 1.00 90.87  ? 0   DT  C "C3'"  1 
ATOM   675  O  "O3'"  . DT  C 3 1  ? 3.998   -7.610  -12.162 1.00 86.89  ? 0   DT  C "O3'"  1 
ATOM   676  C  "C2'"  . DT  C 3 1  ? 2.036   -6.134  -12.277 1.00 84.54  ? 0   DT  C "C2'"  1 
ATOM   677  C  "C1'"  . DT  C 3 1  ? 2.211   -5.953  -13.772 1.00 66.72  ? 0   DT  C "C1'"  1 
ATOM   678  N  N1     . DT  C 3 1  ? 1.326   -4.914  -14.375 1.00 67.81  ? 0   DT  C N1     1 
ATOM   679  C  C2     . DT  C 3 1  ? 1.876   -3.722  -14.789 1.00 74.89  ? 0   DT  C C2     1 
ATOM   680  O  O2     . DT  C 3 1  ? 3.062   -3.460  -14.687 1.00 83.88  ? 0   DT  C O2     1 
ATOM   681  N  N3     . DT  C 3 1  ? 0.986   -2.837  -15.332 1.00 69.21  ? 0   DT  C N3     1 
ATOM   682  C  C4     . DT  C 3 1  ? -0.373  -3.019  -15.499 1.00 69.21  ? 0   DT  C C4     1 
ATOM   683  O  O4     . DT  C 3 1  ? -1.094  -2.161  -16.000 1.00 70.48  ? 0   DT  C O4     1 
ATOM   684  C  C5     . DT  C 3 1  ? -0.887  -4.290  -15.044 1.00 65.69  ? 0   DT  C C5     1 
ATOM   685  C  C7     . DT  C 3 1  ? -2.347  -4.601  -15.171 1.00 66.00  ? 0   DT  C C7     1 
ATOM   686  C  C6     . DT  C 3 1  ? -0.023  -5.168  -14.511 1.00 64.40  ? 0   DT  C C6     1 
ATOM   687  H  "H5'"  . DT  C 3 1  ? 0.376   -8.844  -12.107 1.00 88.22  ? 0   DT  C "H5'"  1 
ATOM   688  H  "H5''" . DT  C 3 1  ? -0.111  -8.122  -13.426 1.00 88.22  ? 0   DT  C "H5''" 1 
ATOM   689  H  "H4'"  . DT  C 3 1  ? 2.502   -8.972  -13.579 1.00 97.15  ? 0   DT  C "H4'"  1 
ATOM   690  H  "H3'"  . DT  C 3 1  ? 2.238   -7.928  -11.272 1.00 109.05 ? 0   DT  C "H3'"  1 
ATOM   691  H  "H2'"  . DT  C 3 1  ? 1.101   -6.079  -12.025 1.00 101.46 ? 0   DT  C "H2'"  1 
ATOM   692  H  "H2''" . DT  C 3 1  ? 2.574   -5.495  -11.783 1.00 101.46 ? 0   DT  C "H2''" 1 
ATOM   693  H  "H1'"  . DT  C 3 1  ? 3.137   -5.733  -13.962 1.00 80.08  ? 0   DT  C "H1'"  1 
ATOM   694  H  H3     . DT  C 3 1  ? 1.307   -2.084  -15.597 1.00 83.06  ? 0   DT  C H3     1 
ATOM   695  H  H71    . DT  C 3 1  ? -2.462  -5.402  -15.705 1.00 79.21  ? 0   DT  C H71    1 
ATOM   696  H  H72    . DT  C 3 1  ? -2.725  -4.742  -14.290 1.00 79.21  ? 0   DT  C H72    1 
ATOM   697  H  H73    . DT  C 3 1  ? -2.799  -3.858  -15.602 1.00 79.21  ? 0   DT  C H73    1 
ATOM   698  H  H6     . DT  C 3 1  ? -0.349  -5.988  -14.217 1.00 77.29  ? 0   DT  C H6     1 
ATOM   699  P  P      . DC  C 3 2  ? 4.888   -7.467  -10.829 1.00 98.01  ? 1   DC  C P      1 
ATOM   700  O  OP1    . DC  C 3 2  ? 5.847   -8.593  -10.804 1.00 103.53 ? 1   DC  C OP1    1 
ATOM   701  O  OP2    . DC  C 3 2  ? 3.970   -7.265  -9.686  1.00 72.44  ? 1   DC  C OP2    1 
ATOM   702  O  "O5'"  . DC  C 3 2  ? 5.698   -6.105  -11.053 1.00 64.85  ? 1   DC  C "O5'"  1 
ATOM   703  C  "C5'"  . DC  C 3 2  ? 4.987   -4.921  -11.356 1.00 69.05  ? 1   DC  C "C5'"  1 
ATOM   704  C  "C4'"  . DC  C 3 2  ? 5.876   -3.698  -11.294 1.00 73.97  ? 1   DC  C "C4'"  1 
ATOM   705  O  "O4'"  . DC  C 3 2  ? 5.230   -2.604  -11.987 1.00 73.88  ? 1   DC  C "O4'"  1 
ATOM   706  C  "C3'"  . DC  C 3 2  ? 6.125   -3.154  -9.908  1.00 64.67  ? 1   DC  C "C3'"  1 
ATOM   707  O  "O3'"  . DC  C 3 2  ? 7.303   -2.353  -9.896  1.00 56.79  ? 1   DC  C "O3'"  1 
ATOM   708  C  "C2'"  . DC  C 3 2  ? 4.861   -2.340  -9.656  1.00 69.20  ? 1   DC  C "C2'"  1 
ATOM   709  C  "C1'"  . DC  C 3 2  ? 4.532   -1.792  -11.051 1.00 68.22  ? 1   DC  C "C1'"  1 
ATOM   710  N  N1     . DC  C 3 2  ? 3.069   -1.809  -11.417 1.00 60.24  ? 1   DC  C N1     1 
ATOM   711  C  C2     . DC  C 3 2  ? 2.514   -0.705  -12.074 1.00 59.57  ? 1   DC  C C2     1 
ATOM   712  O  O2     . DC  C 3 2  ? 3.228   0.274   -12.321 1.00 65.16  ? 1   DC  C O2     1 
ATOM   713  N  N3     . DC  C 3 2  ? 1.202   -0.734  -12.417 1.00 51.67  ? 1   DC  C N3     1 
ATOM   714  C  C4     . DC  C 3 2  ? 0.461   -1.806  -12.137 1.00 63.76  ? 1   DC  C C4     1 
ATOM   715  N  N4     . DC  C 3 2  ? -0.828  -1.785  -12.497 1.00 70.45  ? 1   DC  C N4     1 
ATOM   716  C  C5     . DC  C 3 2  ? 1.009   -2.945  -11.477 1.00 62.68  ? 1   DC  C C5     1 
ATOM   717  C  C6     . DC  C 3 2  ? 2.304   -2.906  -11.144 1.00 53.96  ? 1   DC  C C6     1 
ATOM   718  H  "H5'"  . DC  C 3 2  ? 4.261   -4.817  -10.720 1.00 82.87  ? 1   DC  C "H5'"  1 
ATOM   719  H  "H5''" . DC  C 3 2  ? 4.615   -4.996  -12.248 1.00 82.87  ? 1   DC  C "H5''" 1 
ATOM   720  H  "H4'"  . DC  C 3 2  ? 6.725   -3.894  -11.721 1.00 88.77  ? 1   DC  C "H4'"  1 
ATOM   721  H  "H3'"  . DC  C 3 2  ? 6.198   -3.877  -9.267  1.00 77.61  ? 1   DC  C "H3'"  1 
ATOM   722  H  "H2'"  . DC  C 3 2  ? 4.145   -2.910  -9.334  1.00 83.05  ? 1   DC  C "H2'"  1 
ATOM   723  H  "H2''" . DC  C 3 2  ? 5.035   -1.617  -9.034  1.00 83.05  ? 1   DC  C "H2''" 1 
ATOM   724  H  "H1'"  . DC  C 3 2  ? 4.862   -0.882  -11.116 1.00 81.87  ? 1   DC  C "H1'"  1 
ATOM   725  H  H41    . DC  C 3 2  ? -1.327  -2.469  -12.347 1.00 84.55  ? 1   DC  C H41    1 
ATOM   726  H  H42    . DC  C 3 2  ? -1.156  -1.087  -12.876 1.00 84.55  ? 1   DC  C H42    1 
ATOM   727  H  H5     . DC  C 3 2  ? 0.484   -3.688  -11.285 1.00 75.22  ? 1   DC  C H5     1 
ATOM   728  H  H6     . DC  C 3 2  ? 2.687   -3.634  -10.710 1.00 64.76  ? 1   DC  C H6     1 
ATOM   729  P  P      . DA  C 3 3  ? 7.980   -1.920  -8.507  1.00 71.41  ? 2   DA  C P      1 
ATOM   730  O  OP1    . DA  C 3 3  ? 9.414   -1.664  -8.767  1.00 54.64  ? 2   DA  C OP1    1 
ATOM   731  O  OP2    . DA  C 3 3  ? 7.586   -2.927  -7.496  1.00 79.01  ? 2   DA  C OP2    1 
ATOM   732  O  "O5'"  . DA  C 3 3  ? 7.265   -0.534  -8.147  1.00 59.80  ? 2   DA  C "O5'"  1 
ATOM   733  C  "C5'"  . DA  C 3 3  ? 7.604   0.650   -8.861  1.00 67.41  ? 2   DA  C "C5'"  1 
ATOM   734  C  "C4'"  . DA  C 3 3  ? 6.611   1.762   -8.574  1.00 65.81  ? 2   DA  C "C4'"  1 
ATOM   735  O  "O4'"  . DA  C 3 3  ? 5.361   1.475   -9.233  1.00 70.93  ? 2   DA  C "O4'"  1 
ATOM   736  C  "C3'"  . DA  C 3 3  ? 6.244   1.926   -7.110  1.00 59.94  ? 2   DA  C "C3'"  1 
ATOM   737  O  "O3'"  . DA  C 3 3  ? 7.177   2.777   -6.420  1.00 53.04  ? 2   DA  C "O3'"  1 
ATOM   738  C  "C2'"  . DA  C 3 3  ? 4.825   2.503   -7.156  1.00 68.08  ? 2   DA  C "C2'"  1 
ATOM   739  C  "C1'"  . DA  C 3 3  ? 4.302   2.112   -8.541  1.00 51.95  ? 2   DA  C "C1'"  1 
ATOM   740  N  N9     . DA  C 3 3  ? 3.165   1.202   -8.499  1.00 45.56  ? 2   DA  C N9     1 
ATOM   741  C  C8     . DA  C 3 3  ? 3.115   -0.022  -7.895  1.00 56.77  ? 2   DA  C C8     1 
ATOM   742  N  N7     . DA  C 3 3  ? 1.957   -0.628  -8.023  1.00 54.14  ? 2   DA  C N7     1 
ATOM   743  C  C5     . DA  C 3 3  ? 1.197   0.262   -8.761  1.00 52.53  ? 2   DA  C C5     1 
ATOM   744  C  C6     . DA  C 3 3  ? -0.128  0.213   -9.234  1.00 49.72  ? 2   DA  C C6     1 
ATOM   745  N  N6     . DA  C 3 3  ? -0.949  -0.819  -9.020  1.00 46.50  ? 2   DA  C N6     1 
ATOM   746  N  N1     . DA  C 3 3  ? -0.579  1.270   -9.940  1.00 52.29  ? 2   DA  C N1     1 
ATOM   747  C  C2     . DA  C 3 3  ? 0.247   2.299   -10.158 1.00 54.47  ? 2   DA  C C2     1 
ATOM   748  N  N3     . DA  C 3 3  ? 1.509   2.459   -9.764  1.00 51.85  ? 2   DA  C N3     1 
ATOM   749  C  C4     . DA  C 3 3  ? 1.927   1.394   -9.063  1.00 50.52  ? 2   DA  C C4     1 
ATOM   750  H  "H5'"  . DA  C 3 3  ? 7.602   0.460   -9.812  1.00 80.90  ? 2   DA  C "H5'"  1 
ATOM   751  H  "H5''" . DA  C 3 3  ? 8.491   0.938   -8.595  1.00 80.90  ? 2   DA  C "H5''" 1 
ATOM   752  H  "H4'"  . DA  C 3 3  ? 6.963   2.601   -8.910  1.00 78.98  ? 2   DA  C "H4'"  1 
ATOM   753  H  "H3'"  . DA  C 3 3  ? 6.224   1.054   -6.684  1.00 71.94  ? 2   DA  C "H3'"  1 
ATOM   754  H  "H2'"  . DA  C 3 3  ? 4.275   2.105   -6.462  1.00 81.71  ? 2   DA  C "H2'"  1 
ATOM   755  H  "H2''" . DA  C 3 3  ? 4.848   3.468   -7.063  1.00 81.71  ? 2   DA  C "H2''" 1 
ATOM   756  H  "H1'"  . DA  C 3 3  ? 4.048   2.915   -9.022  1.00 62.35  ? 2   DA  C "H1'"  1 
ATOM   757  H  H8     . DA  C 3 3  ? 3.834   -0.393  -7.436  1.00 68.13  ? 2   DA  C H8     1 
ATOM   758  H  H61    . DA  C 3 3  ? -1.751  -0.803  -9.330  1.00 55.81  ? 2   DA  C H61    1 
ATOM   759  H  H62    . DA  C 3 3  ? -0.675  -1.501  -8.571  1.00 55.81  ? 2   DA  C H62    1 
ATOM   760  H  H2     . DA  C 3 3  ? -0.110  3.003   -10.650 1.00 65.37  ? 2   DA  C H2     1 
ATOM   761  P  P      . DC  C 3 4  ? 7.585   4.229   -6.979  1.00 85.83  ? 3   DC  C P      1 
ATOM   762  O  OP1    . DC  C 3 4  ? 6.424   4.884   -7.619  1.00 72.93  ? 3   DC  C OP1    1 
ATOM   763  O  OP2    . DC  C 3 4  ? 8.839   4.055   -7.745  1.00 84.22  ? 3   DC  C OP2    1 
ATOM   764  O  "O5'"  . DC  C 3 4  ? 7.928   5.049   -5.653  1.00 84.94  ? 3   DC  C "O5'"  1 
ATOM   765  C  "C5'"  . DC  C 3 4  ? 7.122   4.886   -4.488  1.00 78.50  ? 3   DC  C "C5'"  1 
ATOM   766  C  "C4'"  . DC  C 3 4  ? 7.981   4.633   -3.261  1.00 68.85  ? 3   DC  C "C4'"  1 
ATOM   767  O  "O4'"  . DC  C 3 4  ? 8.307   3.239   -3.170  1.00 56.47  ? 3   DC  C "O4'"  1 
ATOM   768  C  "C3'"  . DC  C 3 4  ? 9.329   5.327   -3.263  1.00 77.24  ? 3   DC  C "C3'"  1 
ATOM   769  O  "O3'"  . DC  C 3 4  ? 9.209   6.643   -2.755  1.00 72.29  ? 3   DC  C "O3'"  1 
ATOM   770  C  "C2'"  . DC  C 3 4  ? 10.199  4.422   -2.378  1.00 61.36  ? 3   DC  C "C2'"  1 
ATOM   771  C  "C1'"  . DC  C 3 4  ? 9.435   3.094   -2.337  1.00 59.31  ? 3   DC  C "C1'"  1 
ATOM   772  N  N1     . DC  C 3 4  ? 10.217  1.907   -2.800  1.00 56.73  ? 3   DC  C N1     1 
ATOM   773  C  C2     . DC  C 3 4  ? 11.325  1.473   -2.063  1.00 57.21  ? 3   DC  C C2     1 
ATOM   774  O  O2     . DC  C 3 4  ? 11.661  2.103   -1.052  1.00 55.22  ? 3   DC  C O2     1 
ATOM   775  N  N3     . DC  C 3 4  ? 12.006  0.378   -2.486  1.00 53.93  ? 3   DC  C N3     1 
ATOM   776  C  C4     . DC  C 3 4  ? 11.613  -0.271  -3.583  1.00 55.59  ? 3   DC  C C4     1 
ATOM   777  N  N4     . DC  C 3 4  ? 12.315  -1.344  -3.963  1.00 56.32  ? 3   DC  C N4     1 
ATOM   778  C  C5     . DC  C 3 4  ? 10.482  0.149   -4.340  1.00 58.23  ? 3   DC  C C5     1 
ATOM   779  C  C6     . DC  C 3 4  ? 9.817   1.229   -3.914  1.00 55.82  ? 3   DC  C C6     1 
ATOM   780  H  "H5'"  . DC  C 3 4  ? 6.523   4.134   -4.617  1.00 94.21  ? 3   DC  C "H5'"  1 
ATOM   781  H  "H5''" . DC  C 3 4  ? 6.597   5.691   -4.349  1.00 94.21  ? 3   DC  C "H5''" 1 
ATOM   782  H  "H4'"  . DC  C 3 4  ? 7.489   4.896   -2.468  1.00 82.63  ? 3   DC  C "H4'"  1 
ATOM   783  H  "H3'"  . DC  C 3 4  ? 9.686   5.351   -4.164  1.00 92.69  ? 3   DC  C "H3'"  1 
ATOM   784  H  "H2'"  . DC  C 3 4  ? 11.074  4.297   -2.777  1.00 73.64  ? 3   DC  C "H2'"  1 
ATOM   785  H  "H2''" . DC  C 3 4  ? 10.280  4.795   -1.486  1.00 73.64  ? 3   DC  C "H2''" 1 
ATOM   786  H  "H1'"  . DC  C 3 4  ? 9.135   2.936   -1.428  1.00 71.18  ? 3   DC  C "H1'"  1 
ATOM   787  H  H41    . DC  C 3 4  ? 12.088  -1.780  -4.668  1.00 67.59  ? 3   DC  C H41    1 
ATOM   788  H  H42    . DC  C 3 4  ? 12.995  -1.599  -3.501  1.00 67.59  ? 3   DC  C H42    1 
ATOM   789  H  H5     . DC  C 3 4  ? 10.214  -0.311  -5.102  1.00 69.89  ? 3   DC  C H5     1 
ATOM   790  H  H6     . DC  C 3 4  ? 9.074   1.526   -4.389  1.00 66.99  ? 3   DC  C H6     1 
ATOM   791  P  P      . DC  C 3 5  ? 10.032  7.841   -3.435  1.00 82.72  ? 4   DC  C P      1 
ATOM   792  O  OP1    . DC  C 3 5  ? 9.403   9.112   -3.010  1.00 83.61  ? 4   DC  C OP1    1 
ATOM   793  O  OP2    . DC  C 3 5  ? 10.178  7.534   -4.875  1.00 62.43  ? 4   DC  C OP2    1 
ATOM   794  O  "O5'"  . DC  C 3 5  ? 11.474  7.722   -2.763  1.00 72.09  ? 4   DC  C "O5'"  1 
ATOM   795  C  "C5'"  . DC  C 3 5  ? 11.583  7.543   -1.358  1.00 77.99  ? 4   DC  C "C5'"  1 
ATOM   796  C  "C4'"  . DC  C 3 5  ? 12.987  7.126   -0.981  1.00 75.66  ? 4   DC  C "C4'"  1 
ATOM   797  O  "O4'"  . DC  C 3 5  ? 13.191  5.735   -1.352  1.00 71.29  ? 4   DC  C "O4'"  1 
ATOM   798  C  "C3'"  . DC  C 3 5  ? 14.089  7.927   -1.678  1.00 85.68  ? 4   DC  C "C3'"  1 
ATOM   799  O  "O3'"  . DC  C 3 5  ? 15.029  8.428   -0.738  1.00 86.09  ? 4   DC  C "O3'"  1 
ATOM   800  C  "C2'"  . DC  C 3 5  ? 14.714  6.929   -2.646  1.00 90.86  ? 4   DC  C "C2'"  1 
ATOM   801  C  "C1'"  . DC  C 3 5  ? 14.446  5.596   -1.974  1.00 60.70  ? 4   DC  C "C1'"  1 
ATOM   802  N  N1     . DC  C 3 5  ? 14.402  4.440   -2.921  1.00 53.45  ? 4   DC  C N1     1 
ATOM   803  C  C2     . DC  C 3 5  ? 15.305  3.380   -2.765  1.00 59.85  ? 4   DC  C C2     1 
ATOM   804  O  O2     . DC  C 3 5  ? 16.120  3.414   -1.835  1.00 58.43  ? 4   DC  C O2     1 
ATOM   805  N  N3     . DC  C 3 5  ? 15.256  2.340   -3.637  1.00 55.89  ? 4   DC  C N3     1 
ATOM   806  C  C4     . DC  C 3 5  ? 14.361  2.341   -4.628  1.00 57.16  ? 4   DC  C C4     1 
ATOM   807  N  N4     . DC  C 3 5  ? 14.350  1.297   -5.465  1.00 57.76  ? 4   DC  C N4     1 
ATOM   808  C  C5     . DC  C 3 5  ? 13.438  3.414   -4.806  1.00 62.92  ? 4   DC  C C5     1 
ATOM   809  C  C6     . DC  C 3 5  ? 13.495  4.432   -3.940  1.00 57.74  ? 4   DC  C C6     1 
ATOM   810  H  "H5'"  . DC  C 3 5  ? 10.959  6.857   -1.074  1.00 93.59  ? 4   DC  C "H5'"  1 
ATOM   811  H  "H5''" . DC  C 3 5  ? 11.366  8.377   -0.912  1.00 93.59  ? 4   DC  C "H5''" 1 
ATOM   812  H  "H4'"  . DC  C 3 5  ? 13.094  7.214   -0.021  1.00 90.80  ? 4   DC  C "H4'"  1 
ATOM   813  H  "H3'"  . DC  C 3 5  ? 13.695  8.662   -2.174  1.00 102.82 ? 4   DC  C "H3'"  1 
ATOM   814  H  "H2'"  . DC  C 3 5  ? 14.278  6.970   -3.512  1.00 109.04 ? 4   DC  C "H2'"  1 
ATOM   815  H  "H2''" . DC  C 3 5  ? 15.668  7.083   -2.732  1.00 109.04 ? 4   DC  C "H2''" 1 
ATOM   816  H  "H1'"  . DC  C 3 5  ? 15.123  5.434   -1.298  1.00 72.85  ? 4   DC  C "H1'"  1 
ATOM   817  H  H41    . DC  C 3 5  ? 13.780  1.267   -6.107  1.00 69.33  ? 4   DC  C H41    1 
ATOM   818  H  H42    . DC  C 3 5  ? 14.913  0.655   -5.359  1.00 69.33  ? 4   DC  C H42    1 
ATOM   819  H  H5     . DC  C 3 5  ? 12.818  3.406   -5.499  1.00 75.52  ? 4   DC  C H5     1 
ATOM   820  H  H6     . DC  C 3 5  ? 12.905  5.145   -4.032  1.00 69.29  ? 4   DC  C H6     1 
ATOM   821  P  P      . DG  C 3 6  ? 15.870  9.751   -1.086  1.00 93.92  ? 5   DG  C P      1 
ATOM   822  O  OP1    . DG  C 3 6  ? 16.872  9.946   -0.014  1.00 95.96  ? 5   DG  C OP1    1 
ATOM   823  O  OP2    . DG  C 3 6  ? 14.896  10.827  -1.380  1.00 102.41 ? 5   DG  C OP2    1 
ATOM   824  O  "O5'"  . DG  C 3 6  ? 16.606  9.380   -2.459  1.00 69.04  ? 5   DG  C "O5'"  1 
ATOM   825  C  "C5'"  . DG  C 3 6  ? 18.026  9.296   -2.513  1.00 86.16  ? 5   DG  C "C5'"  1 
ATOM   826  C  "C4'"  . DG  C 3 6  ? 18.539  8.127   -1.690  1.00 79.78  ? 5   DG  C "C4'"  1 
ATOM   827  O  "O4'"  . DG  C 3 6  ? 17.901  6.901   -2.143  1.00 80.59  ? 5   DG  C "O4'"  1 
ATOM   828  C  "C3'"  . DG  C 3 6  ? 20.037  7.876   -1.801  1.00 86.53  ? 5   DG  C "C3'"  1 
ATOM   829  O  "O3'"  . DG  C 3 6  ? 20.562  7.397   -0.567  1.00 81.02  ? 5   DG  C "O3'"  1 
ATOM   830  C  "C2'"  . DG  C 3 6  ? 20.122  6.839   -2.911  1.00 83.26  ? 5   DG  C "C2'"  1 
ATOM   831  C  "C1'"  . DG  C 3 6  ? 18.869  6.014   -2.678  1.00 70.41  ? 5   DG  C "C1'"  1 
ATOM   832  N  N9     . DG  C 3 6  ? 18.323  5.402   -3.885  1.00 63.49  ? 5   DG  C N9     1 
ATOM   833  C  C8     . DG  C 3 6  ? 17.304  5.886   -4.669  1.00 63.87  ? 5   DG  C C8     1 
ATOM   834  N  N7     . DG  C 3 6  ? 17.021  5.118   -5.686  1.00 57.64  ? 5   DG  C N7     1 
ATOM   835  C  C5     . DG  C 3 6  ? 17.904  4.053   -5.564  1.00 61.83  ? 5   DG  C C5     1 
ATOM   836  C  C6     . DG  C 3 6  ? 18.065  2.905   -6.376  1.00 68.30  ? 5   DG  C C6     1 
ATOM   837  O  O6     . DG  C 3 6  ? 17.437  2.594   -7.399  1.00 63.01  ? 5   DG  C O6     1 
ATOM   838  N  N1     . DG  C 3 6  ? 19.076  2.073   -5.899  1.00 72.16  ? 5   DG  C N1     1 
ATOM   839  C  C2     . DG  C 3 6  ? 19.835  2.320   -4.777  1.00 72.73  ? 5   DG  C C2     1 
ATOM   840  N  N2     . DG  C 3 6  ? 20.762  1.400   -4.473  1.00 76.42  ? 5   DG  C N2     1 
ATOM   841  N  N3     . DG  C 3 6  ? 19.693  3.393   -4.007  1.00 61.76  ? 5   DG  C N3     1 
ATOM   842  C  C4     . DG  C 3 6  ? 18.712  4.212   -4.459  1.00 63.25  ? 5   DG  C C4     1 
ATOM   843  H  "H5'"  . DG  C 3 6  ? 18.407  10.119  -2.166  1.00 103.39 ? 5   DG  C "H5'"  1 
ATOM   844  H  "H5''" . DG  C 3 6  ? 18.304  9.181   -3.435  1.00 103.39 ? 5   DG  C "H5''" 1 
ATOM   845  H  "H4'"  . DG  C 3 6  ? 18.312  8.275   -0.758  1.00 95.74  ? 5   DG  C "H4'"  1 
ATOM   846  H  "H3'"  . DG  C 3 6  ? 20.492  8.690   -2.068  1.00 103.85 ? 5   DG  C "H3'"  1 
ATOM   847  H  "HO3'" . DG  C 3 6  ? 20.926  6.642   -0.530  1.00 97.24  ? 5   DG  C "HO3'" 1 
ATOM   848  H  "H2'"  . DG  C 3 6  ? 20.098  7.265   -3.783  1.00 99.92  ? 5   DG  C "H2'"  1 
ATOM   849  H  "H2''" . DG  C 3 6  ? 20.918  6.293   -2.812  1.00 99.92  ? 5   DG  C "H2''" 1 
ATOM   850  H  "H1'"  . DG  C 3 6  ? 19.060  5.322   -2.027  1.00 84.51  ? 5   DG  C "H1'"  1 
ATOM   851  H  H8     . DG  C 3 6  ? 16.863  6.686   -4.496  1.00 76.65  ? 5   DG  C H8     1 
ATOM   852  H  H1     . DG  C 3 6  ? 19.239  1.352   -6.338  1.00 86.59  ? 5   DG  C H1     1 
ATOM   853  H  H21    . DG  C 3 6  ? 21.270  1.512   -3.787  1.00 91.71  ? 5   DG  C H21    1 
ATOM   854  H  H22    . DG  C 3 6  ? 20.852  0.701   -4.964  1.00 91.71  ? 5   DG  C H22    1 
ATOM   855  O  "O5'"  . DT  D 4 1  ? -3.810  -7.366  19.918  1.00 90.99  ? 2   DT  D "O5'"  1 
ATOM   856  C  "C5'"  . DT  D 4 1  ? -2.509  -6.821  20.101  1.00 84.10  ? 2   DT  D "C5'"  1 
ATOM   857  C  "C4'"  . DT  D 4 1  ? -1.522  -7.900  20.504  1.00 83.02  ? 2   DT  D "C4'"  1 
ATOM   858  O  "O4'"  . DT  D 4 1  ? -2.012  -9.191  20.052  1.00 78.29  ? 2   DT  D "O4'"  1 
ATOM   859  C  "C3'"  . DT  D 4 1  ? -0.129  -7.749  19.905  1.00 88.36  ? 2   DT  D "C3'"  1 
ATOM   860  O  "O3'"  . DT  D 4 1  ? 0.875   -8.179  20.821  1.00 88.21  ? 2   DT  D "O3'"  1 
ATOM   861  C  "C2'"  . DT  D 4 1  ? -0.188  -8.622  18.658  1.00 86.75  ? 2   DT  D "C2'"  1 
ATOM   862  C  "C1'"  . DT  D 4 1  ? -1.171  -9.720  19.043  1.00 77.12  ? 2   DT  D "C1'"  1 
ATOM   863  N  N1     . DT  D 4 1  ? -2.024  -10.181 17.908  1.00 77.65  ? 2   DT  D N1     1 
ATOM   864  C  C2     . DT  D 4 1  ? -1.744  -11.381 17.297  1.00 79.50  ? 2   DT  D C2     1 
ATOM   865  O  O2     . DT  D 4 1  ? -0.825  -12.105 17.637  1.00 81.61  ? 2   DT  D O2     1 
ATOM   866  N  N3     . DT  D 4 1  ? -2.587  -11.711 16.271  1.00 72.72  ? 2   DT  D N3     1 
ATOM   867  C  C4     . DT  D 4 1  ? -3.658  -10.975 15.800  1.00 72.41  ? 2   DT  D C4     1 
ATOM   868  O  O4     . DT  D 4 1  ? -4.357  -11.358 14.868  1.00 77.99  ? 2   DT  D O4     1 
ATOM   869  C  C5     . DT  D 4 1  ? -3.896  -9.726  16.482  1.00 70.09  ? 2   DT  D C5     1 
ATOM   870  C  C7     . DT  D 4 1  ? -5.031  -8.842  16.059  1.00 75.70  ? 2   DT  D C7     1 
ATOM   871  C  C6     . DT  D 4 1  ? -3.078  -9.391  17.491  1.00 76.72  ? 2   DT  D C6     1 
ATOM   872  H  "H5'"  . DT  D 4 1  ? -2.542  -6.144  20.796  1.00 100.93 ? 2   DT  D "H5'"  1 
ATOM   873  H  "H5''" . DT  D 4 1  ? -2.215  -6.412  19.272  1.00 100.93 ? 2   DT  D "H5''" 1 
ATOM   874  H  "H4'"  . DT  D 4 1  ? -1.448  -7.913  21.471  1.00 99.64  ? 2   DT  D "H4'"  1 
ATOM   875  H  "H3'"  . DT  D 4 1  ? 0.024   -6.824  19.653  1.00 106.04 ? 2   DT  D "H3'"  1 
ATOM   876  H  "H2'"  . DT  D 4 1  ? -0.522  -8.115  17.902  1.00 104.11 ? 2   DT  D "H2'"  1 
ATOM   877  H  "H2''" . DT  D 4 1  ? 0.684   -8.998  18.463  1.00 104.11 ? 2   DT  D "H2''" 1 
ATOM   878  H  "H1'"  . DT  D 4 1  ? -0.680  -10.476 19.401  1.00 92.56  ? 2   DT  D "H1'"  1 
ATOM   879  H  H3     . DT  D 4 1  ? -2.433  -12.459 15.875  1.00 87.28  ? 2   DT  D H3     1 
ATOM   880  H  H71    . DT  D 4 1  ? -5.506  -9.257  15.322  1.00 90.85  ? 2   DT  D H71    1 
ATOM   881  H  H72    . DT  D 4 1  ? -5.637  -8.715  16.805  1.00 90.85  ? 2   DT  D H72    1 
ATOM   882  H  H73    . DT  D 4 1  ? -4.681  -7.982  15.775  1.00 90.85  ? 2   DT  D H73    1 
ATOM   883  H  H6     . DT  D 4 1  ? -3.228  -8.587  17.933  1.00 92.08  ? 2   DT  D H6     1 
ATOM   884  H  "HO5'" . DT  D 4 1  ? -3.934  -8.193  19.996  1.00 109.19 ? 2   DT  D "HO5'" 1 
ATOM   885  P  P      . DC  D 4 2  ? 2.427   -7.891  20.511  1.00 119.63 ? 3   DC  D P      1 
ATOM   886  O  OP1    . DC  D 4 2  ? 3.181   -8.113  21.766  1.00 105.25 ? 3   DC  D OP1    1 
ATOM   887  O  OP2    . DC  D 4 2  ? 2.516   -6.580  19.831  1.00 99.93  ? 3   DC  D OP2    1 
ATOM   888  O  "O5'"  . DC  D 4 2  ? 2.836   -9.049  19.480  1.00 89.09  ? 3   DC  D "O5'"  1 
ATOM   889  C  "C5'"  . DC  D 4 2  ? 2.661   -10.414 19.844  1.00 85.56  ? 3   DC  D "C5'"  1 
ATOM   890  C  "C4'"  . DC  D 4 2  ? 3.272   -11.350 18.812  1.00 94.21  ? 3   DC  D "C4'"  1 
ATOM   891  O  "O4'"  . DC  D 4 2  ? 2.273   -11.685 17.809  1.00 94.98  ? 3   DC  D "O4'"  1 
ATOM   892  C  "C3'"  . DC  D 4 2  ? 4.468   -10.784 18.043  1.00 90.62  ? 3   DC  D "C3'"  1 
ATOM   893  O  "O3'"  . DC  D 4 2  ? 5.483   -11.777 17.905  1.00 97.45  ? 3   DC  D "O3'"  1 
ATOM   894  C  "C2'"  . DC  D 4 2  ? 3.864   -10.377 16.705  1.00 94.34  ? 3   DC  D "C2'"  1 
ATOM   895  C  "C1'"  . DC  D 4 2  ? 2.775   -11.416 16.514  1.00 95.28  ? 3   DC  D "C1'"  1 
ATOM   896  N  N1     . DC  D 4 2  ? 1.625   -10.984 15.646  1.00 89.36  ? 3   DC  D N1     1 
ATOM   897  C  C2     . DC  D 4 2  ? 1.162   -11.836 14.633  1.00 80.08  ? 3   DC  D C2     1 
ATOM   898  O  O2     . DC  D 4 2  ? 1.726   -12.922 14.451  1.00 80.73  ? 3   DC  D O2     1 
ATOM   899  N  N3     . DC  D 4 2  ? 0.109   -11.443 13.874  1.00 66.46  ? 3   DC  D N3     1 
ATOM   900  C  C4     . DC  D 4 2  ? -0.476  -10.267 14.101  1.00 72.58  ? 3   DC  D C4     1 
ATOM   901  N  N4     . DC  D 4 2  ? -1.510  -9.925  13.327  1.00 66.89  ? 3   DC  D N4     1 
ATOM   902  C  C5     . DC  D 4 2  ? -0.026  -9.388  15.131  1.00 71.24  ? 3   DC  D C5     1 
ATOM   903  C  C6     . DC  D 4 2  ? 1.012   -9.785  15.874  1.00 77.55  ? 3   DC  D C6     1 
ATOM   904  H  "H5'"  . DC  D 4 2  ? 1.713   -10.602 19.920  1.00 102.68 ? 3   DC  D "H5'"  1 
ATOM   905  H  "H5''" . DC  D 4 2  ? 3.085   -10.569 20.703  1.00 102.68 ? 3   DC  D "H5''" 1 
ATOM   906  H  "H4'"  . DC  D 4 2  ? 3.550   -12.164 19.260  1.00 113.06 ? 3   DC  D "H4'"  1 
ATOM   907  H  "H3'"  . DC  D 4 2  ? 4.820   -10.005 18.501  1.00 108.75 ? 3   DC  D "H3'"  1 
ATOM   908  H  "H2'"  . DC  D 4 2  ? 3.485   -9.485  16.753  1.00 113.22 ? 3   DC  D "H2'"  1 
ATOM   909  H  "H2''" . DC  D 4 2  ? 4.524   -10.436 15.996  1.00 113.22 ? 3   DC  D "H2''" 1 
ATOM   910  H  "H1'"  . DC  D 4 2  ? 3.166   -12.225 16.148  1.00 114.34 ? 3   DC  D "H1'"  1 
ATOM   911  H  H41    . DC  D 4 2  ? -1.918  -9.179  13.457  1.00 80.27  ? 3   DC  D H41    1 
ATOM   912  H  H42    . DC  D 4 2  ? -1.769  -10.452 12.697  1.00 80.27  ? 3   DC  D H42    1 
ATOM   913  H  H5     . DC  D 4 2  ? -0.440  -8.569  15.281  1.00 85.50  ? 3   DC  D H5     1 
ATOM   914  H  H6     . DC  D 4 2  ? 1.327   -9.233  16.553  1.00 93.07  ? 3   DC  D H6     1 
ATOM   915  P  P      . DT  D 4 3  ? 6.903   -11.406 17.253  1.00 100.89 ? 4   DT  D P      1 
ATOM   916  O  OP1    . DT  D 4 3  ? 7.953   -12.067 18.059  1.00 96.20  ? 4   DT  D OP1    1 
ATOM   917  O  OP2    . DT  D 4 3  ? 6.942   -9.939  17.059  1.00 98.74  ? 4   DT  D OP2    1 
ATOM   918  O  "O5'"  . DT  D 4 3  ? 6.857   -12.101 15.814  1.00 91.12  ? 4   DT  D "O5'"  1 
ATOM   919  C  "C5'"  . DT  D 4 3  ? 6.809   -13.517 15.717  1.00 85.48  ? 4   DT  D "C5'"  1 
ATOM   920  C  "C4'"  . DT  D 4 3  ? 6.744   -13.968 14.267  1.00 99.54  ? 4   DT  D "C4'"  1 
ATOM   921  O  "O4'"  . DT  D 4 3  ? 5.536   -13.442 13.647  1.00 99.78  ? 4   DT  D "O4'"  1 
ATOM   922  C  "C3'"  . DT  D 4 3  ? 7.903   -13.504 13.386  1.00 84.64  ? 4   DT  D "C3'"  1 
ATOM   923  O  "O3'"  . DT  D 4 3  ? 8.285   -14.545 12.493  1.00 82.29  ? 4   DT  D "O3'"  1 
ATOM   924  C  "C2'"  . DT  D 4 3  ? 7.328   -12.287 12.664  1.00 91.26  ? 4   DT  D "C2'"  1 
ATOM   925  C  "C1'"  . DT  D 4 3  ? 5.865   -12.673 12.504  1.00 90.39  ? 4   DT  D "C1'"  1 
ATOM   926  N  N1     . DT  D 4 3  ? 4.896   -11.520 12.425  1.00 87.98  ? 4   DT  D N1     1 
ATOM   927  C  C2     . DT  D 4 3  ? 3.825   -11.610 11.566  1.00 75.09  ? 4   DT  D C2     1 
ATOM   928  O  O2     . DT  D 4 3  ? 3.633   -12.567 10.836  1.00 70.85  ? 4   DT  D O2     1 
ATOM   929  N  N3     . DT  D 4 3  ? 2.983   -10.531 11.581  1.00 68.78  ? 4   DT  D N3     1 
ATOM   930  C  C4     . DT  D 4 3  ? 3.094   -9.395  12.361  1.00 77.61  ? 4   DT  D C4     1 
ATOM   931  O  O4     . DT  D 4 3  ? 2.280   -8.478  12.301  1.00 63.96  ? 4   DT  D O4     1 
ATOM   932  C  C5     . DT  D 4 3  ? 4.232   -9.364  13.251  1.00 87.32  ? 4   DT  D C5     1 
ATOM   933  C  C7     . DT  D 4 3  ? 4.460   -8.176  14.141  1.00 76.49  ? 4   DT  D C7     1 
ATOM   934  C  C6     . DT  D 4 3  ? 5.067   -10.419 13.246  1.00 89.27  ? 4   DT  D C6     1 
ATOM   935  H  "H5'"  . DT  D 4 3  ? 6.025   -13.840 16.186  1.00 102.58 ? 4   DT  D "H5'"  1 
ATOM   936  H  "H5''" . DT  D 4 3  ? 7.602   -13.891 16.130  1.00 102.58 ? 4   DT  D "H5''" 1 
ATOM   937  H  "H4'"  . DT  D 4 3  ? 6.707   -14.938 14.245  1.00 119.45 ? 4   DT  D "H4'"  1 
ATOM   938  H  "H3'"  . DT  D 4 3  ? 8.657   -13.241 13.937  1.00 101.58 ? 4   DT  D "H3'"  1 
ATOM   939  H  "H2'"  . DT  D 4 3  ? 7.418   -11.489 13.208  1.00 109.52 ? 4   DT  D "H2'"  1 
ATOM   940  H  "H2''" . DT  D 4 3  ? 7.750   -12.169 11.799  1.00 109.52 ? 4   DT  D "H2''" 1 
ATOM   941  H  "H1'"  . DT  D 4 3  ? 5.767   -13.224 11.712  1.00 108.48 ? 4   DT  D "H1'"  1 
ATOM   942  H  H3     . DT  D 4 3  ? 2.309   -10.564 11.048  1.00 82.54  ? 4   DT  D H3     1 
ATOM   943  H  H71    . DT  D 4 3  ? 4.452   -8.461  15.068  1.00 91.80  ? 4   DT  D H71    1 
ATOM   944  H  H72    . DT  D 4 3  ? 5.319   -7.776  13.932  1.00 91.80  ? 4   DT  D H72    1 
ATOM   945  H  H73    . DT  D 4 3  ? 3.756   -7.524  13.997  1.00 91.80  ? 4   DT  D H73    1 
ATOM   946  H  H6     . DT  D 4 3  ? 5.801   -10.402 13.816  1.00 107.13 ? 4   DT  D H6     1 
ATOM   947  P  P      . DG  D 4 4  ? 9.628   -14.435 11.620  1.00 111.79 ? 5   DG  D P      1 
ATOM   948  O  OP1    . DG  D 4 4  ? 10.680  -15.206 12.319  1.00 112.18 ? 5   DG  D OP1    1 
ATOM   949  O  OP2    . DG  D 4 4  ? 9.862   -13.014 11.287  1.00 102.33 ? 5   DG  D OP2    1 
ATOM   950  O  "O5'"  . DG  D 4 4  ? 9.255   -15.202 10.267  1.00 104.03 ? 5   DG  D "O5'"  1 
ATOM   951  C  "C5'"  . DG  D 4 4  ? 7.896   -15.269 9.838   1.00 101.94 ? 5   DG  D "C5'"  1 
ATOM   952  C  "C4'"  . DG  D 4 4  ? 7.752   -14.849 8.387   1.00 101.43 ? 5   DG  D "C4'"  1 
ATOM   953  O  "O4'"  . DG  D 4 4  ? 6.804   -13.742 8.306   1.00 92.71  ? 5   DG  D "O4'"  1 
ATOM   954  C  "C3'"  . DG  D 4 4  ? 9.027   -14.334 7.723   1.00 85.67  ? 5   DG  D "C3'"  1 
ATOM   955  O  "O3'"  . DG  D 4 4  ? 9.032   -14.637 6.331   1.00 76.85  ? 5   DG  D "O3'"  1 
ATOM   956  C  "C2'"  . DG  D 4 4  ? 8.938   -12.843 7.982   1.00 75.53  ? 5   DG  D "C2'"  1 
ATOM   957  C  "C1'"  . DG  D 4 4  ? 7.453   -12.606 7.765   1.00 67.64  ? 5   DG  D "C1'"  1 
ATOM   958  N  N9     . DG  D 4 4  ? 6.927   -11.400 8.398   1.00 61.50  ? 5   DG  D N9     1 
ATOM   959  C  C8     . DG  D 4 4  ? 7.517   -10.642 9.381   1.00 68.08  ? 5   DG  D C8     1 
ATOM   960  N  N7     . DG  D 4 4  ? 6.802   -9.610  9.739   1.00 60.91  ? 5   DG  D N7     1 
ATOM   961  C  C5     . DG  D 4 4  ? 5.670   -9.687  8.938   1.00 66.92  ? 5   DG  D C5     1 
ATOM   962  C  C6     . DG  D 4 4  ? 4.536   -8.841  8.874   1.00 63.70  ? 5   DG  D C6     1 
ATOM   963  O  O6     . DG  D 4 4  ? 4.301   -7.821  9.535   1.00 60.85  ? 5   DG  D O6     1 
ATOM   964  N  N1     . DG  D 4 4  ? 3.618   -9.283  7.922   1.00 64.57  ? 5   DG  D N1     1 
ATOM   965  C  C2     . DG  D 4 4  ? 3.779   -10.399 7.132   1.00 67.38  ? 5   DG  D C2     1 
ATOM   966  N  N2     . DG  D 4 4  ? 2.790   -10.664 6.267   1.00 65.65  ? 5   DG  D N2     1 
ATOM   967  N  N3     . DG  D 4 4  ? 4.835   -11.196 7.184   1.00 63.19  ? 5   DG  D N3     1 
ATOM   968  C  C4     . DG  D 4 4  ? 5.736   -10.781 8.105   1.00 67.36  ? 5   DG  D C4     1 
ATOM   969  H  "H5'"  . DG  D 4 4  ? 7.359   -14.683 10.394  1.00 122.34 ? 5   DG  D "H5'"  1 
ATOM   970  H  "H5''" . DG  D 4 4  ? 7.577   -16.180 9.938   1.00 122.34 ? 5   DG  D "H5''" 1 
ATOM   971  H  "H4'"  . DG  D 4 4  ? 7.407   -15.596 7.874   1.00 121.73 ? 5   DG  D "H4'"  1 
ATOM   972  H  "H3'"  . DG  D 4 4  ? 9.810   -14.708 8.156   1.00 102.81 ? 5   DG  D "H3'"  1 
ATOM   973  H  "H2'"  . DG  D 4 4  ? 9.195   -12.631 8.893   1.00 90.65  ? 5   DG  D "H2'"  1 
ATOM   974  H  "H2''" . DG  D 4 4  ? 9.467   -12.345 7.341   1.00 90.65  ? 5   DG  D "H2''" 1 
ATOM   975  H  "H1'"  . DG  D 4 4  ? 7.276   -12.566 6.812   1.00 81.17  ? 5   DG  D "H1'"  1 
ATOM   976  H  H8     . DG  D 4 4  ? 8.342   -10.847 9.758   1.00 81.70  ? 5   DG  D H8     1 
ATOM   977  H  H1     . DG  D 4 4  ? 2.900   -8.821  7.818   1.00 77.50  ? 5   DG  D H1     1 
ATOM   978  H  H21    . DG  D 4 4  ? 2.851   -11.341 5.740   1.00 78.79  ? 5   DG  D H21    1 
ATOM   979  H  H22    . DG  D 4 4  ? 2.095   -10.159 6.240   1.00 78.79  ? 5   DG  D H22    1 
ATOM   980  P  P      . DA  D 4 5  ? 9.672   -16.010 5.795   1.00 106.78 ? 6   DA  D P      1 
ATOM   981  O  OP1    . DA  D 4 5  ? 9.367   -17.065 6.785   1.00 97.79  ? 6   DA  D OP1    1 
ATOM   982  O  OP2    . DA  D 4 5  ? 11.076  -15.731 5.417   1.00 95.86  ? 6   DA  D OP2    1 
ATOM   983  O  "O5'"  . DA  D 4 5  ? 8.860   -16.309 4.449   1.00 99.39  ? 6   DA  D "O5'"  1 
ATOM   984  C  "C5'"  . DA  D 4 5  ? 9.114   -15.540 3.278   1.00 88.75  ? 6   DA  D "C5'"  1 
ATOM   985  C  "C4'"  . DA  D 4 5  ? 7.825   -15.213 2.546   1.00 82.77  ? 6   DA  D "C4'"  1 
ATOM   986  O  "O4'"  . DA  D 4 5  ? 7.072   -14.234 3.310   1.00 77.83  ? 6   DA  D "O4'"  1 
ATOM   987  C  "C3'"  . DA  D 4 5  ? 8.012   -14.594 1.169   1.00 86.27  ? 6   DA  D "C3'"  1 
ATOM   988  O  "O3'"  . DA  D 4 5  ? 6.944   -14.951 0.298   1.00 82.44  ? 6   DA  D "O3'"  1 
ATOM   989  C  "C2'"  . DA  D 4 5  ? 8.043   -13.103 1.469   1.00 86.94  ? 6   DA  D "C2'"  1 
ATOM   990  C  "C1'"  . DA  D 4 5  ? 7.101   -12.972 2.661   1.00 66.82  ? 6   DA  D "C1'"  1 
ATOM   991  N  N9     . DA  D 4 5  ? 7.519   -11.958 3.627   1.00 60.05  ? 6   DA  D N9     1 
ATOM   992  C  C8     . DA  D 4 5  ? 8.685   -11.933 4.342   1.00 69.60  ? 6   DA  D C8     1 
ATOM   993  N  N7     . DA  D 4 5  ? 8.794   -10.896 5.140   1.00 65.76  ? 6   DA  D N7     1 
ATOM   994  C  C5     . DA  D 4 5  ? 7.618   -10.194 4.936   1.00 65.49  ? 6   DA  D C5     1 
ATOM   995  C  C6     . DA  D 4 5  ? 7.119   -8.996  5.488   1.00 66.08  ? 6   DA  D C6     1 
ATOM   996  N  N6     . DA  D 4 5  ? 7.782   -8.272  6.397   1.00 60.60  ? 6   DA  D N6     1 
ATOM   997  N  N1     . DA  D 4 5  ? 5.909   -8.571  5.066   1.00 62.56  ? 6   DA  D N1     1 
ATOM   998  C  C2     . DA  D 4 5  ? 5.249   -9.300  4.155   1.00 67.21  ? 6   DA  D C2     1 
ATOM   999  N  N3     . DA  D 4 5  ? 5.616   -10.439 3.567   1.00 60.74  ? 6   DA  D N3     1 
ATOM   1000 C  C4     . DA  D 4 5  ? 6.820   -10.836 4.005   1.00 62.83  ? 6   DA  D C4     1 
ATOM   1001 H  "H5'"  . DA  D 4 5  ? 9.697   -16.044 2.687   1.00 106.50 ? 6   DA  D "H5'"  1 
ATOM   1002 H  "H5''" . DA  D 4 5  ? 9.555   -14.713 3.530   1.00 106.50 ? 6   DA  D "H5''" 1 
ATOM   1003 H  "H4'"  . DA  D 4 5  ? 7.296   -16.022 2.460   1.00 99.33  ? 6   DA  D "H4'"  1 
ATOM   1004 H  "H3'"  . DA  D 4 5  ? 8.859   -14.875 0.791   1.00 103.53 ? 6   DA  D "H3'"  1 
ATOM   1005 H  "H2'"  . DA  D 4 5  ? 8.939   -12.820 1.709   1.00 104.34 ? 6   DA  D "H2'"  1 
ATOM   1006 H  "H2''" . DA  D 4 5  ? 7.712   -12.594 0.713   1.00 104.34 ? 6   DA  D "H2''" 1 
ATOM   1007 H  "H1'"  . DA  D 4 5  ? 6.210   -12.758 2.341   1.00 80.20  ? 6   DA  D "H1'"  1 
ATOM   1008 H  H8     . DA  D 4 5  ? 9.340   -12.588 4.268   1.00 83.53  ? 6   DA  D H8     1 
ATOM   1009 H  H61    . DA  D 4 5  ? 7.435   -7.549  6.708   1.00 72.73  ? 6   DA  D H61    1 
ATOM   1010 H  H62    . DA  D 4 5  ? 8.555   -8.529  6.672   1.00 72.73  ? 6   DA  D H62    1 
ATOM   1011 H  H2     . DA  D 4 5  ? 4.421   -8.965  3.899   1.00 80.66  ? 6   DA  D H2     1 
ATOM   1012 P  P      . DG  D 4 6  ? 6.997   -14.532 -1.253  1.00 102.46 ? 7   DG  D P      1 
ATOM   1013 O  OP1    . DG  D 4 6  ? 6.137   -15.473 -2.005  1.00 88.80  ? 7   DG  D OP1    1 
ATOM   1014 O  OP2    . DG  D 4 6  ? 8.422   -14.374 -1.622  1.00 87.30  ? 7   DG  D OP2    1 
ATOM   1015 O  "O5'"  . DG  D 4 6  ? 6.325   -13.079 -1.286  1.00 75.14  ? 7   DG  D "O5'"  1 
ATOM   1016 C  "C5'"  . DG  D 4 6  ? 4.938   -12.934 -1.004  1.00 75.86  ? 7   DG  D "C5'"  1 
ATOM   1017 C  "C4'"  . DG  D 4 6  ? 4.511   -11.480 -1.086  1.00 72.04  ? 7   DG  D "C4'"  1 
ATOM   1018 O  "O4'"  . DG  D 4 6  ? 5.041   -10.759 0.061   1.00 68.28  ? 7   DG  D "O4'"  1 
ATOM   1019 C  "C3'"  . DG  D 4 6  ? 5.003   -10.731 -2.333  1.00 67.47  ? 7   DG  D "C3'"  1 
ATOM   1020 O  "O3'"  . DG  D 4 6  ? 3.909   -10.097 -3.007  1.00 68.10  ? 7   DG  D "O3'"  1 
ATOM   1021 C  "C2'"  . DG  D 4 6  ? 6.016   -9.727  -1.784  1.00 57.30  ? 7   DG  D "C2'"  1 
ATOM   1022 C  "C1'"  . DG  D 4 6  ? 5.543   -9.516  -0.361  1.00 58.47  ? 7   DG  D "C1'"  1 
ATOM   1023 N  N9     . DG  D 4 6  ? 6.600   -9.089  0.552   1.00 62.14  ? 7   DG  D N9     1 
ATOM   1024 C  C8     . DG  D 4 6  ? 7.789   -9.731  0.804   1.00 61.04  ? 7   DG  D C8     1 
ATOM   1025 N  N7     . DG  D 4 6  ? 8.543   -9.106  1.665   1.00 55.10  ? 7   DG  D N7     1 
ATOM   1026 C  C5     . DG  D 4 6  ? 7.807   -7.979  2.006   1.00 47.49  ? 7   DG  D C5     1 
ATOM   1027 C  C6     . DG  D 4 6  ? 8.115   -6.929  2.898   1.00 54.42  ? 7   DG  D C6     1 
ATOM   1028 O  O6     . DG  D 4 6  ? 9.134   -6.785  3.588   1.00 56.02  ? 7   DG  D O6     1 
ATOM   1029 N  N1     . DG  D 4 6  ? 7.095   -5.981  2.949   1.00 55.00  ? 7   DG  D N1     1 
ATOM   1030 C  C2     . DG  D 4 6  ? 5.925   -6.044  2.226   1.00 54.61  ? 7   DG  D C2     1 
ATOM   1031 N  N2     . DG  D 4 6  ? 5.059   -5.035  2.401   1.00 55.03  ? 7   DG  D N2     1 
ATOM   1032 N  N3     . DG  D 4 6  ? 5.626   -7.026  1.387   1.00 50.49  ? 7   DG  D N3     1 
ATOM   1033 C  C4     . DG  D 4 6  ? 6.610   -7.954  1.327   1.00 54.64  ? 7   DG  D C4     1 
ATOM   1034 H  "H5'"  . DG  D 4 6  ? 4.758   -13.268 -0.110  1.00 91.04  ? 7   DG  D "H5'"  1 
ATOM   1035 H  "H5''" . DG  D 4 6  ? 4.427   -13.452 -1.645  1.00 91.04  ? 7   DG  D "H5''" 1 
ATOM   1036 H  "H4'"  . DG  D 4 6  ? 3.542   -11.437 -1.059  1.00 86.46  ? 7   DG  D "H4'"  1 
ATOM   1037 H  "H3'"  . DG  D 4 6  ? 5.447   -11.350 -2.935  1.00 80.98  ? 7   DG  D "H3'"  1 
ATOM   1038 H  "H2'"  . DG  D 4 6  ? 6.911   -10.102 -1.796  1.00 68.77  ? 7   DG  D "H2'"  1 
ATOM   1039 H  "H2''" . DG  D 4 6  ? 5.983   -8.897  -2.284  1.00 68.77  ? 7   DG  D "H2''" 1 
ATOM   1040 H  "H1'"  . DG  D 4 6  ? 4.828   -8.861  -0.354  1.00 70.17  ? 7   DG  D "H1'"  1 
ATOM   1041 H  H8     . DG  D 4 6  ? 8.033   -10.532 0.399   1.00 73.26  ? 7   DG  D H8     1 
ATOM   1042 H  H1     . DG  D 4 6  ? 7.205   -5.306  3.471   1.00 66.00  ? 7   DG  D H1     1 
ATOM   1043 H  H21    . DG  D 4 6  ? 4.320   -5.022  1.961   1.00 66.05  ? 7   DG  D H21    1 
ATOM   1044 H  H22    . DG  D 4 6  ? 5.242   -4.402  2.953   1.00 66.05  ? 7   DG  D H22    1 
ATOM   1045 P  P      . DT  D 4 7  ? 4.174   -9.071  -4.217  1.00 78.21  ? 8   DT  D P      1 
ATOM   1046 O  OP1    . DT  D 4 7  ? 3.032   -9.177  -5.151  1.00 74.10  ? 8   DT  D OP1    1 
ATOM   1047 O  OP2    . DT  D 4 7  ? 5.550   -9.293  -4.717  1.00 67.41  ? 8   DT  D OP2    1 
ATOM   1048 O  "O5'"  . DT  D 4 7  ? 4.120   -7.635  -3.513  1.00 57.06  ? 8   DT  D "O5'"  1 
ATOM   1049 C  "C5'"  . DT  D 4 7  ? 2.971   -7.268  -2.763  1.00 50.31  ? 8   DT  D "C5'"  1 
ATOM   1050 C  "C4'"  . DT  D 4 7  ? 3.072   -5.841  -2.248  1.00 56.44  ? 8   DT  D "C4'"  1 
ATOM   1051 O  "O4'"  . DT  D 4 7  ? 4.189   -5.736  -1.324  1.00 65.40  ? 8   DT  D "O4'"  1 
ATOM   1052 C  "C3'"  . DT  D 4 7  ? 3.304   -4.775  -3.322  1.00 51.22  ? 8   DT  D "C3'"  1 
ATOM   1053 O  "O3'"  . DT  D 4 7  ? 2.402   -3.688  -3.138  1.00 52.39  ? 8   DT  D "O3'"  1 
ATOM   1054 C  "C2'"  . DT  D 4 7  ? 4.762   -4.362  -3.124  1.00 50.70  ? 8   DT  D "C2'"  1 
ATOM   1055 C  "C1'"  . DT  D 4 7  ? 4.972   -4.606  -1.641  1.00 56.56  ? 8   DT  D "C1'"  1 
ATOM   1056 N  N1     . DT  D 4 7  ? 6.386   -4.895  -1.245  1.00 49.24  ? 8   DT  D N1     1 
ATOM   1057 C  C2     . DT  D 4 7  ? 7.020   -4.066  -0.345  1.00 62.15  ? 8   DT  D C2     1 
ATOM   1058 O  O2     . DT  D 4 7  ? 6.498   -3.077  0.141   1.00 61.31  ? 8   DT  D O2     1 
ATOM   1059 N  N3     . DT  D 4 7  ? 8.303   -4.434  -0.035  1.00 59.76  ? 8   DT  D N3     1 
ATOM   1060 C  C4     . DT  D 4 7  ? 8.996   -5.528  -0.517  1.00 51.27  ? 8   DT  D C4     1 
ATOM   1061 O  O4     . DT  D 4 7  ? 10.148  -5.776  -0.178  1.00 55.59  ? 8   DT  D O4     1 
ATOM   1062 C  C5     . DT  D 4 7  ? 8.271   -6.358  -1.446  1.00 46.72  ? 8   DT  D C5     1 
ATOM   1063 C  C7     . DT  D 4 7  ? 8.926   -7.571  -2.038  1.00 73.76  ? 8   DT  D C7     1 
ATOM   1064 C  C6     . DT  D 4 7  ? 7.014   -6.010  -1.759  1.00 47.31  ? 8   DT  D C6     1 
ATOM   1065 H  "H5'"  . DT  D 4 7  ? 2.880   -7.870  -2.008  1.00 60.38  ? 8   DT  D "H5'"  1 
ATOM   1066 H  "H5''" . DT  D 4 7  ? 2.186   -7.345  -3.327  1.00 60.38  ? 8   DT  D "H5''" 1 
ATOM   1067 H  "H4'"  . DT  D 4 7  ? 2.255   -5.626  -1.771  1.00 67.73  ? 8   DT  D "H4'"  1 
ATOM   1068 H  "H3'"  . DT  D 4 7  ? 3.185   -5.160  -4.204  1.00 61.47  ? 8   DT  D "H3'"  1 
ATOM   1069 H  "H2'"  . DT  D 4 7  ? 5.353   -4.921  -3.651  1.00 60.85  ? 8   DT  D "H2'"  1 
ATOM   1070 H  "H2''" . DT  D 4 7  ? 4.887   -3.425  -3.339  1.00 60.85  ? 8   DT  D "H2''" 1 
ATOM   1071 H  "H1'"  . DT  D 4 7  ? 4.648   -3.840  -1.140  1.00 67.88  ? 8   DT  D "H1'"  1 
ATOM   1072 H  H3     . DT  D 4 7  ? 8.721   -3.931  0.523   1.00 71.72  ? 8   DT  D H3     1 
ATOM   1073 H  H71    . DT  D 4 7  ? 9.829   -7.652  -1.691  1.00 88.52  ? 8   DT  D H71    1 
ATOM   1074 H  H72    . DT  D 4 7  ? 8.416   -8.361  -1.802  1.00 88.52  ? 8   DT  D H72    1 
ATOM   1075 H  H73    . DT  D 4 7  ? 8.958   -7.483  -3.003  1.00 88.52  ? 8   DT  D H73    1 
ATOM   1076 H  H6     . DT  D 4 7  ? 6.545   -6.542  -2.361  1.00 56.78  ? 8   DT  D H6     1 
ATOM   1077 P  P      . DT  D 4 8  ? 2.304   -2.517  -4.232  1.00 74.90  ? 9   DT  D P      1 
ATOM   1078 O  OP1    . DT  D 4 8  ? 0.921   -1.989  -4.175  1.00 58.71  ? 9   DT  D OP1    1 
ATOM   1079 O  OP2    . DT  D 4 8  ? 2.860   -3.026  -5.508  1.00 43.90  ? 9   DT  D OP2    1 
ATOM   1080 O  "O5'"  . DT  D 4 8  ? 3.281   -1.382  -3.670  1.00 43.04  ? 9   DT  D "O5'"  1 
ATOM   1081 C  "C5'"  . DT  D 4 8  ? 2.747   -0.334  -2.879  1.00 52.48  ? 9   DT  D "C5'"  1 
ATOM   1082 C  "C4'"  . DT  D 4 8  ? 3.847   0.482   -2.221  1.00 54.43  ? 9   DT  D "C4'"  1 
ATOM   1083 O  "O4'"  . DT  D 4 8  ? 4.968   -0.377  -1.880  1.00 58.81  ? 9   DT  D "O4'"  1 
ATOM   1084 C  "C3'"  . DT  D 4 8  ? 4.428   1.603   -3.091  1.00 42.53  ? 9   DT  D "C3'"  1 
ATOM   1085 O  "O3'"  . DT  D 4 8  ? 4.293   2.855   -2.433  1.00 60.31  ? 9   DT  D "O3'"  1 
ATOM   1086 C  "C2'"  . DT  D 4 8  ? 5.893   1.206   -3.278  1.00 45.56  ? 9   DT  D "C2'"  1 
ATOM   1087 C  "C1'"  . DT  D 4 8  ? 6.151   0.360   -2.054  1.00 45.14  ? 9   DT  D "C1'"  1 
ATOM   1088 N  N1     . DT  D 4 8  ? 7.312   -0.577  -2.173  1.00 48.59  ? 9   DT  D N1     1 
ATOM   1089 C  C2     . DT  D 4 8  ? 8.422   -0.375  -1.384  1.00 52.01  ? 9   DT  D C2     1 
ATOM   1090 O  O2     . DT  D 4 8  ? 8.519   0.541   -0.588  1.00 51.69  ? 9   DT  D O2     1 
ATOM   1091 N  N3     . DT  D 4 8  ? 9.426   -1.289  -1.561  1.00 54.43  ? 9   DT  D N3     1 
ATOM   1092 C  C4     . DT  D 4 8  ? 9.431   -2.365  -2.425  1.00 54.09  ? 9   DT  D C4     1 
ATOM   1093 O  O4     . DT  D 4 8  ? 10.385  -3.132  -2.512  1.00 51.03  ? 9   DT  D O4     1 
ATOM   1094 C  C5     . DT  D 4 8  ? 8.239   -2.521  -3.223  1.00 54.24  ? 9   DT  D C5     1 
ATOM   1095 C  C7     . DT  D 4 8  ? 8.135   -3.652  -4.199  1.00 62.46  ? 9   DT  D C7     1 
ATOM   1096 C  C6     . DT  D 4 8  ? 7.246   -1.631  -3.061  1.00 53.13  ? 9   DT  D C6     1 
ATOM   1097 H  "H5'"  . DT  D 4 8  ? 2.179   -0.714  -2.190  1.00 62.99  ? 9   DT  D "H5'"  1 
ATOM   1098 H  "H5''" . DT  D 4 8  ? 2.215   0.249   -3.443  1.00 62.99  ? 9   DT  D "H5''" 1 
ATOM   1099 H  "H4'"  . DT  D 4 8  ? 3.496   0.873   -1.405  1.00 65.32  ? 9   DT  D "H4'"  1 
ATOM   1100 H  "H3'"  . DT  D 4 8  ? 3.977   1.626   -3.949  1.00 51.05  ? 9   DT  D "H3'"  1 
ATOM   1101 H  "H2'"  . DT  D 4 8  ? 6.008   0.684   -4.088  1.00 54.68  ? 9   DT  D "H2'"  1 
ATOM   1102 H  "H2''" . DT  D 4 8  ? 6.465   1.989   -3.285  1.00 54.68  ? 9   DT  D "H2''" 1 
ATOM   1103 H  "H1'"  . DT  D 4 8  ? 6.285   0.939   -1.287  1.00 54.17  ? 9   DT  D "H1'"  1 
ATOM   1104 H  H3     . DT  D 4 8  ? 10.130  -1.182  -1.078  1.00 65.32  ? 9   DT  D H3     1 
ATOM   1105 H  H71    . DT  D 4 8  ? 7.376   -4.210  -3.969  1.00 74.97  ? 9   DT  D H71    1 
ATOM   1106 H  H72    . DT  D 4 8  ? 8.016   -3.297  -5.094  1.00 74.97  ? 9   DT  D H72    1 
ATOM   1107 H  H73    . DT  D 4 8  ? 8.948   -4.182  -4.168  1.00 74.97  ? 9   DT  D H73    1 
ATOM   1108 H  H6     . DT  D 4 8  ? 6.476   -1.731  -3.573  1.00 63.76  ? 9   DT  D H6     1 
ATOM   1109 P  P      . DG  D 4 9  ? 2.848   3.544   -2.299  1.00 79.66  ? 10  DG  D P      1 
ATOM   1110 O  OP1    . DG  D 4 9  ? 2.817   4.281   -1.014  1.00 74.03  ? 10  DG  D OP1    1 
ATOM   1111 O  OP2    . DG  D 4 9  ? 1.824   2.513   -2.585  1.00 50.48  ? 10  DG  D OP2    1 
ATOM   1112 O  "O5'"  . DG  D 4 9  ? 2.824   4.602   -3.493  1.00 68.08  ? 10  DG  D "O5'"  1 
ATOM   1113 C  "C5'"  . DG  D 4 9  ? 3.095   4.176   -4.817  1.00 58.88  ? 10  DG  D "C5'"  1 
ATOM   1114 C  "C4'"  . DG  D 4 9  ? 2.594   5.192   -5.822  1.00 58.02  ? 10  DG  D "C4'"  1 
ATOM   1115 O  "O4'"  . DG  D 4 9  ? 2.226   4.505   -7.048  1.00 64.80  ? 10  DG  D "O4'"  1 
ATOM   1116 C  "C3'"  . DG  D 4 9  ? 1.351   5.958   -5.383  1.00 73.91  ? 10  DG  D "C3'"  1 
ATOM   1117 O  "O3'"  . DG  D 4 9  ? 1.704   7.195   -4.777  1.00 59.92  ? 10  DG  D "O3'"  1 
ATOM   1118 C  "C2'"  . DG  D 4 9  ? 0.582   6.148   -6.682  1.00 68.85  ? 10  DG  D "C2'"  1 
ATOM   1119 C  "C1'"  . DG  D 4 9  ? 0.929   4.892   -7.461  1.00 49.35  ? 10  DG  D "C1'"  1 
ATOM   1120 N  N9     . DG  D 4 9  ? 0.015   3.783   -7.222  1.00 42.63  ? 10  DG  D N9     1 
ATOM   1121 C  C8     . DG  D 4 9  ? 0.259   2.658   -6.474  1.00 56.44  ? 10  DG  D C8     1 
ATOM   1122 N  N7     . DG  D 4 9  ? -0.748  1.829   -6.438  1.00 55.09  ? 10  DG  D N7     1 
ATOM   1123 C  C5     . DG  D 4 9  ? -1.722  2.445   -7.213  1.00 51.57  ? 10  DG  D C5     1 
ATOM   1124 C  C6     . DG  D 4 9  ? -3.031  2.019   -7.538  1.00 53.25  ? 10  DG  D C6     1 
ATOM   1125 O  O6     . DG  D 4 9  ? -3.608  0.977   -7.193  1.00 60.43  ? 10  DG  D O6     1 
ATOM   1126 N  N1     . DG  D 4 9  ? -3.685  2.941   -8.349  1.00 52.98  ? 10  DG  D N1     1 
ATOM   1127 C  C2     . DG  D 4 9  ? -3.143  4.125   -8.790  1.00 61.51  ? 10  DG  D C2     1 
ATOM   1128 N  N2     . DG  D 4 9  ? -3.927  4.886   -9.567  1.00 68.77  ? 10  DG  D N2     1 
ATOM   1129 N  N3     . DG  D 4 9  ? -1.916  4.536   -8.491  1.00 53.44  ? 10  DG  D N3     1 
ATOM   1130 C  C4     . DG  D 4 9  ? -1.268  3.650   -7.701  1.00 51.07  ? 10  DG  D C4     1 
ATOM   1131 H  "H5'"  . DG  D 4 9  ? 2.654   3.327   -4.975  1.00 70.67  ? 10  DG  D "H5'"  1 
ATOM   1132 H  "H5''" . DG  D 4 9  ? 4.053   4.065   -4.926  1.00 70.67  ? 10  DG  D "H5''" 1 
ATOM   1133 H  "H4'"  . DG  D 4 9  ? 3.304   5.823   -6.013  1.00 69.63  ? 10  DG  D "H4'"  1 
ATOM   1134 H  "H3'"  . DG  D 4 9  ? 0.831   5.421   -4.765  1.00 88.70  ? 10  DG  D "H3'"  1 
ATOM   1135 H  "H2'"  . DG  D 4 9  ? -0.372  6.194   -6.513  1.00 82.62  ? 10  DG  D "H2'"  1 
ATOM   1136 H  "H2''" . DG  D 4 9  ? 0.889   6.939   -7.151  1.00 82.62  ? 10  DG  D "H2''" 1 
ATOM   1137 H  "H1'"  . DG  D 4 9  ? 0.943   5.098   -8.408  1.00 59.22  ? 10  DG  D "H1'"  1 
ATOM   1138 H  H8     . DG  D 4 9  ? 1.063   2.503   -6.034  1.00 67.74  ? 10  DG  D H8     1 
ATOM   1139 H  H1     . DG  D 4 9  ? -4.489  2.757   -8.594  1.00 63.58  ? 10  DG  D H1     1 
ATOM   1140 H  H21    . DG  D 4 9  ? -3.636  5.636   -9.869  1.00 82.53  ? 10  DG  D H21    1 
ATOM   1141 H  H22    . DG  D 4 9  ? -4.722  4.622   -9.763  1.00 82.53  ? 10  DG  D H22    1 
ATOM   1142 P  P      . DG  D 4 10 ? 0.764   7.833   -3.642  1.00 82.25  ? 11  DG  D P      1 
ATOM   1143 O  OP1    . DG  D 4 10 ? 1.348   9.144   -3.276  1.00 71.36  ? 11  DG  D OP1    1 
ATOM   1144 O  OP2    . DG  D 4 10 ? 0.541   6.802   -2.602  1.00 78.39  ? 11  DG  D OP2    1 
ATOM   1145 O  "O5'"  . DG  D 4 10 ? -0.628  8.081   -4.388  1.00 67.84  ? 11  DG  D "O5'"  1 
ATOM   1146 C  "C5'"  . DG  D 4 10 ? -0.723  9.076   -5.397  1.00 63.11  ? 11  DG  D "C5'"  1 
ATOM   1147 C  "C4'"  . DG  D 4 10 ? -2.047  8.977   -6.129  1.00 67.50  ? 11  DG  D "C4'"  1 
ATOM   1148 O  "O4'"  . DG  D 4 10 ? -2.294  7.604   -6.485  1.00 63.81  ? 11  DG  D "O4'"  1 
ATOM   1149 C  "C3'"  . DG  D 4 10 ? -3.264  9.389   -5.320  1.00 87.81  ? 11  DG  D "C3'"  1 
ATOM   1150 O  "O3'"  . DG  D 4 10 ? -3.494  10.789  -5.430  1.00 87.69  ? 11  DG  D "O3'"  1 
ATOM   1151 C  "C2'"  . DG  D 4 10 ? -4.397  8.562   -5.934  1.00 72.92  ? 11  DG  D "C2'"  1 
ATOM   1152 C  "C1'"  . DG  D 4 10 ? -3.684  7.386   -6.609  1.00 50.28  ? 11  DG  D "C1'"  1 
ATOM   1153 N  N9     . DG  D 4 10 ? -4.000  6.092   -6.019  1.00 55.16  ? 11  DG  D N9     1 
ATOM   1154 C  C8     . DG  D 4 10 ? -3.199  5.339   -5.196  1.00 60.01  ? 11  DG  D C8     1 
ATOM   1155 N  N7     . DG  D 4 10 ? -3.748  4.216   -4.822  1.00 52.28  ? 11  DG  D N7     1 
ATOM   1156 C  C5     . DG  D 4 10 ? -4.994  4.226   -5.436  1.00 54.01  ? 11  DG  D C5     1 
ATOM   1157 C  C6     . DG  D 4 10 ? -6.037  3.271   -5.398  1.00 57.81  ? 11  DG  D C6     1 
ATOM   1158 O  O6     . DG  D 4 10 ? -6.067  2.189   -4.794  1.00 52.90  ? 11  DG  D O6     1 
ATOM   1159 N  N1     . DG  D 4 10 ? -7.130  3.671   -6.163  1.00 61.64  ? 11  DG  D N1     1 
ATOM   1160 C  C2     . DG  D 4 10 ? -7.204  4.847   -6.874  1.00 69.32  ? 11  DG  D C2     1 
ATOM   1161 N  N2     . DG  D 4 10 ? -8.340  5.061   -7.553  1.00 73.88  ? 11  DG  D N2     1 
ATOM   1162 N  N3     . DG  D 4 10 ? -6.233  5.750   -6.918  1.00 58.59  ? 11  DG  D N3     1 
ATOM   1163 C  C4     . DG  D 4 10 ? -5.163  5.375   -6.178  1.00 60.16  ? 11  DG  D C4     1 
ATOM   1164 H  "H5'"  . DG  D 4 10 ? 0.002   8.958   -6.030  1.00 75.74  ? 11  DG  D "H5'"  1 
ATOM   1165 H  "H5''" . DG  D 4 10 ? -0.648  9.953   -4.988  1.00 75.74  ? 11  DG  D "H5''" 1 
ATOM   1166 H  "H4'"  . DG  D 4 10 ? -2.006  9.513   -6.937  1.00 81.01  ? 11  DG  D "H4'"  1 
ATOM   1167 H  "H3'"  . DG  D 4 10 ? -3.141  9.144   -4.389  1.00 105.38 ? 11  DG  D "H3'"  1 
ATOM   1168 H  "H2'"  . DG  D 4 10 ? -4.997  8.243   -5.242  1.00 87.51  ? 11  DG  D "H2'"  1 
ATOM   1169 H  "H2''" . DG  D 4 10 ? -4.882  9.086   -6.589  1.00 87.51  ? 11  DG  D "H2''" 1 
ATOM   1170 H  "H1'"  . DG  D 4 10 ? -3.919  7.372   -7.550  1.00 60.34  ? 11  DG  D "H1'"  1 
ATOM   1171 H  H8     . DG  D 4 10 ? -2.348  5.604   -4.931  1.00 72.02  ? 11  DG  D H8     1 
ATOM   1172 H  H1     . DG  D 4 10 ? -7.808  3.145   -6.194  1.00 73.97  ? 11  DG  D H1     1 
ATOM   1173 H  H21    . DG  D 4 10 ? -8.436  5.779   -8.016  1.00 88.67  ? 11  DG  D H21    1 
ATOM   1174 H  H22    . DG  D 4 10 ? -8.973  4.479   -7.526  1.00 88.67  ? 11  DG  D H22    1 
ATOM   1175 P  P      . DT  D 4 11 ? -4.368  11.551  -4.317  1.00 109.59 ? 12  DT  D P      1 
ATOM   1176 O  OP1    . DT  D 4 11 ? -4.245  13.002  -4.583  1.00 107.27 ? 12  DT  D OP1    1 
ATOM   1177 O  OP2    . DT  D 4 11 ? -3.980  11.011  -2.994  1.00 97.69  ? 12  DT  D OP2    1 
ATOM   1178 O  "O5'"  . DT  D 4 11 ? -5.870  11.084  -4.622  1.00 81.17  ? 12  DT  D "O5'"  1 
ATOM   1179 C  "C5'"  . DT  D 4 11 ? -6.466  11.399  -5.874  1.00 78.59  ? 12  DT  D "C5'"  1 
ATOM   1180 C  "C4'"  . DT  D 4 11 ? -7.750  10.618  -6.080  1.00 70.99  ? 12  DT  D "C4'"  1 
ATOM   1181 O  "O4'"  . DT  D 4 11 ? -7.522  9.233   -5.749  1.00 66.22  ? 12  DT  D "O4'"  1 
ATOM   1182 C  "C3'"  . DT  D 4 11 ? -8.928  11.063  -5.208  1.00 84.83  ? 12  DT  D "C3'"  1 
ATOM   1183 O  "O3'"  . DT  D 4 11 ? -9.906  11.741  -5.995  1.00 98.64  ? 12  DT  D "O3'"  1 
ATOM   1184 C  "C2'"  . DT  D 4 11 ? -9.476  9.765   -4.594  1.00 81.33  ? 12  DT  D "C2'"  1 
ATOM   1185 C  "C1'"  . DT  D 4 11 ? -8.740  8.668   -5.347  1.00 67.44  ? 12  DT  D "C1'"  1 
ATOM   1186 N  N1     . DT  D 4 11 ? -8.460  7.452   -4.530  1.00 64.35  ? 12  DT  D N1     1 
ATOM   1187 C  C2     . DT  D 4 11 ? -9.407  6.455   -4.462  1.00 74.80  ? 12  DT  D C2     1 
ATOM   1188 O  O2     . DT  D 4 11 ? -10.481 6.511   -5.035  1.00 78.84  ? 12  DT  D O2     1 
ATOM   1189 N  N3     . DT  D 4 11 ? -9.053  5.380   -3.691  1.00 77.93  ? 12  DT  D N3     1 
ATOM   1190 C  C4     . DT  D 4 11 ? -7.870  5.207   -2.996  1.00 73.41  ? 12  DT  D C4     1 
ATOM   1191 O  O4     . DT  D 4 11 ? -7.644  4.203   -2.327  1.00 75.31  ? 12  DT  D O4     1 
ATOM   1192 C  C5     . DT  D 4 11 ? -6.919  6.288   -3.112  1.00 61.01  ? 12  DT  D C5     1 
ATOM   1193 C  C7     . DT  D 4 11 ? -5.600  6.211   -2.403  1.00 62.00  ? 12  DT  D C7     1 
ATOM   1194 C  C6     . DT  D 4 11 ? -7.256  7.348   -3.866  1.00 59.70  ? 12  DT  D C6     1 
ATOM   1195 H  "H5'"  . DT  D 4 11 ? -5.844  11.181  -6.586  1.00 94.32  ? 12  DT  D "H5'"  1 
ATOM   1196 H  "H5''" . DT  D 4 11 ? -6.663  12.348  -5.903  1.00 94.32  ? 12  DT  D "H5''" 1 
ATOM   1197 H  "H4'"  . DT  D 4 11 ? -8.008  10.679  -7.013  1.00 85.20  ? 12  DT  D "H4'"  1 
ATOM   1198 H  "H3'"  . DT  D 4 11 ? -8.610  11.650  -4.504  1.00 101.81 ? 12  DT  D "H3'"  1 
ATOM   1199 H  "H2'"  . DT  D 4 11 ? -9.271  9.723   -3.647  1.00 97.61  ? 12  DT  D "H2'"  1 
ATOM   1200 H  "H2''" . DT  D 4 11 ? -10.432 9.695   -4.741  1.00 97.61  ? 12  DT  D "H2''" 1 
ATOM   1201 H  "H1'"  . DT  D 4 11 ? -9.253  8.417   -6.132  1.00 80.93  ? 12  DT  D "H1'"  1 
ATOM   1202 H  H3     . DT  D 4 11 ? -9.629  4.746   -3.630  1.00 93.52  ? 12  DT  D H3     1 
ATOM   1203 H  H71    . DT  D 4 11 ? -4.881  6.258   -3.052  1.00 74.41  ? 12  DT  D H71    1 
ATOM   1204 H  H72    . DT  D 4 11 ? -5.524  6.952   -1.782  1.00 74.41  ? 12  DT  D H72    1 
ATOM   1205 H  H73    . DT  D 4 11 ? -5.543  5.374   -1.917  1.00 74.41  ? 12  DT  D H73    1 
ATOM   1206 H  H6     . DT  D 4 11 ? -6.647  8.045   -3.944  1.00 71.64  ? 12  DT  D H6     1 
ATOM   1207 P  P      . DC  D 4 12 ? -11.026 12.655  -5.291  1.00 113.68 ? 13  DC  D P      1 
ATOM   1208 O  OP1    . DC  D 4 12 ? -11.566 13.568  -6.323  1.00 87.07  ? 13  DC  D OP1    1 
ATOM   1209 O  OP2    . DC  D 4 12 ? -10.438 13.218  -4.056  1.00 106.37 ? 13  DC  D OP2    1 
ATOM   1210 O  "O5'"  . DC  D 4 12 ? -12.165 11.611  -4.865  1.00 92.35  ? 13  DC  D "O5'"  1 
ATOM   1211 C  "C5'"  . DC  D 4 12 ? -13.019 11.048  -5.855  1.00 88.08  ? 13  DC  D "C5'"  1 
ATOM   1212 C  "C4'"  . DC  D 4 12 ? -13.896 9.957   -5.266  1.00 96.39  ? 13  DC  D "C4'"  1 
ATOM   1213 O  "O4'"  . DC  D 4 12 ? -13.062 8.884   -4.785  1.00 96.06  ? 13  DC  D "O4'"  1 
ATOM   1214 C  "C3'"  . DC  D 4 12 ? -14.748 10.390  -4.071  1.00 116.40 ? 13  DC  D "C3'"  1 
ATOM   1215 O  "O3'"  . DC  D 4 12 ? -16.112 10.541  -4.453  1.00 132.06 ? 13  DC  D "O3'"  1 
ATOM   1216 C  "C2'"  . DC  D 4 12 ? -14.559 9.280   -3.026  1.00 118.81 ? 13  DC  D "C2'"  1 
ATOM   1217 C  "C1'"  . DC  D 4 12 ? -13.729 8.222   -3.743  1.00 98.03  ? 13  DC  D "C1'"  1 
ATOM   1218 N  N1     . DC  D 4 12 ? -12.708 7.562   -2.875  1.00 92.68  ? 13  DC  D N1     1 
ATOM   1219 C  C2     . DC  D 4 12 ? -12.860 6.215   -2.518  1.00 92.50  ? 13  DC  D C2     1 
ATOM   1220 O  O2     . DC  D 4 12 ? -13.847 5.589   -2.924  1.00 90.79  ? 13  DC  D O2     1 
ATOM   1221 N  N3     . DC  D 4 12 ? -11.916 5.634   -1.735  1.00 88.69  ? 13  DC  D N3     1 
ATOM   1222 C  C4     . DC  D 4 12 ? -10.865 6.342   -1.318  1.00 91.54  ? 13  DC  D C4     1 
ATOM   1223 N  N4     . DC  D 4 12 ? -9.959  5.728   -0.547  1.00 87.76  ? 13  DC  D N4     1 
ATOM   1224 C  C5     . DC  D 4 12 ? -10.692 7.714   -1.673  1.00 82.31  ? 13  DC  D C5     1 
ATOM   1225 C  C6     . DC  D 4 12 ? -11.628 8.276   -2.446  1.00 85.57  ? 13  DC  D C6     1 
ATOM   1226 H  "H5'"  . DC  D 4 12 ? -12.476 10.670  -6.565  1.00 105.70 ? 13  DC  D "H5'"  1 
ATOM   1227 H  "H5''" . DC  D 4 12 ? -13.583 11.745  -6.223  1.00 105.70 ? 13  DC  D "H5''" 1 
ATOM   1228 H  "H4'"  . DC  D 4 12 ? -14.479 9.615   -5.961  1.00 115.68 ? 13  DC  D "H4'"  1 
ATOM   1229 H  "H3'"  . DC  D 4 12 ? -14.412 11.230  -3.719  1.00 139.69 ? 13  DC  D "H3'"  1 
ATOM   1230 H  "H2'"  . DC  D 4 12 ? -14.080 9.620   -2.253  1.00 142.59 ? 13  DC  D "H2'"  1 
ATOM   1231 H  "H2''" . DC  D 4 12 ? -15.417 8.914   -2.761  1.00 142.59 ? 13  DC  D "H2''" 1 
ATOM   1232 H  "H1'"  . DC  D 4 12 ? -14.319 7.548   -4.115  1.00 117.64 ? 13  DC  D "H1'"  1 
ATOM   1233 H  H41    . DC  D 4 12 ? -9.269  6.159   -0.267  1.00 105.32 ? 13  DC  D H41    1 
ATOM   1234 H  H42    . DC  D 4 12 ? -10.068 4.903   -0.332  1.00 105.32 ? 13  DC  D H42    1 
ATOM   1235 H  H5     . DC  D 4 12 ? -9.955  8.199   -1.378  1.00 98.77  ? 13  DC  D H5     1 
ATOM   1236 H  H6     . DC  D 4 12 ? -11.542 9.168   -2.692  1.00 102.69 ? 13  DC  D H6     1 
ATOM   1237 P  P      . DT  D 4 13 ? -17.200 11.042  -3.380  1.00 147.63 ? 14  DT  D P      1 
ATOM   1238 O  OP1    . DT  D 4 13 ? -18.308 11.677  -4.126  1.00 139.31 ? 14  DT  D OP1    1 
ATOM   1239 O  OP2    . DT  D 4 13 ? -16.482 11.809  -2.337  1.00 116.19 ? 14  DT  D OP2    1 
ATOM   1240 O  "O5'"  . DT  D 4 13 ? -17.732 9.689   -2.710  1.00 131.58 ? 14  DT  D "O5'"  1 
ATOM   1241 C  "C5'"  . DT  D 4 13 ? -18.343 8.686   -3.517  1.00 124.41 ? 14  DT  D "C5'"  1 
ATOM   1242 C  "C4'"  . DT  D 4 13 ? -18.767 7.493   -2.678  1.00 128.75 ? 14  DT  D "C4'"  1 
ATOM   1243 O  "O4'"  . DT  D 4 13 ? -17.585 6.840   -2.138  1.00 127.03 ? 14  DT  D "O4'"  1 
ATOM   1244 C  "C3'"  . DT  D 4 13 ? -19.657 7.836   -1.475  1.00 133.77 ? 14  DT  D "C3'"  1 
ATOM   1245 O  "O3'"  . DT  D 4 13 ? -20.820 7.012   -1.455  1.00 138.02 ? 14  DT  D "O3'"  1 
ATOM   1246 C  "C2'"  . DT  D 4 13 ? -18.756 7.591   -0.268  1.00 129.24 ? 14  DT  D "C2'"  1 
ATOM   1247 C  "C1'"  . DT  D 4 13 ? -17.801 6.529   -0.781  1.00 119.47 ? 14  DT  D "C1'"  1 
ATOM   1248 N  N1     . DT  D 4 13 ? -16.480 6.492   -0.072  1.00 111.34 ? 14  DT  D N1     1 
ATOM   1249 C  C2     . DT  D 4 13 ? -16.049 5.307   0.481   1.00 107.52 ? 14  DT  D C2     1 
ATOM   1250 O  O2     . DT  D 4 13 ? -16.690 4.271   0.426   1.00 101.59 ? 14  DT  D O2     1 
ATOM   1251 N  N3     . DT  D 4 13 ? -14.831 5.375   1.104   1.00 99.60  ? 14  DT  D N3     1 
ATOM   1252 C  C4     . DT  D 4 13 ? -14.017 6.486   1.227   1.00 92.82  ? 14  DT  D C4     1 
ATOM   1253 O  O4     . DT  D 4 13 ? -12.936 6.447   1.807   1.00 85.16  ? 14  DT  D O4     1 
ATOM   1254 C  C5     . DT  D 4 13 ? -14.527 7.697   0.625   1.00 89.30  ? 14  DT  D C5     1 
ATOM   1255 C  C7     . DT  D 4 13 ? -13.731 8.966   0.697   1.00 77.67  ? 14  DT  D C7     1 
ATOM   1256 C  C6     . DT  D 4 13 ? -15.720 7.643   0.011   1.00 97.64  ? 14  DT  D C6     1 
ATOM   1257 H  "H5'"  . DT  D 4 13 ? -17.711 8.392   -4.191  1.00 149.30 ? 14  DT  D "H5'"  1 
ATOM   1258 H  "H5''" . DT  D 4 13 ? -19.123 9.061   -3.955  1.00 149.30 ? 14  DT  D "H5''" 1 
ATOM   1259 H  "H4'"  . DT  D 4 13 ? -19.239 6.865   -3.246  1.00 154.51 ? 14  DT  D "H4'"  1 
ATOM   1260 H  "H3'"  . DT  D 4 13 ? -19.913 8.771   -1.511  1.00 160.53 ? 14  DT  D "H3'"  1 
ATOM   1261 H  "H2'"  . DT  D 4 13 ? -18.275 8.400   -0.027  1.00 155.10 ? 14  DT  D "H2'"  1 
ATOM   1262 H  "H2''" . DT  D 4 13 ? -19.270 7.258   0.484   1.00 155.10 ? 14  DT  D "H2''" 1 
ATOM   1263 H  "H1'"  . DT  D 4 13 ? -18.225 5.659   -0.716  1.00 143.37 ? 14  DT  D "H1'"  1 
ATOM   1264 H  H3     . DT  D 4 13 ? -14.539 4.647   1.456   1.00 119.53 ? 14  DT  D H3     1 
ATOM   1265 H  H71    . DT  D 4 13 ? -12.907 8.804   1.182   1.00 93.21  ? 14  DT  D H71    1 
ATOM   1266 H  H72    . DT  D 4 13 ? -13.524 9.269   -0.201  1.00 93.21  ? 14  DT  D H72    1 
ATOM   1267 H  H73    . DT  D 4 13 ? -14.247 9.646   1.157   1.00 93.21  ? 14  DT  D H73    1 
ATOM   1268 H  H6     . DT  D 4 13 ? -16.052 8.420   -0.376  1.00 117.18 ? 14  DT  D H6     1 
ATOM   1269 P  P      . DG  D 4 14 ? -21.987 7.288   -0.384  1.00 149.29 ? 15  DG  D P      1 
ATOM   1270 O  OP1    . DG  D 4 14 ? -23.231 6.676   -0.904  1.00 146.49 ? 15  DG  D OP1    1 
ATOM   1271 O  OP2    . DG  D 4 14 ? -21.954 8.730   -0.050  1.00 127.86 ? 15  DG  D OP2    1 
ATOM   1272 O  "O5'"  . DG  D 4 14 ? -21.535 6.453   0.904   1.00 135.81 ? 15  DG  D "O5'"  1 
ATOM   1273 C  "C5'"  . DG  D 4 14 ? -21.444 5.031   0.842   1.00 134.09 ? 15  DG  D "C5'"  1 
ATOM   1274 C  "C4'"  . DG  D 4 14 ? -20.782 4.478   2.090   1.00 131.20 ? 15  DG  D "C4'"  1 
ATOM   1275 O  "O4'"  . DG  D 4 14 ? -19.414 4.928   2.142   1.00 127.25 ? 15  DG  D "O4'"  1 
ATOM   1276 C  "C3'"  . DG  D 4 14 ? -21.405 4.942   3.400   1.00 132.14 ? 15  DG  D "C3'"  1 
ATOM   1277 O  "O3'"  . DG  D 4 14 ? -22.435 4.007   3.838   1.00 149.03 ? 15  DG  D "O3'"  1 
ATOM   1278 C  "C2'"  . DG  D 4 14 ? -20.211 5.069   4.368   1.00 121.27 ? 15  DG  D "C2'"  1 
ATOM   1279 C  "C1'"  . DG  D 4 14 ? -18.972 4.918   3.480   1.00 112.95 ? 15  DG  D "C1'"  1 
ATOM   1280 N  N9     . DG  D 4 14 ? -17.997 5.988   3.660   1.00 109.14 ? 15  DG  D N9     1 
ATOM   1281 C  C8     . DG  D 4 14 ? -18.119 7.296   3.255   1.00 105.83 ? 15  DG  D C8     1 
ATOM   1282 N  N7     . DG  D 4 14 ? -17.086 8.032   3.559   1.00 92.08  ? 15  DG  D N7     1 
ATOM   1283 C  C5     . DG  D 4 14 ? -16.225 7.157   4.210   1.00 98.40  ? 15  DG  D C5     1 
ATOM   1284 C  C6     . DG  D 4 14 ? -14.945 7.385   4.768   1.00 93.83  ? 15  DG  D C6     1 
ATOM   1285 O  O6     . DG  D 4 14 ? -14.300 8.442   4.800   1.00 98.32  ? 15  DG  D O6     1 
ATOM   1286 N  N1     . DG  D 4 14 ? -14.415 6.226   5.334   1.00 90.55  ? 15  DG  D N1     1 
ATOM   1287 C  C2     . DG  D 4 14 ? -15.044 5.002   5.356   1.00 95.31  ? 15  DG  D C2     1 
ATOM   1288 N  N2     . DG  D 4 14 ? -14.378 3.998   5.946   1.00 80.22  ? 15  DG  D N2     1 
ATOM   1289 N  N3     . DG  D 4 14 ? -16.244 4.776   4.835   1.00 99.56  ? 15  DG  D N3     1 
ATOM   1290 C  C4     . DG  D 4 14 ? -16.772 5.896   4.281   1.00 105.66 ? 15  DG  D C4     1 
ATOM   1291 H  "H5'"  . DG  D 4 14 ? -20.922 4.778   0.065   1.00 160.92 ? 15  DG  D "H5'"  1 
ATOM   1292 H  "H5''" . DG  D 4 14 ? -22.336 4.658   0.762   1.00 160.92 ? 15  DG  D "H5''" 1 
ATOM   1293 H  "H4'"  . DG  D 4 14 ? -20.796 3.509   2.056   1.00 157.45 ? 15  DG  D "H4'"  1 
ATOM   1294 H  "H3'"  . DG  D 4 14 ? -21.804 5.816   3.271   1.00 158.58 ? 15  DG  D "H3'"  1 
ATOM   1295 H  "H2'"  . DG  D 4 14 ? -20.215 5.940   4.796   1.00 145.54 ? 15  DG  D "H2'"  1 
ATOM   1296 H  "H2''" . DG  D 4 14 ? -20.238 4.364   5.033   1.00 145.54 ? 15  DG  D "H2''" 1 
ATOM   1297 H  "H1'"  . DG  D 4 14 ? -18.548 4.066   3.668   1.00 135.55 ? 15  DG  D "H1'"  1 
ATOM   1298 H  H8     . DG  D 4 14 ? -18.865 7.624   2.806   1.00 127.00 ? 15  DG  D H8     1 
ATOM   1299 H  H1     . DG  D 4 14 ? -13.637 6.280   5.698   1.00 108.67 ? 15  DG  D H1     1 
ATOM   1300 H  H21    . DG  D 4 14 ? -14.731 3.216   5.992   1.00 96.28  ? 15  DG  D H21    1 
ATOM   1301 H  H22    . DG  D 4 14 ? -13.597 4.138   6.279   1.00 96.28  ? 15  DG  D H22    1 
ATOM   1302 P  P      . DC  D 4 15 ? -22.119 2.768   4.818   1.00 160.19 ? 16  DC  D P      1 
ATOM   1303 O  OP1    . DC  D 4 15 ? -20.807 2.196   4.443   1.00 137.74 ? 16  DC  D OP1    1 
ATOM   1304 O  OP2    . DC  D 4 15 ? -23.313 1.893   4.822   1.00 148.10 ? 16  DC  D OP2    1 
ATOM   1305 O  "O5'"  . DC  D 4 15 ? -22.020 3.446   6.265   1.00 128.90 ? 16  DC  D "O5'"  1 
ATOM   1306 C  "C5'"  . DC  D 4 15 ? -21.998 2.639   7.440   1.00 121.44 ? 16  DC  D "C5'"  1 
ATOM   1307 C  "C4'"  . DC  D 4 15 ? -20.762 1.761   7.476   1.00 119.25 ? 16  DC  D "C4'"  1 
ATOM   1308 O  "O4'"  . DC  D 4 15 ? -19.612 2.530   7.023   1.00 127.41 ? 16  DC  D "O4'"  1 
ATOM   1309 C  "C3'"  . DC  D 4 15 ? -20.397 1.229   8.860   1.00 113.57 ? 16  DC  D "C3'"  1 
ATOM   1310 O  "O3'"  . DC  D 4 15 ? -19.930 -0.114  8.780   1.00 118.59 ? 16  DC  D "O3'"  1 
ATOM   1311 C  "C2'"  . DC  D 4 15 ? -19.317 2.194   9.331   1.00 97.37  ? 16  DC  D "C2'"  1 
ATOM   1312 C  "C1'"  . DC  D 4 15 ? -18.622 2.572   8.033   1.00 111.06 ? 16  DC  D "C1'"  1 
ATOM   1313 N  N1     . DC  D 4 15 ? -18.008 3.932   8.045   1.00 101.87 ? 16  DC  D N1     1 
ATOM   1314 C  C2     . DC  D 4 15 ? -16.765 4.128   8.660   1.00 95.06  ? 16  DC  D C2     1 
ATOM   1315 O  O2     . DC  D 4 15 ? -16.199 3.167   9.194   1.00 95.80  ? 16  DC  D O2     1 
ATOM   1316 N  N3     . DC  D 4 15 ? -16.220 5.370   8.656   1.00 86.54  ? 16  DC  D N3     1 
ATOM   1317 C  C4     . DC  D 4 15 ? -16.863 6.381   8.069   1.00 85.09  ? 16  DC  D C4     1 
ATOM   1318 N  N4     . DC  D 4 15 ? -16.285 7.585   8.091   1.00 80.58  ? 16  DC  D N4     1 
ATOM   1319 C  C5     . DC  D 4 15 ? -18.128 6.200   7.435   1.00 93.63  ? 16  DC  D C5     1 
ATOM   1320 C  C6     . DC  D 4 15 ? -18.657 4.972   7.445   1.00 99.83  ? 16  DC  D C6     1 
ATOM   1321 H  "H5'"  . DC  D 4 15 ? -22.788 2.076   7.454   1.00 145.74 ? 16  DC  D "H5'"  1 
ATOM   1322 H  "H5''" . DC  D 4 15 ? -22.003 3.213   8.221   1.00 145.74 ? 16  DC  D "H5''" 1 
ATOM   1323 H  "H4'"  . DC  D 4 15 ? -20.893 1.010   6.876   1.00 143.11 ? 16  DC  D "H4'"  1 
ATOM   1324 H  "H3'"  . DC  D 4 15 ? -21.167 1.281   9.448   1.00 136.30 ? 16  DC  D "H3'"  1 
ATOM   1325 H  "HO3'" . DC  D 4 15 ? -19.150 -0.303  9.031   1.00 142.32 ? 16  DC  D "HO3'" 1 
ATOM   1326 H  "H2'"  . DC  D 4 15 ? -19.713 2.976   9.749   1.00 116.85 ? 16  DC  D "H2'"  1 
ATOM   1327 H  "H2''" . DC  D 4 15 ? -18.700 1.752   9.935   1.00 116.85 ? 16  DC  D "H2''" 1 
ATOM   1328 H  "H1'"  . DC  D 4 15 ? -17.937 1.914   7.835   1.00 133.28 ? 16  DC  D "H1'"  1 
ATOM   1329 H  H41    . DC  D 4 15 ? -16.676 8.255   7.721   1.00 96.70  ? 16  DC  D H41    1 
ATOM   1330 H  H42    . DC  D 4 15 ? -15.522 7.690   8.474   1.00 96.70  ? 16  DC  D H42    1 
ATOM   1331 H  H5     . DC  D 4 15 ? -18.568 6.910   7.029   1.00 112.36 ? 16  DC  D H5     1 
ATOM   1332 H  H6     . DC  D 4 15 ? -19.479 4.824   7.039   1.00 119.81 ? 16  DC  D H6     1 
HETATM 1333 AS AS     . CAC E 5 .  ? 14.240  -4.517  -6.616  1.00 126.54 ? 101 CAC B AS     1 
HETATM 1334 AS AS     . CAC F 5 .  ? 6.307   -4.098  -15.901 1.00 178.43 ? 101 CAC C AS     1 
HETATM 1335 AS AS     . CAC G 5 .  ? -1.733  1.058   -2.697  1.00 151.87 ? 101 CAC D AS     1 
HETATM 1336 AS AS     . CAC H 5 .  ? 3.299   -15.450 9.121   1.00 189.98 ? 102 CAC D AS     1 
# 
loop_
_pdbx_poly_seq_scheme.asym_id 
_pdbx_poly_seq_scheme.entity_id 
_pdbx_poly_seq_scheme.seq_id 
_pdbx_poly_seq_scheme.mon_id 
_pdbx_poly_seq_scheme.ndb_seq_num 
_pdbx_poly_seq_scheme.pdb_seq_num 
_pdbx_poly_seq_scheme.auth_seq_num 
_pdbx_poly_seq_scheme.pdb_mon_id 
_pdbx_poly_seq_scheme.auth_mon_id 
_pdbx_poly_seq_scheme.pdb_strand_id 
_pdbx_poly_seq_scheme.pdb_ins_code 
_pdbx_poly_seq_scheme.hetero 
A 1 1  DG 1  1  1  DG DG A . n 
A 1 2  DA 2  2  2  DA DA A . n 
A 1 3  DG 3  3  3  DG DG A . n 
A 1 4  DC 4  4  4  DC DC A . n 
A 1 5  DA 5  5  5  DA DA A . n 
A 1 6  DG 6  6  6  DG DG A . n 
A 1 7  DA 7  7  7  DA DA A . n 
A 1 8  DC 8  8  8  DC DC A . n 
A 1 9  DC 9  9  9  DC DC A . n 
A 1 10 DT 10 10 10 DT DT A . n 
A 1 11 DG 11 11 11 DG DG A . n 
A 1 12 DA 12 12 12 DA DA A . n 
B 2 1  DC 1  12 12 DC DC B . n 
B 2 2  DG 2  13 13 DG DG B . n 
B 2 3  DG 3  14 14 DG DG B . n 
B 2 4  DA 4  15 15 DA DA B . n 
B 2 5  DA 5  16 16 DA DA B . n 
B 2 6  DC 6  17 17 DC DC B . n 
B 2 7  DT 7  18 18 DT DT B . n 
B 2 8  DC 8  19 19 DC DC B . n 
B 2 9  DA 9  20 20 DA DA B . n 
C 3 1  DT 1  0  0  DT DT C . n 
C 3 2  DC 2  1  1  DC DC C . n 
C 3 3  DA 3  2  2  DA DA C . n 
C 3 4  DC 4  3  3  DC DC C . n 
C 3 5  DC 5  4  4  DC DC C . n 
C 3 6  DG 6  5  5  DG DG C . n 
D 4 1  DT 1  2  2  DT DT D . n 
D 4 2  DC 2  3  3  DC DC D . n 
D 4 3  DT 3  4  4  DT DT D . n 
D 4 4  DG 4  5  5  DG DG D . n 
D 4 5  DA 5  6  6  DA DA D . n 
D 4 6  DG 6  7  7  DG DG D . n 
D 4 7  DT 7  8  8  DT DT D . n 
D 4 8  DT 8  9  9  DT DT D . n 
D 4 9  DG 9  10 10 DG DG D . n 
D 4 10 DG 10 11 11 DG DG D . n 
D 4 11 DT 11 12 12 DT DT D . n 
D 4 12 DC 12 13 13 DC DC D . n 
D 4 13 DT 13 14 14 DT DT D . n 
D 4 14 DG 14 15 15 DG DG D . n 
D 4 15 DC 15 16 16 DC DC D . n 
# 
loop_
_pdbx_nonpoly_scheme.asym_id 
_pdbx_nonpoly_scheme.entity_id 
_pdbx_nonpoly_scheme.mon_id 
_pdbx_nonpoly_scheme.ndb_seq_num 
_pdbx_nonpoly_scheme.pdb_seq_num 
_pdbx_nonpoly_scheme.auth_seq_num 
_pdbx_nonpoly_scheme.pdb_mon_id 
_pdbx_nonpoly_scheme.auth_mon_id 
_pdbx_nonpoly_scheme.pdb_strand_id 
_pdbx_nonpoly_scheme.pdb_ins_code 
E 5 CAC 1 101 2 CAC AS B . 
F 5 CAC 1 101 3 CAC AS C . 
G 5 CAC 1 101 1 CAC AS D . 
H 5 CAC 1 102 4 CAC AS D . 
# 
_pdbx_struct_assembly.id                   1 
_pdbx_struct_assembly.details              author_and_software_defined_assembly 
_pdbx_struct_assembly.method_details       PISA 
_pdbx_struct_assembly.oligomeric_details   tetrameric 
_pdbx_struct_assembly.oligomeric_count     4 
# 
_pdbx_struct_assembly_gen.assembly_id       1 
_pdbx_struct_assembly_gen.oper_expression   1 
_pdbx_struct_assembly_gen.asym_id_list      A,B,C,D,E,F,G,H 
# 
loop_
_pdbx_struct_assembly_prop.biol_id 
_pdbx_struct_assembly_prop.type 
_pdbx_struct_assembly_prop.value 
_pdbx_struct_assembly_prop.details 
1 'ABSA (A^2)' 2820 ? 
1 MORE         -24  ? 
1 'SSA (A^2)'  7980 ? 
# 
_pdbx_struct_oper_list.id                   1 
_pdbx_struct_oper_list.type                 'identity operation' 
_pdbx_struct_oper_list.name                 1_555 
_pdbx_struct_oper_list.symmetry_operation   x,y,z 
_pdbx_struct_oper_list.matrix[1][1]         1.0000000000 
_pdbx_struct_oper_list.matrix[1][2]         0.0000000000 
_pdbx_struct_oper_list.matrix[1][3]         0.0000000000 
_pdbx_struct_oper_list.vector[1]            0.0000000000 
_pdbx_struct_oper_list.matrix[2][1]         0.0000000000 
_pdbx_struct_oper_list.matrix[2][2]         1.0000000000 
_pdbx_struct_oper_list.matrix[2][3]         0.0000000000 
_pdbx_struct_oper_list.vector[2]            0.0000000000 
_pdbx_struct_oper_list.matrix[3][1]         0.0000000000 
_pdbx_struct_oper_list.matrix[3][2]         0.0000000000 
_pdbx_struct_oper_list.matrix[3][3]         1.0000000000 
_pdbx_struct_oper_list.vector[3]            0.0000000000 
# 
loop_
_pdbx_audit_revision_history.ordinal 
_pdbx_audit_revision_history.data_content_type 
_pdbx_audit_revision_history.major_revision 
_pdbx_audit_revision_history.minor_revision 
_pdbx_audit_revision_history.revision_date 
1 'Structure model' 1 0 2021-07-14 
2 'Structure model' 1 1 2022-07-06 
3 'Structure model' 1 2 2023-10-18 
# 
_pdbx_audit_revision_details.ordinal             1 
_pdbx_audit_revision_details.revision_ordinal    1 
_pdbx_audit_revision_details.data_content_type   'Structure model' 
_pdbx_audit_revision_details.provider            repository 
_pdbx_audit_revision_details.type                'Initial release' 
_pdbx_audit_revision_details.description         ? 
_pdbx_audit_revision_details.details             ? 
# 
loop_
_pdbx_audit_revision_group.ordinal 
_pdbx_audit_revision_group.revision_ordinal 
_pdbx_audit_revision_group.data_content_type 
_pdbx_audit_revision_group.group 
1 2 'Structure model' 'Database references'    
2 3 'Structure model' 'Data collection'        
3 3 'Structure model' 'Refinement description' 
# 
loop_
_pdbx_audit_revision_category.ordinal 
_pdbx_audit_revision_category.revision_ordinal 
_pdbx_audit_revision_category.data_content_type 
_pdbx_audit_revision_category.category 
1 2 'Structure model' citation                      
2 2 'Structure model' citation_author               
3 2 'Structure model' database_2                    
4 3 'Structure model' chem_comp_atom                
5 3 'Structure model' chem_comp_bond                
6 3 'Structure model' pdbx_initial_refinement_model 
# 
loop_
_pdbx_audit_revision_item.ordinal 
_pdbx_audit_revision_item.revision_ordinal 
_pdbx_audit_revision_item.data_content_type 
_pdbx_audit_revision_item.item 
1  2 'Structure model' '_citation.country'                   
2  2 'Structure model' '_citation.journal_abbrev'            
3  2 'Structure model' '_citation.journal_id_CSD'            
4  2 'Structure model' '_citation.journal_id_ISSN'           
5  2 'Structure model' '_citation.journal_volume'            
6  2 'Structure model' '_citation.page_first'                
7  2 'Structure model' '_citation.page_last'                 
8  2 'Structure model' '_citation.pdbx_database_id_DOI'      
9  2 'Structure model' '_citation.pdbx_database_id_PubMed'   
10 2 'Structure model' '_citation.title'                     
11 2 'Structure model' '_citation.year'                      
12 2 'Structure model' '_database_2.pdbx_DOI'                
13 2 'Structure model' '_database_2.pdbx_database_accession' 
# 
loop_
_software.citation_id 
_software.classification 
_software.compiler_name 
_software.compiler_version 
_software.contact_author 
_software.contact_author_email 
_software.date 
_software.description 
_software.dependencies 
_software.hardware 
_software.language 
_software.location 
_software.mods 
_software.name 
_software.os 
_software.os_version 
_software.type 
_software.version 
_software.pdbx_ordinal 
? refinement        ? ? ? ? ? ? ? ? ? ? ? PHENIX      ? ? ? 1.11.1_2575 1 
? 'data reduction'  ? ? ? ? ? ? ? ? ? ? ? HKL-2000    ? ? ? .           2 
? 'data scaling'    ? ? ? ? ? ? ? ? ? ? ? HKL-2000    ? ? ? .           3 
? 'data extraction' ? ? ? ? ? ? ? ? ? ? ? PDB_EXTRACT ? ? ? 3.25        4 
? phasing           ? ? ? ? ? ? ? ? ? ? ? PHASER      ? ? ? .           5 
# 
_pdbx_entry_details.entry_id                 6XNA 
_pdbx_entry_details.nonpolymer_details       ? 
_pdbx_entry_details.sequence_details         ? 
_pdbx_entry_details.compound_details         ? 
_pdbx_entry_details.source_details           ? 
_pdbx_entry_details.has_ligand_of_interest   N 
# 
loop_
_pdbx_unobs_or_zero_occ_atoms.id 
_pdbx_unobs_or_zero_occ_atoms.PDB_model_num 
_pdbx_unobs_or_zero_occ_atoms.polymer_flag 
_pdbx_unobs_or_zero_occ_atoms.occupancy_flag 
_pdbx_unobs_or_zero_occ_atoms.auth_asym_id 
_pdbx_unobs_or_zero_occ_atoms.auth_comp_id 
_pdbx_unobs_or_zero_occ_atoms.auth_seq_id 
_pdbx_unobs_or_zero_occ_atoms.PDB_ins_code 
_pdbx_unobs_or_zero_occ_atoms.auth_atom_id 
_pdbx_unobs_or_zero_occ_atoms.label_alt_id 
_pdbx_unobs_or_zero_occ_atoms.label_asym_id 
_pdbx_unobs_or_zero_occ_atoms.label_comp_id 
_pdbx_unobs_or_zero_occ_atoms.label_seq_id 
_pdbx_unobs_or_zero_occ_atoms.label_atom_id 
1  1 N 1 B CAC 101 ? O1 ? E CAC 1 O1 
2  1 N 1 B CAC 101 ? O2 ? E CAC 1 O2 
3  1 N 1 B CAC 101 ? C1 ? E CAC 1 C1 
4  1 N 1 B CAC 101 ? C2 ? E CAC 1 C2 
5  1 N 1 C CAC 101 ? O1 ? F CAC 1 O1 
6  1 N 1 C CAC 101 ? O2 ? F CAC 1 O2 
7  1 N 1 C CAC 101 ? C1 ? F CAC 1 C1 
8  1 N 1 C CAC 101 ? C2 ? F CAC 1 C2 
9  1 N 1 D CAC 101 ? O1 ? G CAC 1 O1 
10 1 N 1 D CAC 101 ? O2 ? G CAC 1 O2 
11 1 N 1 D CAC 101 ? C1 ? G CAC 1 C1 
12 1 N 1 D CAC 101 ? C2 ? G CAC 1 C2 
13 1 N 1 D CAC 102 ? O1 ? H CAC 1 O1 
14 1 N 1 D CAC 102 ? O2 ? H CAC 1 O2 
15 1 N 1 D CAC 102 ? C1 ? H CAC 1 C1 
16 1 N 1 D CAC 102 ? C2 ? H CAC 1 C2 
# 
loop_
_chem_comp_atom.comp_id 
_chem_comp_atom.atom_id 
_chem_comp_atom.type_symbol 
_chem_comp_atom.pdbx_aromatic_flag 
_chem_comp_atom.pdbx_stereo_config 
_chem_comp_atom.pdbx_ordinal 
CAC AS     AS N N 1   
CAC O1     O  N N 2   
CAC O2     O  N N 3   
CAC C1     C  N N 4   
CAC C2     C  N N 5   
CAC H11    H  N N 6   
CAC H12    H  N N 7   
CAC H13    H  N N 8   
CAC H21    H  N N 9   
CAC H22    H  N N 10  
CAC H23    H  N N 11  
DA  OP3    O  N N 12  
DA  P      P  N N 13  
DA  OP1    O  N N 14  
DA  OP2    O  N N 15  
DA  "O5'"  O  N N 16  
DA  "C5'"  C  N N 17  
DA  "C4'"  C  N R 18  
DA  "O4'"  O  N N 19  
DA  "C3'"  C  N S 20  
DA  "O3'"  O  N N 21  
DA  "C2'"  C  N N 22  
DA  "C1'"  C  N R 23  
DA  N9     N  Y N 24  
DA  C8     C  Y N 25  
DA  N7     N  Y N 26  
DA  C5     C  Y N 27  
DA  C6     C  Y N 28  
DA  N6     N  N N 29  
DA  N1     N  Y N 30  
DA  C2     C  Y N 31  
DA  N3     N  Y N 32  
DA  C4     C  Y N 33  
DA  HOP3   H  N N 34  
DA  HOP2   H  N N 35  
DA  "H5'"  H  N N 36  
DA  "H5''" H  N N 37  
DA  "H4'"  H  N N 38  
DA  "H3'"  H  N N 39  
DA  "HO3'" H  N N 40  
DA  "H2'"  H  N N 41  
DA  "H2''" H  N N 42  
DA  "H1'"  H  N N 43  
DA  H8     H  N N 44  
DA  H61    H  N N 45  
DA  H62    H  N N 46  
DA  H2     H  N N 47  
DC  OP3    O  N N 48  
DC  P      P  N N 49  
DC  OP1    O  N N 50  
DC  OP2    O  N N 51  
DC  "O5'"  O  N N 52  
DC  "C5'"  C  N N 53  
DC  "C4'"  C  N R 54  
DC  "O4'"  O  N N 55  
DC  "C3'"  C  N S 56  
DC  "O3'"  O  N N 57  
DC  "C2'"  C  N N 58  
DC  "C1'"  C  N R 59  
DC  N1     N  N N 60  
DC  C2     C  N N 61  
DC  O2     O  N N 62  
DC  N3     N  N N 63  
DC  C4     C  N N 64  
DC  N4     N  N N 65  
DC  C5     C  N N 66  
DC  C6     C  N N 67  
DC  HOP3   H  N N 68  
DC  HOP2   H  N N 69  
DC  "H5'"  H  N N 70  
DC  "H5''" H  N N 71  
DC  "H4'"  H  N N 72  
DC  "H3'"  H  N N 73  
DC  "HO3'" H  N N 74  
DC  "H2'"  H  N N 75  
DC  "H2''" H  N N 76  
DC  "H1'"  H  N N 77  
DC  H41    H  N N 78  
DC  H42    H  N N 79  
DC  H5     H  N N 80  
DC  H6     H  N N 81  
DG  OP3    O  N N 82  
DG  P      P  N N 83  
DG  OP1    O  N N 84  
DG  OP2    O  N N 85  
DG  "O5'"  O  N N 86  
DG  "C5'"  C  N N 87  
DG  "C4'"  C  N R 88  
DG  "O4'"  O  N N 89  
DG  "C3'"  C  N S 90  
DG  "O3'"  O  N N 91  
DG  "C2'"  C  N N 92  
DG  "C1'"  C  N R 93  
DG  N9     N  Y N 94  
DG  C8     C  Y N 95  
DG  N7     N  Y N 96  
DG  C5     C  Y N 97  
DG  C6     C  N N 98  
DG  O6     O  N N 99  
DG  N1     N  N N 100 
DG  C2     C  N N 101 
DG  N2     N  N N 102 
DG  N3     N  N N 103 
DG  C4     C  Y N 104 
DG  HOP3   H  N N 105 
DG  HOP2   H  N N 106 
DG  "H5'"  H  N N 107 
DG  "H5''" H  N N 108 
DG  "H4'"  H  N N 109 
DG  "H3'"  H  N N 110 
DG  "HO3'" H  N N 111 
DG  "H2'"  H  N N 112 
DG  "H2''" H  N N 113 
DG  "H1'"  H  N N 114 
DG  H8     H  N N 115 
DG  H1     H  N N 116 
DG  H21    H  N N 117 
DG  H22    H  N N 118 
DT  OP3    O  N N 119 
DT  P      P  N N 120 
DT  OP1    O  N N 121 
DT  OP2    O  N N 122 
DT  "O5'"  O  N N 123 
DT  "C5'"  C  N N 124 
DT  "C4'"  C  N R 125 
DT  "O4'"  O  N N 126 
DT  "C3'"  C  N S 127 
DT  "O3'"  O  N N 128 
DT  "C2'"  C  N N 129 
DT  "C1'"  C  N R 130 
DT  N1     N  N N 131 
DT  C2     C  N N 132 
DT  O2     O  N N 133 
DT  N3     N  N N 134 
DT  C4     C  N N 135 
DT  O4     O  N N 136 
DT  C5     C  N N 137 
DT  C7     C  N N 138 
DT  C6     C  N N 139 
DT  HOP3   H  N N 140 
DT  HOP2   H  N N 141 
DT  "H5'"  H  N N 142 
DT  "H5''" H  N N 143 
DT  "H4'"  H  N N 144 
DT  "H3'"  H  N N 145 
DT  "HO3'" H  N N 146 
DT  "H2'"  H  N N 147 
DT  "H2''" H  N N 148 
DT  "H1'"  H  N N 149 
DT  H3     H  N N 150 
DT  H71    H  N N 151 
DT  H72    H  N N 152 
DT  H73    H  N N 153 
DT  H6     H  N N 154 
# 
loop_
_chem_comp_bond.comp_id 
_chem_comp_bond.atom_id_1 
_chem_comp_bond.atom_id_2 
_chem_comp_bond.value_order 
_chem_comp_bond.pdbx_aromatic_flag 
_chem_comp_bond.pdbx_stereo_config 
_chem_comp_bond.pdbx_ordinal 
CAC AS    O1     doub N N 1   
CAC AS    O2     sing N N 2   
CAC AS    C1     sing N N 3   
CAC AS    C2     sing N N 4   
CAC C1    H11    sing N N 5   
CAC C1    H12    sing N N 6   
CAC C1    H13    sing N N 7   
CAC C2    H21    sing N N 8   
CAC C2    H22    sing N N 9   
CAC C2    H23    sing N N 10  
DA  OP3   P      sing N N 11  
DA  OP3   HOP3   sing N N 12  
DA  P     OP1    doub N N 13  
DA  P     OP2    sing N N 14  
DA  P     "O5'"  sing N N 15  
DA  OP2   HOP2   sing N N 16  
DA  "O5'" "C5'"  sing N N 17  
DA  "C5'" "C4'"  sing N N 18  
DA  "C5'" "H5'"  sing N N 19  
DA  "C5'" "H5''" sing N N 20  
DA  "C4'" "O4'"  sing N N 21  
DA  "C4'" "C3'"  sing N N 22  
DA  "C4'" "H4'"  sing N N 23  
DA  "O4'" "C1'"  sing N N 24  
DA  "C3'" "O3'"  sing N N 25  
DA  "C3'" "C2'"  sing N N 26  
DA  "C3'" "H3'"  sing N N 27  
DA  "O3'" "HO3'" sing N N 28  
DA  "C2'" "C1'"  sing N N 29  
DA  "C2'" "H2'"  sing N N 30  
DA  "C2'" "H2''" sing N N 31  
DA  "C1'" N9     sing N N 32  
DA  "C1'" "H1'"  sing N N 33  
DA  N9    C8     sing Y N 34  
DA  N9    C4     sing Y N 35  
DA  C8    N7     doub Y N 36  
DA  C8    H8     sing N N 37  
DA  N7    C5     sing Y N 38  
DA  C5    C6     sing Y N 39  
DA  C5    C4     doub Y N 40  
DA  C6    N6     sing N N 41  
DA  C6    N1     doub Y N 42  
DA  N6    H61    sing N N 43  
DA  N6    H62    sing N N 44  
DA  N1    C2     sing Y N 45  
DA  C2    N3     doub Y N 46  
DA  C2    H2     sing N N 47  
DA  N3    C4     sing Y N 48  
DC  OP3   P      sing N N 49  
DC  OP3   HOP3   sing N N 50  
DC  P     OP1    doub N N 51  
DC  P     OP2    sing N N 52  
DC  P     "O5'"  sing N N 53  
DC  OP2   HOP2   sing N N 54  
DC  "O5'" "C5'"  sing N N 55  
DC  "C5'" "C4'"  sing N N 56  
DC  "C5'" "H5'"  sing N N 57  
DC  "C5'" "H5''" sing N N 58  
DC  "C4'" "O4'"  sing N N 59  
DC  "C4'" "C3'"  sing N N 60  
DC  "C4'" "H4'"  sing N N 61  
DC  "O4'" "C1'"  sing N N 62  
DC  "C3'" "O3'"  sing N N 63  
DC  "C3'" "C2'"  sing N N 64  
DC  "C3'" "H3'"  sing N N 65  
DC  "O3'" "HO3'" sing N N 66  
DC  "C2'" "C1'"  sing N N 67  
DC  "C2'" "H2'"  sing N N 68  
DC  "C2'" "H2''" sing N N 69  
DC  "C1'" N1     sing N N 70  
DC  "C1'" "H1'"  sing N N 71  
DC  N1    C2     sing N N 72  
DC  N1    C6     sing N N 73  
DC  C2    O2     doub N N 74  
DC  C2    N3     sing N N 75  
DC  N3    C4     doub N N 76  
DC  C4    N4     sing N N 77  
DC  C4    C5     sing N N 78  
DC  N4    H41    sing N N 79  
DC  N4    H42    sing N N 80  
DC  C5    C6     doub N N 81  
DC  C5    H5     sing N N 82  
DC  C6    H6     sing N N 83  
DG  OP3   P      sing N N 84  
DG  OP3   HOP3   sing N N 85  
DG  P     OP1    doub N N 86  
DG  P     OP2    sing N N 87  
DG  P     "O5'"  sing N N 88  
DG  OP2   HOP2   sing N N 89  
DG  "O5'" "C5'"  sing N N 90  
DG  "C5'" "C4'"  sing N N 91  
DG  "C5'" "H5'"  sing N N 92  
DG  "C5'" "H5''" sing N N 93  
DG  "C4'" "O4'"  sing N N 94  
DG  "C4'" "C3'"  sing N N 95  
DG  "C4'" "H4'"  sing N N 96  
DG  "O4'" "C1'"  sing N N 97  
DG  "C3'" "O3'"  sing N N 98  
DG  "C3'" "C2'"  sing N N 99  
DG  "C3'" "H3'"  sing N N 100 
DG  "O3'" "HO3'" sing N N 101 
DG  "C2'" "C1'"  sing N N 102 
DG  "C2'" "H2'"  sing N N 103 
DG  "C2'" "H2''" sing N N 104 
DG  "C1'" N9     sing N N 105 
DG  "C1'" "H1'"  sing N N 106 
DG  N9    C8     sing Y N 107 
DG  N9    C4     sing Y N 108 
DG  C8    N7     doub Y N 109 
DG  C8    H8     sing N N 110 
DG  N7    C5     sing Y N 111 
DG  C5    C6     sing N N 112 
DG  C5    C4     doub Y N 113 
DG  C6    O6     doub N N 114 
DG  C6    N1     sing N N 115 
DG  N1    C2     sing N N 116 
DG  N1    H1     sing N N 117 
DG  C2    N2     sing N N 118 
DG  C2    N3     doub N N 119 
DG  N2    H21    sing N N 120 
DG  N2    H22    sing N N 121 
DG  N3    C4     sing N N 122 
DT  OP3   P      sing N N 123 
DT  OP3   HOP3   sing N N 124 
DT  P     OP1    doub N N 125 
DT  P     OP2    sing N N 126 
DT  P     "O5'"  sing N N 127 
DT  OP2   HOP2   sing N N 128 
DT  "O5'" "C5'"  sing N N 129 
DT  "C5'" "C4'"  sing N N 130 
DT  "C5'" "H5'"  sing N N 131 
DT  "C5'" "H5''" sing N N 132 
DT  "C4'" "O4'"  sing N N 133 
DT  "C4'" "C3'"  sing N N 134 
DT  "C4'" "H4'"  sing N N 135 
DT  "O4'" "C1'"  sing N N 136 
DT  "C3'" "O3'"  sing N N 137 
DT  "C3'" "C2'"  sing N N 138 
DT  "C3'" "H3'"  sing N N 139 
DT  "O3'" "HO3'" sing N N 140 
DT  "C2'" "C1'"  sing N N 141 
DT  "C2'" "H2'"  sing N N 142 
DT  "C2'" "H2''" sing N N 143 
DT  "C1'" N1     sing N N 144 
DT  "C1'" "H1'"  sing N N 145 
DT  N1    C2     sing N N 146 
DT  N1    C6     sing N N 147 
DT  C2    O2     doub N N 148 
DT  C2    N3     sing N N 149 
DT  N3    C4     sing N N 150 
DT  N3    H3     sing N N 151 
DT  C4    O4     doub N N 152 
DT  C4    C5     sing N N 153 
DT  C5    C7     sing N N 154 
DT  C5    C6     doub N N 155 
DT  C7    H71    sing N N 156 
DT  C7    H72    sing N N 157 
DT  C7    H73    sing N N 158 
DT  C6    H6     sing N N 159 
# 
loop_
_ndb_struct_conf_na.entry_id 
_ndb_struct_conf_na.feature 
6XNA 'double helix'        
6XNA 'a-form double helix' 
6XNA 'b-form double helix' 
# 
loop_
_ndb_struct_na_base_pair.model_number 
_ndb_struct_na_base_pair.i_label_asym_id 
_ndb_struct_na_base_pair.i_label_comp_id 
_ndb_struct_na_base_pair.i_label_seq_id 
_ndb_struct_na_base_pair.i_symmetry 
_ndb_struct_na_base_pair.j_label_asym_id 
_ndb_struct_na_base_pair.j_label_comp_id 
_ndb_struct_na_base_pair.j_label_seq_id 
_ndb_struct_na_base_pair.j_symmetry 
_ndb_struct_na_base_pair.shear 
_ndb_struct_na_base_pair.stretch 
_ndb_struct_na_base_pair.stagger 
_ndb_struct_na_base_pair.buckle 
_ndb_struct_na_base_pair.propeller 
_ndb_struct_na_base_pair.opening 
_ndb_struct_na_base_pair.pair_number 
_ndb_struct_na_base_pair.pair_name 
_ndb_struct_na_base_pair.i_auth_asym_id 
_ndb_struct_na_base_pair.i_auth_seq_id 
_ndb_struct_na_base_pair.i_PDB_ins_code 
_ndb_struct_na_base_pair.j_auth_asym_id 
_ndb_struct_na_base_pair.j_auth_seq_id 
_ndb_struct_na_base_pair.j_PDB_ins_code 
_ndb_struct_na_base_pair.hbond_type_28 
_ndb_struct_na_base_pair.hbond_type_12 
1 A DG 3  1_555 D DC 15 1_555 1.128  0.306  1.060  6.324  -14.677 -13.355 1  A_DG3:DC16_D A 3  ? D 16 ? ?  1 
1 A DC 4  1_555 D DG 14 1_555 -0.896 0.671  0.864  1.436  -12.947 2.563   2  A_DC4:DG15_D A 4  ? D 15 ? ?  1 
1 A DG 6  1_555 D DC 12 1_555 0.695  -0.036 0.044  -3.183 -10.395 -8.335  3  A_DG6:DC13_D A 6  ? D 13 ? 19 1 
1 A DA 7  1_555 D DT 11 1_555 0.150  -0.054 0.493  6.886  -4.235  -16.874 4  A_DA7:DT12_D A 7  ? D 12 ? 20 1 
1 A DC 8  1_555 D DG 10 1_555 0.460  -0.475 0.233  4.386  -6.940  -3.505  5  A_DC8:DG11_D A 8  ? D 11 ? 19 1 
1 A DC 9  1_555 D DG 9  1_555 -0.201 -0.080 -0.005 4.074  -6.791  -1.877  6  A_DC9:DG10_D A 9  ? D 10 ? 19 1 
1 A DT 10 1_555 C DA 3  1_555 -1.017 0.448  0.464  1.025  -3.247  13.679  7  A_DT10:DA2_C A 10 ? C 2  ? ?  ? 
1 A DG 11 1_555 C DC 2  1_555 0.568  0.164  0.459  10.286 -1.761  6.484   8  A_DG11:DC1_C A 11 ? C 1  ? 19 1 
1 A DA 12 1_555 C DT 1  1_555 1.189  0.198  0.543  7.092  -8.302  -6.807  9  A_DA12:DT0_C A 12 ? C 0  ? 20 1 
1 B DC 1  1_555 C DG 6  1_555 0.282  -0.475 0.935  -1.018 -10.935 -8.832  10 B_DC12:DG5_C B 12 ? C 5  ? 19 1 
1 B DG 2  1_555 C DC 5  1_555 -0.217 -0.136 0.210  -1.666 -6.089  -8.582  11 B_DG13:DC4_C B 13 ? C 4  ? 19 1 
1 B DG 3  1_555 C DC 4  1_555 0.681  -0.022 0.048  2.016  -8.427  -3.764  12 B_DG14:DC3_C B 14 ? C 3  ? 19 1 
1 B DA 4  1_555 D DT 8  1_555 0.215  0.519  0.689  13.310 -7.964  3.508   13 B_DA15:DT9_D B 15 ? D 9  ? 20 1 
1 B DA 5  1_555 D DT 7  1_555 -0.538 -0.100 0.534  13.227 -16.415 2.195   14 B_DA16:DT8_D B 16 ? D 8  ? 20 1 
1 B DC 6  1_555 D DG 6  1_555 -0.025 -0.268 0.003  4.799  -14.353 0.319   15 B_DC17:DG7_D B 17 ? D 7  ? 19 1 
1 B DT 7  1_555 D DA 5  1_555 -0.392 -0.182 -0.304 3.615  -13.614 4.741   16 B_DT18:DA6_D B 18 ? D 6  ? 20 1 
1 B DC 8  1_555 D DG 4  1_555 0.081  -0.262 -0.396 3.567  -15.951 2.573   17 B_DC19:DG5_D B 19 ? D 5  ? 19 1 
1 B DA 9  1_555 D DT 3  1_555 -0.771 0.032  0.209  -0.202 -23.523 -1.007  18 B_DA20:DT4_D B 20 ? D 4  ? 20 1 
# 
loop_
_ndb_struct_na_base_pair_step.model_number 
_ndb_struct_na_base_pair_step.i_label_asym_id_1 
_ndb_struct_na_base_pair_step.i_label_comp_id_1 
_ndb_struct_na_base_pair_step.i_label_seq_id_1 
_ndb_struct_na_base_pair_step.i_symmetry_1 
_ndb_struct_na_base_pair_step.j_label_asym_id_1 
_ndb_struct_na_base_pair_step.j_label_comp_id_1 
_ndb_struct_na_base_pair_step.j_label_seq_id_1 
_ndb_struct_na_base_pair_step.j_symmetry_1 
_ndb_struct_na_base_pair_step.i_label_asym_id_2 
_ndb_struct_na_base_pair_step.i_label_comp_id_2 
_ndb_struct_na_base_pair_step.i_label_seq_id_2 
_ndb_struct_na_base_pair_step.i_symmetry_2 
_ndb_struct_na_base_pair_step.j_label_asym_id_2 
_ndb_struct_na_base_pair_step.j_label_comp_id_2 
_ndb_struct_na_base_pair_step.j_label_seq_id_2 
_ndb_struct_na_base_pair_step.j_symmetry_2 
_ndb_struct_na_base_pair_step.shift 
_ndb_struct_na_base_pair_step.slide 
_ndb_struct_na_base_pair_step.rise 
_ndb_struct_na_base_pair_step.tilt 
_ndb_struct_na_base_pair_step.roll 
_ndb_struct_na_base_pair_step.twist 
_ndb_struct_na_base_pair_step.x_displacement 
_ndb_struct_na_base_pair_step.y_displacement 
_ndb_struct_na_base_pair_step.helical_rise 
_ndb_struct_na_base_pair_step.inclination 
_ndb_struct_na_base_pair_step.tip 
_ndb_struct_na_base_pair_step.helical_twist 
_ndb_struct_na_base_pair_step.step_number 
_ndb_struct_na_base_pair_step.step_name 
_ndb_struct_na_base_pair_step.i_auth_asym_id_1 
_ndb_struct_na_base_pair_step.i_auth_seq_id_1 
_ndb_struct_na_base_pair_step.i_PDB_ins_code_1 
_ndb_struct_na_base_pair_step.j_auth_asym_id_1 
_ndb_struct_na_base_pair_step.j_auth_seq_id_1 
_ndb_struct_na_base_pair_step.j_PDB_ins_code_1 
_ndb_struct_na_base_pair_step.i_auth_asym_id_2 
_ndb_struct_na_base_pair_step.i_auth_seq_id_2 
_ndb_struct_na_base_pair_step.i_PDB_ins_code_2 
_ndb_struct_na_base_pair_step.j_auth_asym_id_2 
_ndb_struct_na_base_pair_step.j_auth_seq_id_2 
_ndb_struct_na_base_pair_step.j_PDB_ins_code_2 
1 A DG 3  1_555 D DC 15 1_555 A DC 4  1_555 D DG 14 1_555 0.803  -0.870 3.313 3.484  0.604  28.306 -1.906 -0.817 3.366 1.228  
-7.089 28.522 1  AA_DG3DC4:DG15DC16_DD A 3  ? D 16 ? A 4  ? D 15 ? 
1 A DC 4  1_555 D DG 14 1_555 A DG 6  1_555 D DC 12 1_555 -0.781 -0.259 6.929 -1.147 2.480  71.020 -0.403 0.588  6.928 2.134  
0.987  71.066 2  AA_DC4DG6:DC13DG15_DD A 4  ? D 15 ? A 6  ? D 13 ? 
1 A DG 6  1_555 D DC 12 1_555 A DA 7  1_555 D DT 11 1_555 -0.264 -0.715 2.830 -3.518 -0.729 33.514 -1.130 -0.044 2.856 -1.260 
6.078  33.700 3  AA_DG6DA7:DT12DC13_DD A 6  ? D 13 ? A 7  ? D 12 ? 
1 A DA 7  1_555 D DT 11 1_555 A DC 8  1_555 D DG 10 1_555 0.820  -1.709 3.405 -0.904 0.435  32.673 -3.115 -1.619 3.359 0.773  
1.606  32.688 4  AA_DA7DC8:DG11DT12_DD A 7  ? D 12 ? A 8  ? D 11 ? 
1 A DC 8  1_555 D DG 10 1_555 A DC 9  1_555 D DG 9  1_555 -0.434 -1.718 3.330 -0.697 0.630  29.267 -3.536 0.707  3.303 1.246  
1.379  29.281 5  AA_DC8DC9:DG10DG11_DD A 8  ? D 11 ? A 9  ? D 10 ? 
1 A DC 9  1_555 D DG 9  1_555 A DT 10 1_555 C DA 3  1_555 -0.359 -2.024 3.383 -3.313 0.340  21.889 -5.404 -0.371 3.368 0.888  
8.660  22.138 6  AA_DC9DT10:DA2DG10_CD A 9  ? D 10 ? A 10 ? C 2  ? 
1 A DT 10 1_555 C DA 3  1_555 A DG 11 1_555 C DC 2  1_555 -0.396 0.987  3.312 0.042  3.566  35.923 1.074  0.646  3.391 5.764  
-0.068 36.094 7  AA_DT10DG11:DC1DA2_CC A 10 ? C 2  ? A 11 ? C 1  ? 
1 A DG 11 1_555 C DC 2  1_555 A DA 12 1_555 C DT 1  1_555 -0.624 0.325  3.383 -1.135 4.494  41.852 -0.031 0.746  3.413 6.267  
1.583  42.096 8  AA_DG11DA12:DT0DC1_CC A 11 ? C 1  ? A 12 ? C 0  ? 
1 B DC 1  1_555 C DG 6  1_555 B DG 2  1_555 C DC 5  1_555 -0.431 -0.443 3.393 3.172  0.093  28.916 -0.903 1.574  3.326 0.185  
-6.327 29.086 9  BB_DC12DG13:DC4DG5_CC B 12 ? C 5  ? B 13 ? C 4  ? 
1 B DG 2  1_555 C DC 5  1_555 B DG 3  1_555 C DC 4  1_555 0.240  -0.524 3.382 -2.534 2.842  38.852 -1.136 -0.672 3.315 4.260  
3.798  39.031 10 BB_DG13DG14:DC3DC4_CC B 13 ? C 4  ? B 14 ? C 3  ? 
1 B DG 3  1_555 C DC 4  1_555 B DA 4  1_555 D DT 8  1_555 -0.845 -0.685 2.752 -6.222 -1.632 27.484 -1.073 0.463  2.904 -3.377 
12.873 28.212 11 BB_DG14DA15:DT9DC3_DC B 14 ? C 3  ? B 15 ? D 9  ? 
1 B DA 4  1_555 D DT 8  1_555 B DA 5  1_555 D DT 7  1_555 -0.164 -0.629 3.109 -1.035 -0.313 32.827 -1.061 0.121  3.119 -0.554 
1.831  32.844 12 BB_DA15DA16:DT8DT9_DD B 15 ? D 9  ? B 16 ? D 8  ? 
1 B DA 5  1_555 D DT 7  1_555 B DC 6  1_555 D DG 6  1_555 0.212  -0.760 3.447 1.013  -1.874 37.474 -0.921 -0.190 3.484 -2.914 
-1.576 37.532 13 BB_DA16DC17:DG7DT8_DD B 16 ? D 8  ? B 17 ? D 7  ? 
1 B DC 6  1_555 D DG 6  1_555 B DT 7  1_555 D DA 5  1_555 -0.057 -0.575 3.304 4.647  1.008  36.114 -1.061 0.742  3.255 1.618  
-7.456 36.415 14 BB_DC17DT18:DA6DG7_DD B 17 ? D 7  ? B 18 ? D 6  ? 
1 B DT 7  1_555 D DA 5  1_555 B DC 8  1_555 D DG 4  1_555 0.903  1.951  3.319 5.695  -2.941 40.332 3.126  -0.660 3.267 -4.233 
-8.197 40.817 15 BB_DT18DC19:DG5DA6_DD B 18 ? D 6  ? B 19 ? D 5  ? 
1 B DC 8  1_555 D DG 4  1_555 B DA 9  1_555 D DT 3  1_555 0.049  0.747  3.637 -2.617 3.096  29.115 0.726  -0.728 3.676 6.120  
5.173  29.390 16 BB_DC19DA20:DT4DG5_DD B 19 ? D 5  ? B 20 ? D 4  ? 
# 
loop_
_pdbx_audit_support.funding_organization 
_pdbx_audit_support.country 
_pdbx_audit_support.grant_number 
_pdbx_audit_support.ordinal 
'National Science Foundation (NSF, United States)'                                         'United States' 1360635     1 
'National Institutes of Health/National Institute of General Medical Sciences (NIH/NIGMS)' 'United States' R01GM104960 2 
'National Science Foundation (NSF, United States)'                                         'United States' NSF2004250  3 
# 
_pdbx_entity_nonpoly.entity_id   5 
_pdbx_entity_nonpoly.name        'CACODYLATE ION' 
_pdbx_entity_nonpoly.comp_id     CAC 
# 
_pdbx_initial_refinement_model.id               1 
_pdbx_initial_refinement_model.entity_id_list   ? 
_pdbx_initial_refinement_model.type             'experimental model' 
_pdbx_initial_refinement_model.source_name      PDB 
_pdbx_initial_refinement_model.accession_code   5VY6 
_pdbx_initial_refinement_model.details          ? 
# 
_pdbx_struct_assembly_auth_evidence.id                     1 
_pdbx_struct_assembly_auth_evidence.assembly_id            1 
_pdbx_struct_assembly_auth_evidence.experimental_support   none 
_pdbx_struct_assembly_auth_evidence.details                ? 
# 
